data_8VSX
#
_entry.id   8VSX
#
_entity_poly.entity_id   1
_entity_poly.type   'polypeptide(L)'
_entity_poly.pdbx_seq_one_letter_code
;(MYR)GDSSSMSATELSACKCHQWYAKFMTECPSGQLTFYEFKKFFGLKNLSEKSNAYVNTMFKTFDIDDDGCIDFMEYV
AALSLVLKGGVQQKLRWYFKLFDMDGSGCIDKDELLLIFKAVQAINGAEPEISAEDLADIVFNKIDVNGDGELSLEEFME
GISADEKISEMLTQSLDLTRIVSNIYNDSYIEQEAEIIEDQA
;
_entity_poly.pdbx_strand_id   A
#
# COMPACT_ATOMS: atom_id res chain seq x y z
N GLY A 2 -13.16 3.46 12.61
CA GLY A 2 -12.80 2.18 13.20
C GLY A 2 -13.52 1.97 14.53
N ASP A 3 -13.21 0.85 15.18
CA ASP A 3 -13.85 0.53 16.46
C ASP A 3 -15.17 1.28 16.62
N SER A 4 -15.34 1.93 17.77
CA SER A 4 -16.57 2.67 18.04
C SER A 4 -17.76 1.73 18.11
N SER A 5 -18.97 2.30 18.14
CA SER A 5 -20.18 1.50 18.21
C SER A 5 -21.23 2.02 17.23
N SER A 6 -20.78 2.64 16.15
CA SER A 6 -21.71 3.19 15.17
C SER A 6 -21.47 2.58 13.79
N MET A 7 -22.56 2.21 13.12
CA MET A 7 -22.49 1.60 11.79
C MET A 7 -21.28 0.69 11.68
N SER A 8 -20.96 0.29 10.45
CA SER A 8 -19.82 -0.60 10.22
C SER A 8 -18.88 -0.01 9.17
N ALA A 9 -17.59 -0.25 9.35
CA ALA A 9 -16.59 0.25 8.40
C ALA A 9 -16.81 -0.33 7.01
N THR A 10 -17.17 -1.61 6.96
CA THR A 10 -17.41 -2.27 5.68
C THR A 10 -18.63 -1.69 5.00
N GLU A 11 -19.59 -1.23 5.79
CA GLU A 11 -20.79 -0.62 5.25
C GLU A 11 -20.46 0.63 4.44
N LEU A 12 -19.55 1.44 4.97
CA LEU A 12 -19.13 2.66 4.27
C LEU A 12 -18.41 2.30 2.98
N SER A 13 -17.63 1.23 3.04
CA SER A 13 -16.87 0.76 1.88
C SER A 13 -17.80 0.42 0.73
N ALA A 14 -18.94 -0.18 1.04
CA ALA A 14 -19.90 -0.57 0.01
C ALA A 14 -20.34 0.64 -0.81
N CYS A 15 -20.55 1.76 -0.15
CA CYS A 15 -20.96 2.98 -0.86
C CYS A 15 -19.78 3.56 -1.61
N LYS A 16 -18.76 3.94 -0.86
CA LYS A 16 -17.53 4.51 -1.41
C LYS A 16 -17.78 5.39 -2.64
N CYS A 17 -17.40 6.65 -2.52
CA CYS A 17 -17.57 7.59 -3.63
C CYS A 17 -16.23 8.21 -4.02
N HIS A 18 -15.57 8.83 -3.05
CA HIS A 18 -14.28 9.48 -3.28
C HIS A 18 -14.11 10.65 -2.32
N GLN A 19 -15.21 11.33 -2.06
CA GLN A 19 -15.22 12.48 -1.16
C GLN A 19 -15.09 12.05 0.29
N TRP A 20 -15.20 10.74 0.54
CA TRP A 20 -15.13 10.24 1.90
C TRP A 20 -13.94 10.83 2.62
N TYR A 21 -12.76 10.75 2.02
CA TYR A 21 -11.56 11.28 2.65
C TYR A 21 -11.73 12.77 2.96
N ALA A 22 -12.49 13.46 2.12
CA ALA A 22 -12.72 14.88 2.34
C ALA A 22 -13.38 15.05 3.71
N LYS A 23 -14.28 14.13 4.03
CA LYS A 23 -14.95 14.15 5.33
C LYS A 23 -13.92 13.97 6.44
N PHE A 24 -12.92 13.13 6.15
CA PHE A 24 -11.85 12.89 7.11
C PHE A 24 -11.19 14.22 7.49
N MET A 25 -10.55 14.84 6.50
CA MET A 25 -9.87 16.11 6.72
C MET A 25 -10.86 17.16 7.21
N THR A 26 -12.06 17.09 6.66
CA THR A 26 -13.13 18.02 7.03
C THR A 26 -13.49 17.84 8.50
N GLU A 27 -13.52 16.59 8.95
CA GLU A 27 -13.85 16.30 10.33
C GLU A 27 -12.59 16.05 11.16
N CYS A 28 -12.57 16.52 12.40
CA CYS A 28 -11.41 16.34 13.26
C CYS A 28 -10.38 17.43 13.02
N PRO A 29 -9.47 17.61 13.94
CA PRO A 29 -8.40 18.64 13.82
C PRO A 29 -7.39 18.30 12.73
N SER A 30 -7.78 18.54 11.49
CA SER A 30 -6.92 18.25 10.34
C SER A 30 -5.62 19.05 10.42
N GLY A 31 -4.52 18.41 10.00
CA GLY A 31 -3.22 19.05 10.03
C GLY A 31 -2.14 18.06 10.44
N GLN A 32 -2.12 16.90 9.77
CA GLN A 32 -1.15 15.85 10.06
C GLN A 32 -1.77 14.81 10.99
N LEU A 33 -1.63 13.54 10.63
CA LEU A 33 -2.20 12.47 11.45
C LEU A 33 -1.11 11.64 12.10
N THR A 34 -1.17 11.53 13.42
CA THR A 34 -0.18 10.74 14.17
C THR A 34 -0.56 9.26 14.12
N PHE A 35 0.32 8.41 14.63
CA PHE A 35 0.06 6.98 14.63
C PHE A 35 -1.22 6.67 15.40
N TYR A 36 -1.40 7.31 16.56
CA TYR A 36 -2.58 7.06 17.40
C TYR A 36 -3.86 7.50 16.70
N GLU A 37 -3.82 8.65 16.04
CA GLU A 37 -4.99 9.15 15.33
C GLU A 37 -5.24 8.30 14.10
N PHE A 38 -4.14 7.87 13.48
CA PHE A 38 -4.23 7.04 12.28
C PHE A 38 -4.84 5.69 12.64
N LYS A 39 -4.26 5.04 13.65
CA LYS A 39 -4.73 3.74 14.08
C LYS A 39 -6.23 3.72 14.31
N LYS A 40 -6.79 4.78 14.90
CA LYS A 40 -8.24 4.79 15.10
C LYS A 40 -8.96 4.82 13.76
N PHE A 41 -8.51 5.70 12.89
CA PHE A 41 -9.11 5.85 11.57
C PHE A 41 -9.08 4.52 10.79
N PHE A 42 -8.23 3.59 11.21
CA PHE A 42 -8.13 2.29 10.52
C PHE A 42 -8.20 1.11 11.50
N GLY A 43 -8.72 -0.02 11.03
CA GLY A 43 -8.83 -1.22 11.85
C GLY A 43 -7.68 -2.20 11.59
N LEU A 44 -7.67 -3.32 12.31
CA LEU A 44 -6.62 -4.34 12.14
C LEU A 44 -6.64 -5.35 13.29
N LYS A 45 -6.04 -6.51 13.05
CA LYS A 45 -5.95 -7.57 14.06
C LYS A 45 -4.50 -8.05 14.17
N ASN A 46 -3.79 -7.57 15.17
CA ASN A 46 -2.39 -7.94 15.36
C ASN A 46 -2.24 -9.14 16.29
N LEU A 47 -0.99 -9.58 16.48
CA LEU A 47 -0.70 -10.72 17.34
C LEU A 47 0.77 -10.70 17.79
N SER A 48 1.68 -10.70 16.83
CA SER A 48 3.12 -10.70 17.16
C SER A 48 3.93 -9.87 16.14
N GLU A 49 5.03 -10.45 15.66
CA GLU A 49 5.91 -9.76 14.71
C GLU A 49 5.11 -8.97 13.67
N LYS A 50 4.15 -9.62 13.03
CA LYS A 50 3.34 -8.94 12.01
C LYS A 50 2.78 -7.65 12.58
N SER A 51 2.81 -7.56 13.90
CA SER A 51 2.31 -6.36 14.57
C SER A 51 3.15 -5.14 14.17
N ASN A 52 4.46 -5.26 14.32
CA ASN A 52 5.36 -4.17 13.96
C ASN A 52 5.51 -4.09 12.46
N ALA A 53 5.10 -5.14 11.77
CA ALA A 53 5.21 -5.18 10.32
C ALA A 53 3.99 -4.53 9.65
N TYR A 54 2.83 -4.58 10.29
CA TYR A 54 1.65 -3.98 9.69
C TYR A 54 1.61 -2.49 10.01
N VAL A 55 2.31 -2.11 11.06
CA VAL A 55 2.37 -0.69 11.40
C VAL A 55 3.52 -0.06 10.63
N ASN A 56 4.68 -0.69 10.73
CA ASN A 56 5.84 -0.20 10.03
C ASN A 56 5.64 -0.29 8.53
N THR A 57 5.05 -1.37 8.06
CA THR A 57 4.83 -1.52 6.63
C THR A 57 3.85 -0.49 6.11
N MET A 58 2.73 -0.32 6.80
CA MET A 58 1.73 0.64 6.36
C MET A 58 2.22 2.07 6.50
N PHE A 59 2.85 2.37 7.65
CA PHE A 59 3.33 3.72 7.87
C PHE A 59 4.53 3.99 6.99
N LYS A 60 5.36 2.97 6.81
CA LYS A 60 6.56 3.07 6.00
C LYS A 60 6.26 3.38 4.53
N THR A 61 5.20 2.80 3.98
CA THR A 61 4.84 3.07 2.60
C THR A 61 4.26 4.47 2.46
N PHE A 62 3.39 4.83 3.40
CA PHE A 62 2.73 6.13 3.37
C PHE A 62 3.62 7.22 3.98
N ASP A 63 4.74 6.81 4.56
CA ASP A 63 5.65 7.76 5.18
C ASP A 63 6.19 8.72 4.13
N ILE A 64 5.95 8.37 2.86
CA ILE A 64 6.40 9.20 1.74
C ILE A 64 7.63 10.02 2.12
N ASP A 65 8.80 9.44 1.90
CA ASP A 65 10.05 10.14 2.18
C ASP A 65 10.25 10.35 3.69
N ASP A 66 9.43 11.22 4.28
CA ASP A 66 9.55 11.51 5.70
C ASP A 66 8.88 10.42 6.53
N ASP A 67 8.90 10.58 7.85
CA ASP A 67 8.28 9.59 8.73
C ASP A 67 7.98 10.20 10.10
N GLY A 68 7.38 9.39 10.97
CA GLY A 68 7.04 9.84 12.32
C GLY A 68 5.62 10.40 12.37
N CYS A 69 5.05 10.66 11.20
CA CYS A 69 3.69 11.18 11.13
C CYS A 69 3.12 11.00 9.73
N ILE A 70 1.80 11.12 9.59
CA ILE A 70 1.17 10.99 8.29
C ILE A 70 0.70 12.34 7.77
N ASP A 71 1.24 12.74 6.61
CA ASP A 71 0.87 14.00 6.00
C ASP A 71 -0.22 13.78 4.96
N PHE A 72 -1.44 14.18 5.29
CA PHE A 72 -2.56 14.01 4.37
C PHE A 72 -2.31 14.80 3.08
N MET A 73 -2.40 14.12 1.94
CA MET A 73 -2.18 14.76 0.65
C MET A 73 -2.63 13.84 -0.47
N GLU A 74 -2.09 12.61 -0.48
CA GLU A 74 -2.43 11.64 -1.50
C GLU A 74 -3.58 10.74 -1.04
N TYR A 75 -4.09 11.01 0.16
CA TYR A 75 -5.19 10.19 0.68
C TYR A 75 -6.32 10.08 -0.33
N VAL A 76 -6.63 11.19 -1.00
CA VAL A 76 -7.68 11.17 -2.03
C VAL A 76 -7.27 10.25 -3.16
N ALA A 77 -6.01 10.32 -3.55
CA ALA A 77 -5.49 9.48 -4.62
C ALA A 77 -5.64 8.02 -4.22
N ALA A 78 -5.39 7.73 -2.95
CA ALA A 78 -5.50 6.36 -2.45
C ALA A 78 -6.93 5.87 -2.65
N LEU A 79 -7.89 6.75 -2.42
CA LEU A 79 -9.30 6.38 -2.60
C LEU A 79 -9.54 6.08 -4.08
N SER A 80 -8.94 6.90 -4.94
CA SER A 80 -9.05 6.73 -6.38
C SER A 80 -8.35 5.44 -6.80
N LEU A 81 -7.58 4.89 -5.87
CA LEU A 81 -6.82 3.66 -6.13
C LEU A 81 -7.77 2.53 -6.54
N VAL A 82 -8.88 2.40 -5.82
CA VAL A 82 -9.85 1.37 -6.12
C VAL A 82 -11.08 1.95 -6.82
N LEU A 83 -11.45 3.16 -6.44
CA LEU A 83 -12.61 3.83 -7.02
C LEU A 83 -12.46 4.02 -8.52
N LYS A 84 -13.49 3.65 -9.27
CA LYS A 84 -13.47 3.78 -10.73
C LYS A 84 -12.23 3.13 -11.33
N GLY A 85 -11.92 1.94 -10.86
CA GLY A 85 -10.76 1.21 -11.37
C GLY A 85 -9.47 1.99 -11.10
N GLY A 86 -9.22 3.02 -11.92
CA GLY A 86 -8.02 3.82 -11.76
C GLY A 86 -6.77 2.96 -11.96
N VAL A 87 -6.69 2.29 -13.10
CA VAL A 87 -5.55 1.42 -13.38
C VAL A 87 -4.25 2.21 -13.33
N GLN A 88 -4.20 3.33 -14.03
CA GLN A 88 -3.00 4.13 -14.04
C GLN A 88 -2.65 4.58 -12.63
N GLN A 89 -3.67 4.93 -11.85
CA GLN A 89 -3.46 5.38 -10.49
C GLN A 89 -2.84 4.28 -9.62
N LYS A 90 -3.34 3.05 -9.75
CA LYS A 90 -2.78 1.95 -8.95
C LYS A 90 -1.39 1.61 -9.44
N LEU A 91 -1.12 2.02 -10.68
CA LEU A 91 0.20 1.79 -11.25
C LEU A 91 1.20 2.61 -10.46
N ARG A 92 0.95 3.91 -10.42
CA ARG A 92 1.83 4.83 -9.72
C ARG A 92 2.01 4.37 -8.27
N TRP A 93 0.92 4.03 -7.60
CA TRP A 93 1.04 3.56 -6.23
C TRP A 93 1.97 2.35 -6.22
N TYR A 94 1.67 1.39 -7.08
CA TYR A 94 2.47 0.18 -7.12
C TYR A 94 3.94 0.54 -6.93
N PHE A 95 4.51 1.31 -7.86
CA PHE A 95 5.92 1.71 -7.76
C PHE A 95 6.18 2.50 -6.47
N LYS A 96 5.31 3.46 -6.19
CA LYS A 96 5.45 4.29 -4.98
C LYS A 96 5.52 3.41 -3.74
N LEU A 97 4.65 2.40 -3.69
CA LEU A 97 4.63 1.48 -2.57
C LEU A 97 5.34 0.20 -2.99
N PHE A 98 6.52 -0.03 -2.41
CA PHE A 98 7.33 -1.21 -2.74
C PHE A 98 8.81 -0.83 -2.75
N ASP A 99 9.09 0.40 -3.20
CA ASP A 99 10.45 0.90 -3.27
C ASP A 99 10.91 1.45 -1.93
N MET A 100 12.20 1.77 -1.84
CA MET A 100 12.76 2.32 -0.61
C MET A 100 12.08 3.64 -0.24
N ASP A 101 12.05 3.92 1.06
CA ASP A 101 11.42 5.14 1.57
C ASP A 101 11.24 6.19 0.46
N GLY A 102 12.26 7.02 0.25
CA GLY A 102 12.18 8.05 -0.78
C GLY A 102 13.03 7.72 -2.00
N SER A 103 13.65 6.55 -2.01
CA SER A 103 14.49 6.17 -3.13
C SER A 103 13.72 5.26 -4.11
N GLY A 104 13.44 5.80 -5.30
CA GLY A 104 12.71 5.04 -6.31
C GLY A 104 13.58 3.96 -6.92
N CYS A 105 14.90 4.13 -6.82
CA CYS A 105 15.83 3.16 -7.38
C CYS A 105 15.67 1.80 -6.71
N ILE A 106 15.64 0.75 -7.51
CA ILE A 106 15.48 -0.60 -6.99
C ILE A 106 16.85 -1.29 -6.90
N ASP A 107 17.21 -1.74 -5.71
CA ASP A 107 18.49 -2.40 -5.53
C ASP A 107 18.33 -3.91 -5.52
N LYS A 108 17.15 -4.36 -5.91
CA LYS A 108 16.85 -5.79 -5.92
C LYS A 108 16.69 -6.30 -4.49
N ASP A 109 17.80 -6.37 -3.77
CA ASP A 109 17.77 -6.84 -2.38
C ASP A 109 16.92 -5.92 -1.50
N GLU A 110 17.08 -4.60 -1.68
CA GLU A 110 16.32 -3.66 -0.87
C GLU A 110 14.83 -3.71 -1.21
N LEU A 111 14.51 -3.76 -2.50
CA LEU A 111 13.10 -3.82 -2.89
C LEU A 111 12.50 -5.09 -2.34
N LEU A 112 13.16 -6.20 -2.61
CA LEU A 112 12.68 -7.50 -2.17
C LEU A 112 12.16 -7.40 -0.73
N LEU A 113 12.97 -6.86 0.16
CA LEU A 113 12.55 -6.72 1.55
C LEU A 113 11.31 -5.85 1.63
N ILE A 114 11.32 -4.76 0.87
CA ILE A 114 10.19 -3.85 0.91
C ILE A 114 8.93 -4.64 0.51
N PHE A 115 8.97 -5.30 -0.64
CA PHE A 115 7.80 -6.07 -1.09
C PHE A 115 7.35 -7.04 -0.01
N LYS A 116 8.28 -7.53 0.79
CA LYS A 116 7.95 -8.45 1.86
C LYS A 116 7.02 -7.78 2.87
N ALA A 117 7.31 -6.51 3.17
CA ALA A 117 6.47 -5.75 4.10
C ALA A 117 5.05 -5.64 3.55
N VAL A 118 4.96 -5.31 2.27
CA VAL A 118 3.67 -5.19 1.60
C VAL A 118 2.95 -6.52 1.61
N GLN A 119 3.68 -7.59 1.38
CA GLN A 119 3.10 -8.91 1.39
C GLN A 119 2.96 -9.38 2.84
N ALA A 120 3.68 -8.70 3.72
CA ALA A 120 3.64 -8.99 5.14
C ALA A 120 2.38 -8.37 5.75
N ILE A 121 1.70 -7.56 4.94
CA ILE A 121 0.48 -6.89 5.37
C ILE A 121 -0.66 -7.88 5.56
N ASN A 122 -0.36 -9.16 5.44
CA ASN A 122 -1.38 -10.18 5.61
C ASN A 122 -1.11 -11.03 6.85
N GLY A 123 -1.91 -10.84 7.89
CA GLY A 123 -1.74 -11.62 9.12
C GLY A 123 -1.90 -13.10 8.81
N ALA A 124 -2.91 -13.40 7.99
CA ALA A 124 -3.16 -14.78 7.57
C ALA A 124 -2.32 -15.08 6.34
N GLU A 125 -2.07 -16.35 6.08
CA GLU A 125 -1.26 -16.70 4.93
C GLU A 125 -1.97 -16.29 3.64
N PRO A 126 -1.39 -15.41 2.88
CA PRO A 126 -1.97 -14.92 1.59
C PRO A 126 -2.12 -16.05 0.57
N GLU A 127 -3.10 -15.93 -0.32
CA GLU A 127 -3.28 -16.96 -1.32
C GLU A 127 -2.02 -17.03 -2.17
N ILE A 128 -1.50 -15.85 -2.53
CA ILE A 128 -0.27 -15.77 -3.30
C ILE A 128 0.48 -14.49 -2.95
N SER A 129 1.56 -14.62 -2.18
CA SER A 129 2.36 -13.47 -1.79
C SER A 129 3.00 -12.85 -3.02
N ALA A 130 3.23 -11.53 -2.98
CA ALA A 130 3.84 -10.84 -4.10
C ALA A 130 5.35 -11.06 -4.12
N GLU A 131 5.88 -11.51 -3.00
CA GLU A 131 7.32 -11.74 -2.89
C GLU A 131 7.80 -12.68 -3.99
N ASP A 132 7.14 -13.83 -4.13
CA ASP A 132 7.52 -14.79 -5.18
C ASP A 132 7.27 -14.18 -6.55
N LEU A 133 6.17 -13.46 -6.67
CA LEU A 133 5.82 -12.83 -7.94
C LEU A 133 6.92 -11.85 -8.35
N ALA A 134 7.30 -10.98 -7.42
CA ALA A 134 8.33 -9.99 -7.71
C ALA A 134 9.63 -10.67 -8.07
N ASP A 135 9.94 -11.78 -7.41
CA ASP A 135 11.18 -12.50 -7.70
C ASP A 135 11.18 -13.00 -9.14
N ILE A 136 10.08 -13.64 -9.55
CA ILE A 136 10.00 -14.16 -10.91
C ILE A 136 10.06 -13.01 -11.91
N VAL A 137 9.25 -11.98 -11.68
CA VAL A 137 9.21 -10.83 -12.57
C VAL A 137 10.52 -10.04 -12.49
N PHE A 138 11.01 -9.87 -11.27
CA PHE A 138 12.24 -9.12 -11.04
C PHE A 138 13.42 -9.76 -11.77
N ASN A 139 13.54 -11.08 -11.64
CA ASN A 139 14.65 -11.80 -12.28
C ASN A 139 14.60 -11.62 -13.80
N LYS A 140 13.41 -11.72 -14.37
CA LYS A 140 13.25 -11.56 -15.81
C LYS A 140 13.67 -10.16 -16.25
N ILE A 141 13.31 -9.16 -15.45
CA ILE A 141 13.63 -7.78 -15.77
C ILE A 141 15.15 -7.57 -15.86
N ASP A 142 15.88 -8.12 -14.89
CA ASP A 142 17.33 -7.97 -14.87
C ASP A 142 17.98 -9.01 -15.77
N VAL A 143 17.84 -8.82 -17.09
CA VAL A 143 18.42 -9.74 -18.06
C VAL A 143 19.93 -9.58 -18.14
N ASN A 144 20.40 -8.34 -17.95
CA ASN A 144 21.83 -8.06 -18.04
C ASN A 144 22.53 -8.28 -16.69
N GLY A 145 21.76 -8.70 -15.69
CA GLY A 145 22.34 -8.96 -14.37
C GLY A 145 22.82 -7.65 -13.73
N ASP A 146 22.10 -6.57 -14.01
CA ASP A 146 22.47 -5.26 -13.47
C ASP A 146 22.48 -5.28 -11.94
N GLY A 147 21.50 -5.94 -11.35
CA GLY A 147 21.42 -6.02 -9.89
C GLY A 147 20.59 -4.87 -9.34
N GLU A 148 20.21 -3.95 -10.20
CA GLU A 148 19.41 -2.79 -9.79
C GLU A 148 18.45 -2.41 -10.92
N LEU A 149 17.29 -1.89 -10.54
CA LEU A 149 16.29 -1.50 -11.54
C LEU A 149 15.79 -0.08 -11.32
N SER A 150 15.78 0.70 -12.39
CA SER A 150 15.31 2.08 -12.32
C SER A 150 13.79 2.11 -12.31
N LEU A 151 13.23 3.31 -12.13
CA LEU A 151 11.79 3.47 -12.08
C LEU A 151 11.13 2.88 -13.32
N GLU A 152 11.75 3.09 -14.47
CA GLU A 152 11.21 2.59 -15.73
C GLU A 152 11.07 1.08 -15.73
N GLU A 153 12.09 0.37 -15.24
CA GLU A 153 12.05 -1.09 -15.22
C GLU A 153 10.90 -1.58 -14.35
N PHE A 154 10.68 -0.93 -13.22
CA PHE A 154 9.61 -1.34 -12.31
C PHE A 154 8.26 -1.19 -13.02
N MET A 155 8.13 -0.11 -13.79
CA MET A 155 6.88 0.15 -14.51
C MET A 155 6.61 -0.95 -15.53
N GLU A 156 7.65 -1.40 -16.23
CA GLU A 156 7.47 -2.46 -17.21
C GLU A 156 6.98 -3.72 -16.51
N GLY A 157 7.62 -4.02 -15.38
CA GLY A 157 7.27 -5.20 -14.60
C GLY A 157 5.82 -5.11 -14.14
N ILE A 158 5.41 -3.90 -13.77
CA ILE A 158 4.04 -3.69 -13.29
C ILE A 158 3.04 -4.02 -14.41
N SER A 159 3.29 -3.48 -15.59
CA SER A 159 2.43 -3.72 -16.75
C SER A 159 2.50 -5.17 -17.21
N ALA A 160 3.71 -5.72 -17.21
CA ALA A 160 3.92 -7.08 -17.67
C ALA A 160 3.09 -8.08 -16.87
N ASP A 161 2.59 -9.10 -17.57
CA ASP A 161 1.77 -10.14 -16.95
C ASP A 161 0.34 -9.65 -16.72
N GLU A 162 0.23 -8.44 -16.17
CA GLU A 162 -1.08 -7.86 -15.89
C GLU A 162 -1.82 -8.64 -14.81
N LYS A 163 -1.98 -9.94 -15.03
CA LYS A 163 -2.71 -10.78 -14.09
C LYS A 163 -2.14 -10.67 -12.68
N ILE A 164 -0.82 -10.79 -12.53
CA ILE A 164 -0.24 -10.68 -11.20
C ILE A 164 -0.53 -9.29 -10.65
N SER A 165 -0.23 -8.27 -11.45
CA SER A 165 -0.44 -6.89 -11.04
C SER A 165 -1.86 -6.72 -10.53
N GLU A 166 -2.82 -7.36 -11.22
CA GLU A 166 -4.21 -7.26 -10.80
C GLU A 166 -4.38 -7.82 -9.40
N MET A 167 -3.66 -8.90 -9.12
CA MET A 167 -3.71 -9.52 -7.80
C MET A 167 -3.25 -8.52 -6.75
N LEU A 168 -2.15 -7.83 -7.05
CA LEU A 168 -1.63 -6.81 -6.15
C LEU A 168 -2.68 -5.71 -6.00
N THR A 169 -3.38 -5.43 -7.10
CA THR A 169 -4.41 -4.41 -7.09
C THR A 169 -5.49 -4.80 -6.07
N GLN A 170 -5.85 -6.08 -6.10
CA GLN A 170 -6.85 -6.62 -5.20
C GLN A 170 -6.39 -6.49 -3.75
N SER A 171 -5.10 -6.67 -3.53
CA SER A 171 -4.55 -6.53 -2.20
C SER A 171 -4.75 -5.09 -1.75
N LEU A 172 -4.52 -4.17 -2.68
CA LEU A 172 -4.67 -2.75 -2.40
C LEU A 172 -6.14 -2.35 -2.42
N ASP A 173 -6.93 -3.02 -1.59
CA ASP A 173 -8.36 -2.73 -1.51
C ASP A 173 -8.61 -1.53 -0.60
N LEU A 174 -9.83 -1.40 -0.10
CA LEU A 174 -10.15 -0.28 0.77
C LEU A 174 -10.33 -0.75 2.22
N THR A 175 -11.30 -1.64 2.44
CA THR A 175 -11.52 -2.16 3.78
C THR A 175 -10.33 -2.98 4.23
N ARG A 176 -9.78 -3.75 3.31
CA ARG A 176 -8.61 -4.57 3.61
C ARG A 176 -7.42 -3.69 3.93
N ILE A 177 -7.24 -2.63 3.14
CA ILE A 177 -6.14 -1.71 3.36
C ILE A 177 -6.26 -1.04 4.72
N VAL A 178 -7.48 -0.63 5.07
CA VAL A 178 -7.71 0.00 6.37
C VAL A 178 -7.34 -0.96 7.49
N SER A 179 -7.81 -2.20 7.39
CA SER A 179 -7.51 -3.21 8.39
C SER A 179 -6.02 -3.42 8.47
N ASN A 180 -5.39 -3.44 7.30
CA ASN A 180 -3.95 -3.62 7.22
C ASN A 180 -3.21 -2.47 7.90
N ILE A 181 -3.78 -1.27 7.79
CA ILE A 181 -3.16 -0.09 8.38
C ILE A 181 -2.99 -0.21 9.90
N TYR A 182 -4.06 -0.58 10.61
CA TYR A 182 -3.96 -0.72 12.08
C TYR A 182 -5.34 -0.83 12.72
N ASN A 183 -5.38 -1.48 13.88
CA ASN A 183 -6.63 -1.63 14.62
C ASN A 183 -7.14 -0.27 15.10
N GLY A 2 -12.65 2.65 11.73
CA GLY A 2 -13.13 1.48 12.45
C GLY A 2 -13.54 1.85 13.87
N ASP A 3 -14.45 1.06 14.44
CA ASP A 3 -14.92 1.31 15.80
C ASP A 3 -14.94 2.81 16.09
N SER A 4 -14.29 3.21 17.18
CA SER A 4 -14.24 4.63 17.55
C SER A 4 -15.66 5.21 17.63
N SER A 5 -16.47 4.63 18.50
CA SER A 5 -17.85 5.09 18.66
C SER A 5 -18.66 4.86 17.38
N SER A 6 -18.99 3.60 17.14
CA SER A 6 -19.76 3.24 15.94
C SER A 6 -18.90 3.41 14.70
N MET A 7 -19.51 3.92 13.62
CA MET A 7 -18.77 4.11 12.37
C MET A 7 -18.03 2.83 11.99
N SER A 8 -18.76 1.73 11.90
CA SER A 8 -18.16 0.46 11.54
C SER A 8 -17.47 0.54 10.18
N ALA A 9 -16.30 -0.09 10.08
CA ALA A 9 -15.55 -0.07 8.84
C ALA A 9 -16.35 -0.72 7.72
N THR A 10 -17.04 -1.81 8.03
CA THR A 10 -17.83 -2.51 7.04
C THR A 10 -19.03 -1.67 6.62
N GLU A 11 -19.60 -0.94 7.58
CA GLU A 11 -20.74 -0.08 7.30
C GLU A 11 -20.35 1.02 6.32
N LEU A 12 -19.15 1.57 6.53
CA LEU A 12 -18.65 2.64 5.67
C LEU A 12 -18.42 2.11 4.25
N SER A 13 -17.93 0.89 4.18
CA SER A 13 -17.65 0.26 2.88
C SER A 13 -18.92 0.12 2.06
N ALA A 14 -20.02 -0.24 2.71
CA ALA A 14 -21.30 -0.41 2.02
C ALA A 14 -21.74 0.90 1.37
N CYS A 15 -21.54 2.00 2.09
CA CYS A 15 -21.90 3.31 1.59
C CYS A 15 -21.00 3.68 0.43
N LYS A 16 -19.71 3.48 0.64
CA LYS A 16 -18.72 3.74 -0.39
C LYS A 16 -18.97 5.10 -1.05
N CYS A 17 -18.09 6.05 -0.78
CA CYS A 17 -18.22 7.39 -1.35
C CYS A 17 -16.89 8.13 -1.31
N HIS A 18 -16.06 7.88 -2.32
CA HIS A 18 -14.71 8.46 -2.40
C HIS A 18 -14.56 9.79 -1.65
N GLN A 19 -15.64 10.53 -1.51
CA GLN A 19 -15.59 11.81 -0.78
C GLN A 19 -15.22 11.57 0.68
N TRP A 20 -15.31 10.31 1.10
CA TRP A 20 -15.04 9.95 2.48
C TRP A 20 -13.76 10.60 2.98
N TYR A 21 -12.67 10.47 2.23
CA TYR A 21 -11.39 11.04 2.66
C TYR A 21 -11.52 12.53 2.93
N ALA A 22 -12.28 13.21 2.08
CA ALA A 22 -12.45 14.64 2.26
C ALA A 22 -13.11 14.94 3.61
N LYS A 23 -14.09 14.12 3.98
CA LYS A 23 -14.76 14.31 5.25
C LYS A 23 -13.80 13.99 6.39
N PHE A 24 -12.78 13.21 6.07
CA PHE A 24 -11.78 12.84 7.06
C PHE A 24 -10.87 14.03 7.36
N MET A 25 -10.12 14.45 6.35
CA MET A 25 -9.21 15.55 6.51
C MET A 25 -9.95 16.84 6.87
N THR A 26 -11.24 16.90 6.53
CA THR A 26 -12.03 18.08 6.82
C THR A 26 -12.51 18.05 8.27
N GLU A 27 -12.68 16.85 8.81
CA GLU A 27 -13.12 16.70 10.20
C GLU A 27 -12.11 17.34 11.14
N CYS A 28 -10.83 17.12 10.85
CA CYS A 28 -9.76 17.68 11.67
C CYS A 28 -8.89 18.60 10.83
N PRO A 29 -9.16 19.88 10.88
CA PRO A 29 -8.40 20.90 10.10
C PRO A 29 -7.00 21.13 10.67
N SER A 30 -6.19 20.09 10.65
CA SER A 30 -4.82 20.18 11.15
C SER A 30 -3.84 19.58 10.16
N GLY A 31 -4.18 18.41 9.63
CA GLY A 31 -3.32 17.73 8.67
C GLY A 31 -2.33 16.81 9.38
N GLN A 32 -1.65 15.97 8.62
CA GLN A 32 -0.68 15.04 9.21
C GLN A 32 -1.41 13.97 10.01
N LEU A 33 -1.21 12.72 9.64
CA LEU A 33 -1.86 11.62 10.34
C LEU A 33 -0.87 10.87 11.21
N THR A 34 -0.95 11.10 12.50
CA THR A 34 -0.07 10.43 13.44
C THR A 34 -0.57 9.01 13.69
N PHE A 35 0.21 8.20 14.39
CA PHE A 35 -0.21 6.84 14.65
C PHE A 35 -1.56 6.83 15.37
N TYR A 36 -1.73 7.68 16.37
CA TYR A 36 -2.98 7.73 17.11
C TYR A 36 -4.14 8.11 16.20
N GLU A 37 -3.93 9.10 15.33
CA GLU A 37 -4.98 9.50 14.41
C GLU A 37 -5.29 8.33 13.48
N PHE A 38 -4.22 7.63 13.11
CA PHE A 38 -4.33 6.47 12.24
C PHE A 38 -5.11 5.36 12.96
N LYS A 39 -4.89 5.28 14.26
CA LYS A 39 -5.55 4.27 15.09
C LYS A 39 -7.06 4.42 15.06
N LYS A 40 -7.56 5.65 15.09
CA LYS A 40 -9.00 5.84 15.05
C LYS A 40 -9.52 5.50 13.65
N PHE A 41 -8.78 6.00 12.65
CA PHE A 41 -9.15 5.76 11.25
C PHE A 41 -9.03 4.29 10.89
N PHE A 42 -8.02 3.62 11.44
CA PHE A 42 -7.82 2.19 11.18
C PHE A 42 -7.97 1.36 12.44
N GLY A 43 -8.35 0.10 12.28
CA GLY A 43 -8.51 -0.79 13.43
C GLY A 43 -7.15 -1.25 13.94
N LEU A 44 -7.15 -2.17 14.90
CA LEU A 44 -5.91 -2.67 15.49
C LEU A 44 -5.76 -4.18 15.25
N LYS A 45 -4.56 -4.71 15.51
CA LYS A 45 -4.31 -6.13 15.31
C LYS A 45 -3.63 -6.75 16.54
N ASN A 46 -4.02 -7.98 16.86
CA ASN A 46 -3.46 -8.67 18.03
C ASN A 46 -1.93 -8.69 17.98
N LEU A 47 -1.31 -8.64 19.16
CA LEU A 47 0.15 -8.62 19.25
C LEU A 47 0.77 -9.84 18.57
N SER A 48 1.70 -9.58 17.65
CA SER A 48 2.37 -10.64 16.91
C SER A 48 3.42 -10.04 15.97
N GLU A 49 4.34 -10.86 15.48
CA GLU A 49 5.37 -10.32 14.59
C GLU A 49 4.68 -9.49 13.52
N LYS A 50 3.69 -10.06 12.86
CA LYS A 50 2.95 -9.34 11.83
C LYS A 50 2.27 -8.11 12.44
N SER A 51 2.15 -8.11 13.76
CA SER A 51 1.51 -6.98 14.42
C SER A 51 2.36 -5.72 14.20
N ASN A 52 3.64 -5.80 14.54
CA ASN A 52 4.54 -4.66 14.36
C ASN A 52 4.73 -4.38 12.88
N ALA A 53 4.90 -5.44 12.12
CA ALA A 53 5.11 -5.34 10.67
C ALA A 53 3.89 -4.72 9.98
N TYR A 54 2.71 -5.04 10.47
CA TYR A 54 1.48 -4.50 9.89
C TYR A 54 1.29 -3.04 10.27
N VAL A 55 1.92 -2.64 11.37
CA VAL A 55 1.80 -1.25 11.81
C VAL A 55 2.87 -0.41 11.13
N ASN A 56 4.11 -0.89 11.18
CA ASN A 56 5.20 -0.16 10.56
C ASN A 56 5.12 -0.26 9.05
N THR A 57 4.61 -1.38 8.54
CA THR A 57 4.47 -1.55 7.11
C THR A 57 3.37 -0.67 6.56
N MET A 58 2.22 -0.66 7.23
CA MET A 58 1.11 0.14 6.76
C MET A 58 1.41 1.62 6.90
N PHE A 59 2.02 2.00 8.03
CA PHE A 59 2.36 3.39 8.27
C PHE A 59 3.50 3.83 7.36
N LYS A 60 4.48 2.94 7.20
CA LYS A 60 5.64 3.21 6.35
C LYS A 60 5.27 3.13 4.88
N THR A 61 4.10 2.58 4.57
CA THR A 61 3.65 2.46 3.19
C THR A 61 2.96 3.73 2.73
N PHE A 62 2.14 4.31 3.60
CA PHE A 62 1.40 5.52 3.25
C PHE A 62 2.12 6.77 3.76
N ASP A 63 3.19 6.58 4.52
CA ASP A 63 3.96 7.71 5.04
C ASP A 63 4.80 8.34 3.94
N ILE A 64 4.44 9.56 3.56
CA ILE A 64 5.15 10.27 2.50
C ILE A 64 6.61 10.51 2.90
N ASP A 65 6.86 10.68 4.19
CA ASP A 65 8.22 10.93 4.67
C ASP A 65 8.55 10.03 5.85
N ASP A 66 8.86 10.64 7.00
CA ASP A 66 9.21 9.86 8.18
C ASP A 66 8.81 10.63 9.45
N ASP A 67 9.35 10.19 10.58
CA ASP A 67 9.05 10.82 11.86
C ASP A 67 7.78 10.24 12.47
N GLY A 68 7.34 9.11 11.95
CA GLY A 68 6.13 8.46 12.47
C GLY A 68 4.89 9.28 12.16
N CYS A 69 4.94 10.06 11.10
CA CYS A 69 3.80 10.89 10.71
C CYS A 69 3.49 10.73 9.22
N ILE A 70 2.24 10.40 8.92
CA ILE A 70 1.83 10.24 7.52
C ILE A 70 1.22 11.52 6.97
N ASP A 71 1.76 11.99 5.85
CA ASP A 71 1.24 13.20 5.23
C ASP A 71 0.07 12.87 4.30
N PHE A 72 -1.13 13.24 4.71
CA PHE A 72 -2.32 12.96 3.91
C PHE A 72 -2.14 13.48 2.48
N MET A 73 -2.82 12.83 1.55
CA MET A 73 -2.75 13.19 0.13
C MET A 73 -2.89 11.94 -0.73
N GLU A 74 -2.17 10.90 -0.34
CA GLU A 74 -2.21 9.62 -1.04
C GLU A 74 -3.49 8.87 -0.71
N TYR A 75 -4.10 9.23 0.42
CA TYR A 75 -5.31 8.56 0.87
C TYR A 75 -6.45 8.73 -0.14
N VAL A 76 -6.58 9.94 -0.69
CA VAL A 76 -7.63 10.19 -1.66
C VAL A 76 -7.34 9.44 -2.96
N ALA A 77 -6.07 9.43 -3.35
CA ALA A 77 -5.65 8.73 -4.57
C ALA A 77 -5.91 7.24 -4.40
N ALA A 78 -5.85 6.79 -3.15
CA ALA A 78 -6.10 5.39 -2.83
C ALA A 78 -7.57 5.05 -3.12
N LEU A 79 -8.45 5.97 -2.76
CA LEU A 79 -9.88 5.77 -2.96
C LEU A 79 -10.21 5.68 -4.46
N SER A 80 -9.77 6.69 -5.21
CA SER A 80 -9.99 6.72 -6.65
C SER A 80 -9.28 5.54 -7.30
N LEU A 81 -8.11 5.23 -6.79
CA LEU A 81 -7.28 4.17 -7.33
C LEU A 81 -8.12 2.93 -7.64
N VAL A 82 -9.03 2.57 -6.75
CA VAL A 82 -9.88 1.42 -6.99
C VAL A 82 -11.26 1.85 -7.49
N LEU A 83 -11.91 2.73 -6.73
CA LEU A 83 -13.23 3.21 -7.09
C LEU A 83 -13.22 3.99 -8.41
N LYS A 84 -12.24 4.88 -8.56
CA LYS A 84 -12.14 5.69 -9.77
C LYS A 84 -10.75 5.58 -10.39
N GLY A 85 -10.28 6.69 -10.95
CA GLY A 85 -8.95 6.72 -11.58
C GLY A 85 -8.86 5.68 -12.68
N GLY A 86 -7.81 4.88 -12.65
CA GLY A 86 -7.60 3.85 -13.65
C GLY A 86 -6.42 2.96 -13.27
N VAL A 87 -6.11 2.01 -14.14
CA VAL A 87 -4.99 1.10 -13.88
C VAL A 87 -3.70 1.90 -13.74
N GLN A 88 -3.67 3.07 -14.37
CA GLN A 88 -2.50 3.93 -14.33
C GLN A 88 -2.18 4.35 -12.90
N GLN A 89 -3.22 4.67 -12.12
CA GLN A 89 -3.01 5.08 -10.74
C GLN A 89 -2.44 3.94 -9.90
N LYS A 90 -2.95 2.74 -10.10
CA LYS A 90 -2.48 1.57 -9.36
C LYS A 90 -1.06 1.25 -9.78
N LEU A 91 -0.70 1.76 -10.95
CA LEU A 91 0.63 1.55 -11.49
C LEU A 91 1.63 2.38 -10.68
N ARG A 92 1.40 3.67 -10.62
CA ARG A 92 2.31 4.54 -9.92
C ARG A 92 2.52 4.04 -8.49
N TRP A 93 1.48 3.62 -7.80
CA TRP A 93 1.69 3.10 -6.46
C TRP A 93 2.64 1.91 -6.59
N TYR A 94 2.35 1.06 -7.55
CA TYR A 94 3.18 -0.14 -7.74
C TYR A 94 4.65 0.25 -7.52
N PHE A 95 5.18 1.13 -8.36
CA PHE A 95 6.58 1.54 -8.23
C PHE A 95 6.87 2.20 -6.88
N LYS A 96 6.00 3.14 -6.49
CA LYS A 96 6.19 3.86 -5.23
C LYS A 96 6.19 2.90 -4.04
N LEU A 97 5.23 1.98 -4.04
CA LEU A 97 5.11 1.00 -2.97
C LEU A 97 6.34 0.11 -2.91
N PHE A 98 6.85 -0.27 -4.08
CA PHE A 98 8.02 -1.14 -4.13
C PHE A 98 9.28 -0.34 -4.43
N ASP A 99 9.65 0.55 -3.52
CA ASP A 99 10.84 1.36 -3.69
C ASP A 99 11.31 1.92 -2.35
N MET A 100 12.48 2.53 -2.33
CA MET A 100 13.01 3.11 -1.10
C MET A 100 14.40 3.67 -1.33
N ASP A 101 14.48 4.96 -1.66
CA ASP A 101 15.76 5.61 -1.91
C ASP A 101 15.52 7.02 -2.45
N GLY A 102 14.46 7.18 -3.22
CA GLY A 102 14.13 8.48 -3.80
C GLY A 102 14.78 8.65 -5.17
N SER A 103 15.67 7.72 -5.51
CA SER A 103 16.36 7.78 -6.79
C SER A 103 15.56 7.00 -7.85
N GLY A 104 14.57 6.25 -7.41
CA GLY A 104 13.74 5.48 -8.33
C GLY A 104 14.49 4.24 -8.82
N CYS A 105 15.60 3.91 -8.15
CA CYS A 105 16.39 2.76 -8.55
C CYS A 105 15.96 1.50 -7.78
N ILE A 106 16.24 0.34 -8.38
CA ILE A 106 15.90 -0.93 -7.76
C ILE A 106 17.15 -1.81 -7.69
N ASP A 107 17.45 -2.33 -6.50
CA ASP A 107 18.64 -3.18 -6.35
C ASP A 107 18.29 -4.54 -5.76
N LYS A 108 17.00 -4.84 -5.69
CA LYS A 108 16.55 -6.12 -5.14
C LYS A 108 16.84 -6.22 -3.65
N ASP A 109 18.02 -5.78 -3.23
CA ASP A 109 18.38 -5.85 -1.81
C ASP A 109 17.41 -5.04 -0.97
N GLU A 110 17.06 -3.85 -1.45
CA GLU A 110 16.12 -2.99 -0.74
C GLU A 110 14.69 -3.31 -1.15
N LEU A 111 14.51 -3.50 -2.46
CA LEU A 111 13.20 -3.80 -3.02
C LEU A 111 12.59 -5.05 -2.38
N LEU A 112 13.43 -5.95 -1.91
CA LEU A 112 12.92 -7.16 -1.27
C LEU A 112 12.32 -6.83 0.07
N LEU A 113 13.07 -6.12 0.91
CA LEU A 113 12.58 -5.77 2.23
C LEU A 113 11.32 -4.93 2.10
N ILE A 114 11.31 -4.04 1.12
CA ILE A 114 10.14 -3.21 0.90
C ILE A 114 8.99 -4.11 0.47
N PHE A 115 9.16 -4.78 -0.67
CA PHE A 115 8.12 -5.67 -1.18
C PHE A 115 7.62 -6.59 -0.06
N LYS A 116 8.55 -7.05 0.78
CA LYS A 116 8.21 -7.96 1.86
C LYS A 116 7.14 -7.36 2.77
N ALA A 117 7.29 -6.09 3.13
CA ALA A 117 6.29 -5.46 3.98
C ALA A 117 4.94 -5.46 3.28
N VAL A 118 4.95 -5.07 2.01
CA VAL A 118 3.72 -5.03 1.23
C VAL A 118 3.15 -6.43 1.07
N GLN A 119 3.99 -7.40 0.73
CA GLN A 119 3.52 -8.78 0.58
C GLN A 119 3.23 -9.36 1.96
N ALA A 120 3.86 -8.78 2.97
CA ALA A 120 3.67 -9.23 4.35
C ALA A 120 2.21 -9.03 4.75
N ILE A 121 1.55 -8.08 4.10
CA ILE A 121 0.16 -7.78 4.41
C ILE A 121 -0.79 -8.89 3.95
N ASN A 122 -0.26 -9.88 3.21
CA ASN A 122 -1.10 -10.96 2.72
C ASN A 122 -2.22 -10.39 1.85
N GLY A 123 -3.22 -9.80 2.49
CA GLY A 123 -4.34 -9.21 1.76
C GLY A 123 -5.14 -10.27 1.02
N ALA A 124 -4.60 -10.73 -0.10
CA ALA A 124 -5.26 -11.75 -0.91
C ALA A 124 -5.33 -13.06 -0.13
N GLU A 125 -6.19 -13.96 -0.58
CA GLU A 125 -6.32 -15.25 0.09
C GLU A 125 -4.98 -15.97 0.09
N PRO A 126 -4.76 -16.84 1.04
CA PRO A 126 -3.48 -17.59 1.15
C PRO A 126 -3.12 -18.30 -0.14
N GLU A 127 -1.85 -18.19 -0.51
CA GLU A 127 -1.34 -18.81 -1.74
C GLU A 127 0.10 -18.38 -1.98
N ILE A 128 0.27 -17.36 -2.81
CA ILE A 128 1.61 -16.87 -3.11
C ILE A 128 1.73 -15.37 -2.83
N SER A 129 2.66 -15.02 -1.94
CA SER A 129 2.88 -13.63 -1.57
C SER A 129 3.52 -12.87 -2.73
N ALA A 130 3.63 -11.56 -2.57
CA ALA A 130 4.24 -10.71 -3.59
C ALA A 130 5.73 -10.97 -3.67
N GLU A 131 6.31 -11.36 -2.53
CA GLU A 131 7.74 -11.59 -2.46
C GLU A 131 8.18 -12.59 -3.54
N ASP A 132 7.50 -13.72 -3.63
CA ASP A 132 7.84 -14.72 -4.64
C ASP A 132 7.58 -14.13 -6.02
N LEU A 133 6.51 -13.35 -6.12
CA LEU A 133 6.15 -12.72 -7.38
C LEU A 133 7.25 -11.79 -7.86
N ALA A 134 7.63 -10.84 -7.01
CA ALA A 134 8.68 -9.90 -7.36
C ALA A 134 10.01 -10.62 -7.59
N ASP A 135 10.27 -11.61 -6.74
CA ASP A 135 11.50 -12.38 -6.87
C ASP A 135 11.52 -13.10 -8.22
N ILE A 136 10.41 -13.71 -8.58
CA ILE A 136 10.31 -14.42 -9.85
C ILE A 136 10.44 -13.45 -11.02
N VAL A 137 9.76 -12.32 -10.92
CA VAL A 137 9.78 -11.31 -11.98
C VAL A 137 11.11 -10.55 -11.99
N PHE A 138 11.67 -10.33 -10.81
CA PHE A 138 12.92 -9.59 -10.69
C PHE A 138 14.09 -10.29 -11.38
N ASN A 139 14.19 -11.61 -11.21
CA ASN A 139 15.29 -12.36 -11.80
C ASN A 139 15.34 -12.17 -13.32
N LYS A 140 14.17 -12.06 -13.95
CA LYS A 140 14.13 -11.87 -15.39
C LYS A 140 14.57 -10.45 -15.75
N ILE A 141 14.38 -9.53 -14.80
CA ILE A 141 14.74 -8.13 -15.02
C ILE A 141 16.23 -7.97 -15.26
N ASP A 142 17.04 -8.65 -14.44
CA ASP A 142 18.49 -8.57 -14.58
C ASP A 142 18.99 -9.49 -15.68
N VAL A 143 18.48 -9.29 -16.89
CA VAL A 143 18.89 -10.11 -18.03
C VAL A 143 20.33 -9.81 -18.41
N ASN A 144 20.80 -8.62 -18.05
CA ASN A 144 22.17 -8.22 -18.36
C ASN A 144 23.10 -8.50 -17.19
N GLY A 145 22.54 -9.05 -16.11
CA GLY A 145 23.34 -9.36 -14.92
C GLY A 145 23.67 -8.08 -14.15
N ASP A 146 22.92 -7.02 -14.43
CA ASP A 146 23.14 -5.75 -13.77
C ASP A 146 22.92 -5.87 -12.26
N GLY A 147 21.90 -6.64 -11.87
CA GLY A 147 21.60 -6.81 -10.46
C GLY A 147 20.74 -5.66 -9.95
N GLU A 148 20.38 -4.76 -10.86
CA GLU A 148 19.55 -3.62 -10.52
C GLU A 148 18.65 -3.23 -11.68
N LEU A 149 17.58 -2.52 -11.39
CA LEU A 149 16.64 -2.12 -12.44
C LEU A 149 16.23 -0.66 -12.27
N SER A 150 16.19 0.07 -13.38
CA SER A 150 15.81 1.48 -13.35
C SER A 150 14.28 1.62 -13.33
N LEU A 151 13.81 2.86 -13.30
CA LEU A 151 12.38 3.12 -13.25
C LEU A 151 11.69 2.55 -14.49
N GLU A 152 12.31 2.71 -15.64
CA GLU A 152 11.73 2.21 -16.88
C GLU A 152 11.59 0.70 -16.83
N GLU A 153 12.64 0.03 -16.35
CA GLU A 153 12.63 -1.43 -16.25
C GLU A 153 11.51 -1.91 -15.32
N PHE A 154 11.39 -1.25 -14.17
CA PHE A 154 10.36 -1.61 -13.20
C PHE A 154 8.97 -1.37 -13.80
N MET A 155 8.85 -0.27 -14.55
CA MET A 155 7.58 0.07 -15.20
C MET A 155 7.18 -1.04 -16.16
N GLU A 156 8.15 -1.52 -16.93
CA GLU A 156 7.88 -2.60 -17.86
C GLU A 156 7.43 -3.84 -17.08
N GLY A 157 8.11 -4.09 -15.97
CA GLY A 157 7.82 -5.23 -15.12
C GLY A 157 6.37 -5.21 -14.62
N ILE A 158 5.88 -4.04 -14.23
CA ILE A 158 4.51 -3.95 -13.73
C ILE A 158 3.53 -4.28 -14.85
N SER A 159 3.86 -3.84 -16.06
CA SER A 159 3.01 -4.10 -17.21
C SER A 159 2.96 -5.60 -17.51
N ALA A 160 4.11 -6.25 -17.42
CA ALA A 160 4.22 -7.69 -17.68
C ALA A 160 2.85 -8.38 -17.68
N ASP A 161 2.61 -9.20 -16.67
CA ASP A 161 1.34 -9.92 -16.57
C ASP A 161 0.22 -9.01 -16.09
N GLU A 162 -0.95 -9.17 -16.69
CA GLU A 162 -2.10 -8.37 -16.29
C GLU A 162 -2.58 -8.82 -14.91
N LYS A 163 -2.72 -10.14 -14.77
CA LYS A 163 -3.23 -10.72 -13.54
C LYS A 163 -2.42 -10.28 -12.33
N ILE A 164 -1.10 -10.23 -12.45
CA ILE A 164 -0.30 -9.78 -11.31
C ILE A 164 -0.59 -8.30 -11.07
N SER A 165 -0.57 -7.55 -12.16
CA SER A 165 -0.80 -6.11 -12.09
C SER A 165 -2.14 -5.82 -11.41
N GLU A 166 -3.19 -6.51 -11.85
CA GLU A 166 -4.51 -6.28 -11.27
C GLU A 166 -4.51 -6.57 -9.77
N MET A 167 -3.79 -7.61 -9.36
CA MET A 167 -3.73 -7.95 -7.95
C MET A 167 -3.17 -6.78 -7.14
N LEU A 168 -2.18 -6.09 -7.71
CA LEU A 168 -1.58 -4.94 -7.04
C LEU A 168 -2.60 -3.82 -6.86
N THR A 169 -3.43 -3.61 -7.88
CA THR A 169 -4.45 -2.57 -7.80
C THR A 169 -5.49 -2.96 -6.76
N GLN A 170 -5.72 -4.27 -6.65
CA GLN A 170 -6.67 -4.81 -5.70
C GLN A 170 -6.17 -4.56 -4.27
N SER A 171 -4.85 -4.64 -4.10
CA SER A 171 -4.25 -4.44 -2.78
C SER A 171 -4.52 -3.02 -2.27
N LEU A 172 -4.30 -2.03 -3.14
CA LEU A 172 -4.52 -0.64 -2.75
C LEU A 172 -6.01 -0.29 -2.85
N ASP A 173 -6.62 0.03 -1.71
CA ASP A 173 -8.03 0.38 -1.68
C ASP A 173 -8.52 0.53 -0.23
N LEU A 174 -9.74 0.07 0.02
CA LEU A 174 -10.32 0.15 1.36
C LEU A 174 -10.93 -1.18 1.78
N THR A 175 -11.89 -1.14 2.70
CA THR A 175 -12.54 -2.35 3.18
C THR A 175 -11.56 -3.52 3.25
N ARG A 176 -11.38 -4.22 2.14
CA ARG A 176 -10.45 -5.35 2.11
C ARG A 176 -9.05 -4.87 2.44
N ILE A 177 -8.71 -3.69 1.90
CA ILE A 177 -7.40 -3.12 2.14
C ILE A 177 -7.39 -2.54 3.55
N VAL A 178 -8.54 -2.02 4.00
CA VAL A 178 -8.62 -1.48 5.35
C VAL A 178 -8.35 -2.61 6.35
N SER A 179 -8.99 -3.75 6.11
CA SER A 179 -8.81 -4.92 6.96
C SER A 179 -7.36 -5.38 6.89
N ASN A 180 -6.78 -5.25 5.70
CA ASN A 180 -5.40 -5.64 5.48
C ASN A 180 -4.47 -4.88 6.42
N ILE A 181 -4.70 -3.59 6.57
CA ILE A 181 -3.88 -2.78 7.46
C ILE A 181 -3.98 -3.31 8.89
N TYR A 182 -5.21 -3.55 9.34
CA TYR A 182 -5.44 -4.08 10.68
C TYR A 182 -6.54 -5.15 10.65
N ASN A 183 -6.42 -6.14 11.52
CA ASN A 183 -7.41 -7.21 11.57
C ASN A 183 -8.54 -6.84 12.53
N GLY A 2 -11.30 -1.27 12.36
CA GLY A 2 -12.01 -2.52 12.56
C GLY A 2 -13.50 -2.27 12.78
N ASP A 3 -14.05 -2.87 13.82
CA ASP A 3 -15.47 -2.70 14.13
C ASP A 3 -15.69 -1.37 14.86
N SER A 4 -16.93 -1.07 15.17
CA SER A 4 -17.25 0.18 15.87
C SER A 4 -18.60 0.09 16.57
N SER A 5 -18.81 0.98 17.53
CA SER A 5 -20.07 1.01 18.26
C SER A 5 -21.05 1.96 17.58
N SER A 6 -20.55 2.78 16.65
CA SER A 6 -21.39 3.72 15.94
C SER A 6 -21.42 3.43 14.45
N MET A 7 -20.24 3.43 13.82
CA MET A 7 -20.15 3.15 12.39
C MET A 7 -18.79 2.55 12.04
N SER A 8 -18.76 1.76 10.97
CA SER A 8 -17.53 1.12 10.54
C SER A 8 -17.04 1.69 9.22
N ALA A 9 -15.73 1.70 9.03
CA ALA A 9 -15.13 2.22 7.81
C ALA A 9 -15.63 1.42 6.60
N THR A 10 -15.75 0.11 6.77
CA THR A 10 -16.23 -0.74 5.70
C THR A 10 -17.65 -0.35 5.30
N GLU A 11 -18.44 0.07 6.29
CA GLU A 11 -19.81 0.48 6.03
C GLU A 11 -19.83 1.68 5.09
N LEU A 12 -18.98 2.65 5.36
CA LEU A 12 -18.88 3.83 4.52
C LEU A 12 -18.26 3.45 3.18
N SER A 13 -17.43 2.42 3.21
CA SER A 13 -16.77 1.92 2.02
C SER A 13 -17.80 1.47 1.00
N ALA A 14 -18.87 0.84 1.48
CA ALA A 14 -19.92 0.36 0.59
C ALA A 14 -20.51 1.53 -0.20
N CYS A 15 -20.73 2.66 0.47
CA CYS A 15 -21.27 3.83 -0.21
C CYS A 15 -20.23 4.41 -1.14
N LYS A 16 -19.06 4.71 -0.57
CA LYS A 16 -17.93 5.25 -1.32
C LYS A 16 -18.35 6.36 -2.29
N CYS A 17 -17.44 7.29 -2.56
CA CYS A 17 -17.73 8.38 -3.47
C CYS A 17 -16.53 9.31 -3.62
N HIS A 18 -15.35 8.79 -3.32
CA HIS A 18 -14.11 9.57 -3.45
C HIS A 18 -14.06 10.70 -2.42
N GLN A 19 -15.21 11.31 -2.17
CA GLN A 19 -15.31 12.41 -1.22
C GLN A 19 -15.17 11.92 0.21
N TRP A 20 -15.23 10.61 0.41
CA TRP A 20 -15.15 10.06 1.76
C TRP A 20 -13.97 10.64 2.51
N TYR A 21 -12.78 10.61 1.91
CA TYR A 21 -11.60 11.13 2.60
C TYR A 21 -11.79 12.60 2.96
N ALA A 22 -12.46 13.35 2.10
CA ALA A 22 -12.69 14.76 2.37
C ALA A 22 -13.45 14.90 3.69
N LYS A 23 -14.45 14.04 3.88
CA LYS A 23 -15.22 14.05 5.11
C LYS A 23 -14.28 13.71 6.28
N PHE A 24 -13.38 12.78 5.99
CA PHE A 24 -12.40 12.35 6.98
C PHE A 24 -11.58 13.57 7.42
N MET A 25 -10.80 14.11 6.49
CA MET A 25 -9.96 15.26 6.80
C MET A 25 -10.81 16.40 7.36
N THR A 26 -12.11 16.36 7.07
CA THR A 26 -13.02 17.39 7.56
C THR A 26 -13.12 17.32 9.07
N GLU A 27 -13.15 16.10 9.61
CA GLU A 27 -13.23 15.92 11.05
C GLU A 27 -12.03 16.57 11.73
N CYS A 28 -10.86 16.41 11.12
CA CYS A 28 -9.64 16.98 11.68
C CYS A 28 -9.04 17.98 10.68
N PRO A 29 -9.40 19.22 10.79
CA PRO A 29 -8.90 20.30 9.89
C PRO A 29 -7.39 20.51 10.02
N SER A 30 -6.85 20.12 11.16
CA SER A 30 -5.41 20.26 11.40
C SER A 30 -4.63 19.44 10.38
N GLY A 31 -5.10 18.23 10.12
CA GLY A 31 -4.44 17.34 9.17
C GLY A 31 -3.32 16.57 9.84
N GLN A 32 -2.63 15.76 9.06
CA GLN A 32 -1.53 14.95 9.59
C GLN A 32 -2.03 14.08 10.73
N LEU A 33 -1.89 12.77 10.57
CA LEU A 33 -2.35 11.84 11.60
C LEU A 33 -1.17 11.14 12.24
N THR A 34 -1.16 11.09 13.56
CA THR A 34 -0.08 10.43 14.28
C THR A 34 -0.25 8.93 14.20
N PHE A 35 0.73 8.19 14.69
CA PHE A 35 0.64 6.73 14.65
C PHE A 35 -0.60 6.23 15.38
N TYR A 36 -0.83 6.74 16.59
CA TYR A 36 -1.99 6.30 17.36
C TYR A 36 -3.29 6.72 16.66
N GLU A 37 -3.33 7.97 16.19
CA GLU A 37 -4.51 8.47 15.49
C GLU A 37 -4.71 7.71 14.18
N PHE A 38 -3.59 7.44 13.52
CA PHE A 38 -3.63 6.69 12.28
C PHE A 38 -4.15 5.29 12.54
N LYS A 39 -3.57 4.67 13.56
CA LYS A 39 -3.93 3.30 13.93
C LYS A 39 -5.40 3.17 14.29
N LYS A 40 -5.96 4.15 15.01
CA LYS A 40 -7.37 4.08 15.35
C LYS A 40 -8.20 4.41 14.11
N PHE A 41 -7.88 5.53 13.49
CA PHE A 41 -8.62 5.98 12.31
C PHE A 41 -8.52 4.96 11.18
N PHE A 42 -7.36 4.32 11.03
CA PHE A 42 -7.17 3.34 9.96
C PHE A 42 -7.10 1.91 10.50
N GLY A 43 -7.12 1.79 11.82
CA GLY A 43 -7.04 0.46 12.44
C GLY A 43 -5.59 0.04 12.65
N LEU A 44 -5.37 -0.91 13.56
CA LEU A 44 -4.02 -1.40 13.84
C LEU A 44 -3.98 -2.13 15.18
N LYS A 45 -2.90 -2.86 15.42
CA LYS A 45 -2.73 -3.60 16.66
C LYS A 45 -3.29 -5.01 16.55
N ASN A 46 -2.45 -5.95 16.14
CA ASN A 46 -2.87 -7.34 16.01
C ASN A 46 -1.66 -8.28 16.10
N LEU A 47 -1.94 -9.57 16.22
CA LEU A 47 -0.86 -10.56 16.31
C LEU A 47 0.36 -9.98 17.02
N SER A 48 1.52 -10.59 16.78
CA SER A 48 2.76 -10.12 17.39
C SER A 48 3.63 -9.43 16.34
N GLU A 49 4.40 -10.22 15.60
CA GLU A 49 5.27 -9.63 14.59
C GLU A 49 4.43 -8.75 13.69
N LYS A 50 3.37 -9.33 13.13
CA LYS A 50 2.48 -8.58 12.25
C LYS A 50 2.01 -7.29 12.93
N SER A 51 2.17 -7.22 14.24
CA SER A 51 1.75 -6.01 14.94
C SER A 51 2.64 -4.83 14.51
N ASN A 52 3.95 -5.03 14.58
CA ASN A 52 4.88 -3.98 14.18
C ASN A 52 4.89 -3.86 12.66
N ALA A 53 4.74 -5.00 11.98
CA ALA A 53 4.73 -5.02 10.53
C ALA A 53 3.52 -4.31 9.97
N TYR A 54 2.37 -4.46 10.63
CA TYR A 54 1.14 -3.83 10.15
C TYR A 54 1.16 -2.33 10.42
N VAL A 55 1.96 -1.91 11.39
CA VAL A 55 2.06 -0.49 11.69
C VAL A 55 3.11 0.14 10.79
N ASN A 56 4.29 -0.46 10.77
CA ASN A 56 5.37 0.05 9.96
C ASN A 56 5.06 -0.13 8.49
N THR A 57 4.43 -1.24 8.13
CA THR A 57 4.11 -1.50 6.74
C THR A 57 3.03 -0.56 6.23
N MET A 58 1.99 -0.33 7.03
CA MET A 58 0.92 0.54 6.59
C MET A 58 1.39 2.00 6.57
N PHE A 59 2.07 2.41 7.63
CA PHE A 59 2.56 3.77 7.74
C PHE A 59 3.69 4.01 6.73
N LYS A 60 4.56 3.01 6.59
CA LYS A 60 5.67 3.10 5.67
C LYS A 60 5.22 3.04 4.22
N THR A 61 4.04 2.48 3.96
CA THR A 61 3.54 2.42 2.60
C THR A 61 3.06 3.80 2.15
N PHE A 62 2.36 4.49 3.06
CA PHE A 62 1.84 5.82 2.76
C PHE A 62 2.83 6.90 3.22
N ASP A 63 3.89 6.47 3.90
CA ASP A 63 4.89 7.41 4.41
C ASP A 63 5.50 8.22 3.27
N ILE A 64 5.76 7.57 2.15
CA ILE A 64 6.34 8.25 1.00
C ILE A 64 7.06 9.53 1.41
N ASP A 65 8.29 9.39 1.89
CA ASP A 65 9.08 10.54 2.31
C ASP A 65 8.36 11.36 3.36
N ASP A 66 7.66 10.68 4.27
CA ASP A 66 6.95 11.37 5.34
C ASP A 66 7.66 11.16 6.67
N ASP A 67 7.82 12.24 7.43
CA ASP A 67 8.49 12.15 8.72
C ASP A 67 7.48 12.27 9.85
N GLY A 68 7.69 11.51 10.92
CA GLY A 68 6.78 11.54 12.06
C GLY A 68 5.38 11.09 11.65
N CYS A 69 4.38 11.93 11.93
CA CYS A 69 3.00 11.61 11.61
C CYS A 69 2.80 11.49 10.09
N ILE A 70 1.68 10.90 9.70
CA ILE A 70 1.37 10.70 8.29
C ILE A 70 0.67 11.93 7.70
N ASP A 71 1.08 12.32 6.51
CA ASP A 71 0.49 13.49 5.84
C ASP A 71 -0.69 13.06 4.97
N PHE A 72 -1.90 13.45 5.37
CA PHE A 72 -3.11 13.10 4.62
C PHE A 72 -3.02 13.59 3.18
N MET A 73 -4.15 13.57 2.49
CA MET A 73 -4.22 14.01 1.09
C MET A 73 -3.98 12.83 0.16
N GLU A 74 -2.95 12.04 0.47
CA GLU A 74 -2.63 10.87 -0.34
C GLU A 74 -3.74 9.83 -0.24
N TYR A 75 -4.60 10.00 0.76
CA TYR A 75 -5.71 9.07 0.96
C TYR A 75 -6.67 9.11 -0.22
N VAL A 76 -6.86 10.30 -0.78
CA VAL A 76 -7.75 10.46 -1.92
C VAL A 76 -7.28 9.58 -3.08
N ALA A 77 -5.98 9.58 -3.31
CA ALA A 77 -5.40 8.77 -4.36
C ALA A 77 -5.69 7.29 -4.10
N ALA A 78 -5.65 6.91 -2.82
CA ALA A 78 -5.90 5.52 -2.46
C ALA A 78 -7.28 5.08 -2.94
N LEU A 79 -8.27 5.96 -2.81
CA LEU A 79 -9.61 5.65 -3.27
C LEU A 79 -9.60 5.47 -4.79
N SER A 80 -8.83 6.33 -5.46
CA SER A 80 -8.72 6.28 -6.91
C SER A 80 -7.98 5.02 -7.36
N LEU A 81 -7.39 4.32 -6.40
CA LEU A 81 -6.65 3.10 -6.72
C LEU A 81 -7.54 2.09 -7.44
N VAL A 82 -8.78 1.98 -6.99
CA VAL A 82 -9.71 1.04 -7.62
C VAL A 82 -11.07 1.68 -7.93
N LEU A 83 -11.40 2.76 -7.22
CA LEU A 83 -12.67 3.43 -7.45
C LEU A 83 -12.66 4.22 -8.76
N LYS A 84 -13.27 3.65 -9.80
CA LYS A 84 -13.35 4.31 -11.10
C LYS A 84 -12.07 5.07 -11.41
N GLY A 85 -10.98 4.71 -10.75
CA GLY A 85 -9.71 5.38 -10.98
C GLY A 85 -9.01 4.80 -12.20
N GLY A 86 -7.98 5.49 -12.67
CA GLY A 86 -7.22 5.03 -13.82
C GLY A 86 -6.20 3.98 -13.41
N VAL A 87 -5.61 3.31 -14.38
CA VAL A 87 -4.61 2.28 -14.11
C VAL A 87 -3.33 2.92 -13.62
N GLN A 88 -3.16 4.21 -13.91
CA GLN A 88 -1.97 4.94 -13.49
C GLN A 88 -1.85 4.98 -11.98
N GLN A 89 -2.97 5.19 -11.29
CA GLN A 89 -2.95 5.26 -9.83
C GLN A 89 -2.51 3.93 -9.24
N LYS A 90 -3.02 2.84 -9.79
CA LYS A 90 -2.64 1.51 -9.30
C LYS A 90 -1.21 1.20 -9.70
N LEU A 91 -0.74 1.86 -10.75
CA LEU A 91 0.63 1.67 -11.19
C LEU A 91 1.55 2.41 -10.24
N ARG A 92 1.26 3.69 -10.04
CA ARG A 92 2.09 4.51 -9.17
C ARG A 92 2.21 3.86 -7.81
N TRP A 93 1.10 3.41 -7.22
CA TRP A 93 1.20 2.78 -5.92
C TRP A 93 2.13 1.58 -6.06
N TYR A 94 1.86 0.75 -7.05
CA TYR A 94 2.69 -0.43 -7.23
C TYR A 94 4.14 -0.03 -6.96
N PHE A 95 4.69 0.86 -7.78
CA PHE A 95 6.08 1.28 -7.59
C PHE A 95 6.28 1.92 -6.22
N LYS A 96 5.39 2.81 -5.81
CA LYS A 96 5.51 3.48 -4.53
C LYS A 96 5.60 2.46 -3.40
N LEU A 97 4.72 1.48 -3.43
CA LEU A 97 4.72 0.43 -2.43
C LEU A 97 5.45 -0.78 -2.98
N PHE A 98 6.66 -1.00 -2.48
CA PHE A 98 7.49 -2.11 -2.92
C PHE A 98 8.97 -1.71 -2.86
N ASP A 99 9.26 -0.59 -2.20
CA ASP A 99 10.63 -0.11 -2.08
C ASP A 99 10.77 0.85 -0.91
N MET A 100 12.01 1.14 -0.54
CA MET A 100 12.26 2.06 0.58
C MET A 100 12.77 3.41 0.08
N ASP A 101 12.08 4.47 0.50
CA ASP A 101 12.45 5.83 0.10
C ASP A 101 13.42 5.82 -1.08
N GLY A 102 14.51 6.57 -0.95
CA GLY A 102 15.51 6.65 -2.02
C GLY A 102 15.19 7.75 -3.00
N SER A 103 16.09 7.96 -3.97
CA SER A 103 15.90 9.00 -4.98
C SER A 103 14.80 8.60 -5.96
N GLY A 104 14.38 7.35 -5.89
CA GLY A 104 13.34 6.85 -6.78
C GLY A 104 13.76 5.53 -7.43
N CYS A 105 14.97 5.08 -7.11
CA CYS A 105 15.46 3.81 -7.65
C CYS A 105 14.92 2.64 -6.85
N ILE A 106 14.95 1.45 -7.43
CA ILE A 106 14.47 0.26 -6.75
C ILE A 106 15.58 -0.77 -6.61
N ASP A 107 15.84 -1.18 -5.37
CA ASP A 107 16.89 -2.16 -5.12
C ASP A 107 16.27 -3.52 -4.79
N LYS A 108 16.81 -4.57 -5.38
CA LYS A 108 16.29 -5.92 -5.15
C LYS A 108 16.38 -6.31 -3.69
N ASP A 109 17.54 -6.09 -3.07
CA ASP A 109 17.72 -6.45 -1.68
C ASP A 109 16.88 -5.56 -0.75
N GLU A 110 16.93 -4.25 -0.98
CA GLU A 110 16.16 -3.32 -0.16
C GLU A 110 14.67 -3.49 -0.39
N LEU A 111 14.29 -3.70 -1.65
CA LEU A 111 12.89 -3.90 -1.96
C LEU A 111 12.37 -5.12 -1.22
N LEU A 112 13.11 -6.21 -1.36
CA LEU A 112 12.70 -7.46 -0.73
C LEU A 112 12.18 -7.18 0.68
N LEU A 113 12.96 -6.47 1.49
CA LEU A 113 12.53 -6.17 2.85
C LEU A 113 11.22 -5.38 2.80
N ILE A 114 11.17 -4.42 1.89
CA ILE A 114 9.98 -3.61 1.73
C ILE A 114 8.79 -4.51 1.40
N PHE A 115 8.89 -5.23 0.28
CA PHE A 115 7.83 -6.12 -0.14
C PHE A 115 7.42 -7.03 1.03
N LYS A 116 8.39 -7.38 1.87
CA LYS A 116 8.11 -8.25 3.01
C LYS A 116 7.03 -7.65 3.90
N ALA A 117 7.15 -6.36 4.22
CA ALA A 117 6.15 -5.73 5.07
C ALA A 117 4.79 -5.77 4.38
N VAL A 118 4.75 -5.37 3.12
CA VAL A 118 3.49 -5.42 2.38
C VAL A 118 3.11 -6.88 2.23
N GLN A 119 4.12 -7.73 2.19
CA GLN A 119 3.91 -9.17 2.11
C GLN A 119 3.29 -9.66 3.41
N ALA A 120 3.74 -9.07 4.51
CA ALA A 120 3.25 -9.44 5.84
C ALA A 120 1.76 -9.16 5.95
N ILE A 121 1.24 -8.35 5.02
CA ILE A 121 -0.19 -8.01 5.06
C ILE A 121 -1.07 -9.20 4.68
N ASN A 122 -0.60 -10.40 4.98
CA ASN A 122 -1.36 -11.61 4.68
C ASN A 122 -2.86 -11.30 4.59
N GLY A 123 -3.46 -10.94 5.71
CA GLY A 123 -4.89 -10.63 5.71
C GLY A 123 -5.69 -11.81 5.20
N ALA A 124 -6.49 -11.57 4.16
CA ALA A 124 -7.30 -12.64 3.58
C ALA A 124 -6.38 -13.78 3.14
N GLU A 125 -6.95 -14.95 2.89
CA GLU A 125 -6.15 -16.10 2.49
C GLU A 125 -5.23 -15.71 1.34
N PRO A 126 -3.94 -15.88 1.50
CA PRO A 126 -2.92 -15.54 0.47
C PRO A 126 -3.12 -16.29 -0.84
N GLU A 127 -2.94 -15.59 -1.95
CA GLU A 127 -3.06 -16.20 -3.27
C GLU A 127 -1.68 -16.36 -3.87
N ILE A 128 -0.94 -15.25 -3.94
CA ILE A 128 0.41 -15.26 -4.47
C ILE A 128 1.17 -14.03 -3.96
N SER A 129 2.16 -14.25 -3.12
CA SER A 129 2.93 -13.14 -2.56
C SER A 129 3.77 -12.46 -3.63
N ALA A 130 4.12 -11.20 -3.37
CA ALA A 130 4.91 -10.40 -4.29
C ALA A 130 6.36 -10.90 -4.37
N GLU A 131 6.75 -11.75 -3.43
CA GLU A 131 8.13 -12.23 -3.42
C GLU A 131 8.46 -12.87 -4.78
N ASP A 132 7.61 -13.78 -5.22
CA ASP A 132 7.82 -14.44 -6.50
C ASP A 132 7.84 -13.41 -7.63
N LEU A 133 6.96 -12.43 -7.53
CA LEU A 133 6.89 -11.38 -8.55
C LEU A 133 8.20 -10.61 -8.57
N ALA A 134 8.64 -10.16 -7.41
CA ALA A 134 9.88 -9.38 -7.33
C ALA A 134 11.05 -10.23 -7.82
N ASP A 135 11.07 -11.49 -7.42
CA ASP A 135 12.13 -12.41 -7.84
C ASP A 135 12.03 -12.67 -9.34
N ILE A 136 10.81 -12.90 -9.81
CA ILE A 136 10.59 -13.18 -11.22
C ILE A 136 10.85 -11.94 -12.08
N VAL A 137 10.58 -10.77 -11.51
CA VAL A 137 10.77 -9.52 -12.23
C VAL A 137 12.24 -9.13 -12.30
N PHE A 138 12.98 -9.32 -11.21
CA PHE A 138 14.40 -8.97 -11.21
C PHE A 138 15.19 -9.80 -12.21
N ASN A 139 14.97 -11.11 -12.20
CA ASN A 139 15.69 -11.98 -13.12
C ASN A 139 15.32 -11.65 -14.56
N LYS A 140 14.04 -11.41 -14.79
CA LYS A 140 13.55 -11.09 -16.14
C LYS A 140 13.97 -9.69 -16.56
N ILE A 141 13.92 -8.74 -15.63
CA ILE A 141 14.25 -7.35 -15.94
C ILE A 141 15.75 -7.07 -15.75
N ASP A 142 16.54 -8.11 -15.50
CA ASP A 142 17.98 -7.92 -15.32
C ASP A 142 18.64 -7.57 -16.64
N VAL A 143 18.23 -6.46 -17.22
CA VAL A 143 18.78 -6.01 -18.50
C VAL A 143 20.28 -5.72 -18.40
N ASN A 144 20.67 -4.99 -17.35
CA ASN A 144 22.08 -4.65 -17.16
C ASN A 144 22.72 -5.50 -16.06
N GLY A 145 21.89 -6.11 -15.22
CA GLY A 145 22.40 -6.92 -14.13
C GLY A 145 22.92 -6.05 -13.01
N ASP A 146 22.57 -4.77 -13.05
CA ASP A 146 22.99 -3.82 -12.04
C ASP A 146 22.49 -4.24 -10.66
N GLY A 147 21.28 -4.79 -10.61
CA GLY A 147 20.68 -5.21 -9.36
C GLY A 147 19.70 -4.17 -8.86
N GLU A 148 19.47 -3.15 -9.69
CA GLU A 148 18.54 -2.09 -9.34
C GLU A 148 17.70 -1.72 -10.56
N LEU A 149 16.48 -1.25 -10.30
CA LEU A 149 15.60 -0.89 -11.40
C LEU A 149 15.07 0.54 -11.26
N SER A 150 14.94 1.22 -12.40
CA SER A 150 14.43 2.58 -12.40
C SER A 150 12.91 2.57 -12.28
N LEU A 151 12.31 3.74 -12.15
CA LEU A 151 10.85 3.83 -12.03
C LEU A 151 10.18 3.32 -13.30
N GLU A 152 10.76 3.65 -14.44
CA GLU A 152 10.19 3.24 -15.73
C GLU A 152 10.19 1.72 -15.84
N GLU A 153 11.26 1.07 -15.37
CA GLU A 153 11.33 -0.38 -15.45
C GLU A 153 10.19 -1.02 -14.65
N PHE A 154 9.95 -0.49 -13.45
CA PHE A 154 8.91 -1.03 -12.58
C PHE A 154 7.55 -0.94 -13.28
N MET A 155 7.34 0.15 -14.01
CA MET A 155 6.09 0.35 -14.74
C MET A 155 5.87 -0.78 -15.74
N GLU A 156 6.93 -1.11 -16.46
CA GLU A 156 6.86 -2.19 -17.44
C GLU A 156 6.51 -3.51 -16.76
N GLY A 157 7.07 -3.70 -15.56
CA GLY A 157 6.84 -4.91 -14.81
C GLY A 157 5.35 -5.11 -14.53
N ILE A 158 4.65 -4.02 -14.22
CA ILE A 158 3.22 -4.11 -13.96
C ILE A 158 2.47 -4.47 -15.24
N SER A 159 2.91 -3.94 -16.37
CA SER A 159 2.26 -4.25 -17.64
C SER A 159 2.54 -5.68 -18.07
N ALA A 160 3.79 -6.11 -17.92
CA ALA A 160 4.20 -7.46 -18.33
C ALA A 160 3.01 -8.42 -18.30
N ASP A 161 2.95 -9.23 -17.25
CA ASP A 161 1.85 -10.19 -17.11
C ASP A 161 0.57 -9.43 -16.80
N GLU A 162 -0.46 -10.15 -16.35
CA GLU A 162 -1.71 -9.50 -16.01
C GLU A 162 -2.30 -10.09 -14.73
N LYS A 163 -2.49 -11.41 -14.71
CA LYS A 163 -3.08 -12.06 -13.56
C LYS A 163 -2.38 -11.66 -12.26
N ILE A 164 -1.06 -11.47 -12.31
CA ILE A 164 -0.35 -11.05 -11.11
C ILE A 164 -0.59 -9.56 -10.90
N SER A 165 -0.49 -8.80 -11.98
CA SER A 165 -0.69 -7.36 -11.90
C SER A 165 -2.05 -7.06 -11.29
N GLU A 166 -3.10 -7.73 -11.77
CA GLU A 166 -4.43 -7.51 -11.21
C GLU A 166 -4.47 -7.99 -9.76
N MET A 167 -3.67 -9.02 -9.47
CA MET A 167 -3.61 -9.56 -8.11
C MET A 167 -3.14 -8.48 -7.16
N LEU A 168 -2.08 -7.78 -7.55
CA LEU A 168 -1.54 -6.71 -6.73
C LEU A 168 -2.56 -5.60 -6.57
N THR A 169 -3.29 -5.31 -7.65
CA THR A 169 -4.30 -4.26 -7.63
C THR A 169 -5.44 -4.65 -6.68
N GLN A 170 -5.84 -5.90 -6.77
CA GLN A 170 -6.92 -6.43 -5.92
C GLN A 170 -6.50 -6.36 -4.46
N SER A 171 -5.21 -6.54 -4.22
CA SER A 171 -4.69 -6.48 -2.87
C SER A 171 -4.98 -5.10 -2.28
N LEU A 172 -4.73 -4.09 -3.09
CA LEU A 172 -4.96 -2.71 -2.66
C LEU A 172 -6.45 -2.42 -2.49
N ASP A 173 -7.06 -1.79 -3.48
CA ASP A 173 -8.48 -1.46 -3.40
C ASP A 173 -8.71 -0.44 -2.30
N LEU A 174 -9.66 -0.73 -1.40
CA LEU A 174 -9.96 0.19 -0.29
C LEU A 174 -10.13 -0.59 1.00
N THR A 175 -11.24 -1.30 1.13
CA THR A 175 -11.49 -2.08 2.33
C THR A 175 -10.43 -3.16 2.45
N ARG A 176 -9.93 -3.60 1.30
CA ARG A 176 -8.88 -4.61 1.27
C ARG A 176 -7.62 -4.08 1.92
N ILE A 177 -7.31 -2.81 1.68
CA ILE A 177 -6.12 -2.21 2.27
C ILE A 177 -6.24 -2.23 3.79
N VAL A 178 -7.40 -1.82 4.29
CA VAL A 178 -7.64 -1.81 5.73
C VAL A 178 -7.63 -3.23 6.28
N SER A 179 -8.30 -4.14 5.57
CA SER A 179 -8.37 -5.53 6.00
C SER A 179 -6.98 -6.17 6.02
N ASN A 180 -6.16 -5.82 5.03
CA ASN A 180 -4.81 -6.37 4.97
C ASN A 180 -4.02 -5.94 6.20
N ILE A 181 -4.17 -4.68 6.59
CA ILE A 181 -3.47 -4.16 7.75
C ILE A 181 -3.99 -4.82 9.03
N TYR A 182 -5.31 -4.94 9.13
CA TYR A 182 -5.91 -5.55 10.31
C TYR A 182 -7.17 -6.33 9.91
N ASN A 183 -7.25 -7.58 10.38
CA ASN A 183 -8.39 -8.43 10.06
C ASN A 183 -8.48 -8.65 8.56
N GLY A 2 -12.31 1.46 12.93
CA GLY A 2 -12.05 0.39 13.89
C GLY A 2 -13.34 -0.03 14.58
N ASP A 3 -14.46 0.20 13.92
CA ASP A 3 -15.77 -0.16 14.47
C ASP A 3 -16.30 0.96 15.36
N SER A 4 -17.18 1.77 14.79
CA SER A 4 -17.75 2.90 15.53
C SER A 4 -19.20 3.14 15.12
N SER A 5 -20.00 3.61 16.07
CA SER A 5 -21.42 3.88 15.80
C SER A 5 -21.57 5.08 14.86
N SER A 6 -22.76 5.23 14.30
CA SER A 6 -23.02 6.34 13.39
C SER A 6 -22.10 6.26 12.17
N MET A 7 -22.03 5.07 11.58
CA MET A 7 -21.19 4.85 10.41
C MET A 7 -19.76 4.52 10.82
N SER A 8 -19.15 3.57 10.13
CA SER A 8 -17.79 3.16 10.45
C SER A 8 -17.03 2.79 9.16
N ALA A 9 -15.88 2.15 9.33
CA ALA A 9 -15.06 1.76 8.19
C ALA A 9 -15.82 0.80 7.28
N THR A 10 -16.57 -0.13 7.87
CA THR A 10 -17.34 -1.09 7.09
C THR A 10 -18.45 -0.38 6.31
N GLU A 11 -19.01 0.66 6.91
CA GLU A 11 -20.08 1.42 6.25
C GLU A 11 -19.56 2.07 4.99
N LEU A 12 -18.35 2.63 5.06
CA LEU A 12 -17.74 3.29 3.91
C LEU A 12 -17.52 2.31 2.77
N SER A 13 -17.10 1.09 3.12
CA SER A 13 -16.87 0.06 2.12
C SER A 13 -18.14 -0.26 1.36
N ALA A 14 -19.24 -0.39 2.09
CA ALA A 14 -20.54 -0.71 1.49
C ALA A 14 -20.96 0.37 0.49
N CYS A 15 -20.72 1.62 0.84
CA CYS A 15 -21.09 2.74 -0.03
C CYS A 15 -19.90 3.13 -0.90
N LYS A 16 -18.81 3.51 -0.25
CA LYS A 16 -17.60 3.89 -0.97
C LYS A 16 -17.84 5.16 -1.79
N CYS A 17 -17.22 6.26 -1.37
CA CYS A 17 -17.39 7.54 -2.06
C CYS A 17 -16.07 8.30 -2.14
N HIS A 18 -15.27 8.00 -3.15
CA HIS A 18 -13.95 8.62 -3.33
C HIS A 18 -13.89 10.07 -2.81
N GLN A 19 -15.01 10.76 -2.76
CA GLN A 19 -15.01 12.15 -2.26
C GLN A 19 -14.81 12.18 -0.75
N TRP A 20 -15.16 11.07 -0.12
CA TRP A 20 -15.09 10.96 1.34
C TRP A 20 -13.74 11.41 1.87
N TYR A 21 -12.64 10.92 1.30
CA TYR A 21 -11.32 11.30 1.80
C TYR A 21 -11.12 12.81 1.71
N ALA A 22 -11.67 13.43 0.67
CA ALA A 22 -11.54 14.88 0.53
C ALA A 22 -12.14 15.56 1.75
N LYS A 23 -13.26 15.02 2.23
CA LYS A 23 -13.91 15.56 3.42
C LYS A 23 -12.98 15.39 4.61
N PHE A 24 -12.25 14.28 4.59
CA PHE A 24 -11.29 13.99 5.66
C PHE A 24 -10.30 15.14 5.79
N MET A 25 -9.48 15.33 4.75
CA MET A 25 -8.49 16.39 4.74
C MET A 25 -9.17 17.74 4.91
N THR A 26 -10.32 17.88 4.27
CA THR A 26 -11.10 19.11 4.33
C THR A 26 -11.59 19.38 5.76
N GLU A 27 -12.01 18.32 6.44
CA GLU A 27 -12.50 18.46 7.81
C GLU A 27 -11.39 18.26 8.83
N CYS A 28 -11.40 19.06 9.88
CA CYS A 28 -10.39 18.95 10.92
C CYS A 28 -9.00 18.82 10.30
N PRO A 29 -8.64 19.76 9.47
CA PRO A 29 -7.32 19.76 8.78
C PRO A 29 -6.17 20.07 9.74
N SER A 30 -5.02 19.44 9.50
CA SER A 30 -3.85 19.67 10.33
C SER A 30 -2.59 19.41 9.52
N GLY A 31 -2.68 18.46 8.59
CA GLY A 31 -1.54 18.12 7.74
C GLY A 31 -0.64 17.07 8.41
N GLN A 32 -0.51 15.93 7.76
CA GLN A 32 0.33 14.86 8.29
C GLN A 32 -0.21 14.35 9.62
N LEU A 33 -0.48 13.05 9.68
CA LEU A 33 -1.00 12.44 10.89
C LEU A 33 -0.03 11.36 11.38
N THR A 34 0.24 11.34 12.68
CA THR A 34 1.14 10.36 13.25
C THR A 34 0.40 9.04 13.47
N PHE A 35 1.10 8.06 14.03
CA PHE A 35 0.49 6.75 14.26
C PHE A 35 -0.76 6.89 15.15
N TYR A 36 -0.65 7.61 16.25
CA TYR A 36 -1.78 7.77 17.16
C TYR A 36 -2.96 8.42 16.46
N GLU A 37 -2.72 9.50 15.74
CA GLU A 37 -3.79 10.20 15.04
C GLU A 37 -4.39 9.29 13.99
N PHE A 38 -3.54 8.53 13.31
CA PHE A 38 -4.02 7.59 12.31
C PHE A 38 -4.92 6.54 12.98
N LYS A 39 -4.42 6.01 14.09
CA LYS A 39 -5.15 4.98 14.81
C LYS A 39 -6.56 5.44 15.15
N LYS A 40 -6.70 6.65 15.69
CA LYS A 40 -8.03 7.17 16.01
C LYS A 40 -8.82 7.39 14.72
N PHE A 41 -8.16 8.06 13.78
CA PHE A 41 -8.77 8.38 12.49
C PHE A 41 -9.04 7.10 11.69
N PHE A 42 -8.25 6.07 11.94
CA PHE A 42 -8.43 4.79 11.24
C PHE A 42 -8.59 3.65 12.24
N GLY A 43 -7.47 3.09 12.69
CA GLY A 43 -7.52 1.99 13.65
C GLY A 43 -6.16 1.32 13.79
N LEU A 44 -6.10 0.28 14.63
CA LEU A 44 -4.88 -0.50 14.86
C LEU A 44 -4.45 -0.38 16.32
N LYS A 45 -4.21 -1.51 16.96
CA LYS A 45 -3.80 -1.52 18.36
C LYS A 45 -3.37 -2.92 18.80
N ASN A 46 -2.57 -3.59 17.97
CA ASN A 46 -2.11 -4.93 18.29
C ASN A 46 -0.63 -4.92 18.69
N LEU A 47 -0.33 -5.57 19.82
CA LEU A 47 1.06 -5.63 20.29
C LEU A 47 1.60 -7.05 20.17
N SER A 48 2.30 -7.31 19.08
CA SER A 48 2.88 -8.63 18.83
C SER A 48 4.01 -8.53 17.82
N GLU A 49 4.83 -9.57 17.72
CA GLU A 49 5.93 -9.56 16.77
C GLU A 49 5.38 -9.40 15.37
N LYS A 50 4.28 -10.09 15.09
CA LYS A 50 3.64 -9.98 13.79
C LYS A 50 3.08 -8.57 13.66
N SER A 51 2.29 -8.17 14.64
CA SER A 51 1.67 -6.85 14.65
C SER A 51 2.71 -5.76 14.48
N ASN A 52 3.88 -5.94 15.07
CA ASN A 52 4.94 -4.95 14.94
C ASN A 52 5.29 -4.77 13.46
N ALA A 53 5.42 -5.88 12.75
CA ALA A 53 5.73 -5.84 11.32
C ALA A 53 4.50 -5.41 10.52
N TYR A 54 3.33 -5.54 11.14
CA TYR A 54 2.08 -5.14 10.50
C TYR A 54 1.81 -3.65 10.71
N VAL A 55 2.55 -3.08 11.64
CA VAL A 55 2.42 -1.66 11.93
C VAL A 55 3.32 -0.86 11.01
N ASN A 56 4.58 -1.27 10.95
CA ASN A 56 5.54 -0.60 10.11
C ASN A 56 5.34 -0.96 8.65
N THR A 57 4.65 -2.06 8.40
CA THR A 57 4.40 -2.47 7.02
C THR A 57 3.19 -1.73 6.48
N MET A 58 2.10 -1.74 7.23
CA MET A 58 0.89 -1.07 6.78
C MET A 58 1.08 0.44 6.73
N PHE A 59 1.76 1.00 7.73
CA PHE A 59 1.97 2.44 7.76
C PHE A 59 3.05 2.83 6.76
N LYS A 60 4.09 2.00 6.66
CA LYS A 60 5.17 2.28 5.71
C LYS A 60 4.64 2.26 4.29
N THR A 61 3.80 1.28 3.97
CA THR A 61 3.25 1.16 2.63
C THR A 61 2.42 2.38 2.24
N PHE A 62 1.52 2.80 3.11
CA PHE A 62 0.68 3.95 2.81
C PHE A 62 1.50 5.24 2.84
N ASP A 63 2.53 5.27 3.66
CA ASP A 63 3.37 6.46 3.77
C ASP A 63 4.01 6.79 2.42
N ILE A 64 4.00 8.07 2.08
CA ILE A 64 4.58 8.53 0.82
C ILE A 64 6.10 8.48 0.88
N ASP A 65 6.64 8.58 2.09
CA ASP A 65 8.09 8.57 2.27
C ASP A 65 8.47 7.90 3.59
N ASP A 66 9.76 7.78 3.84
CA ASP A 66 10.24 7.16 5.06
C ASP A 66 9.74 7.90 6.29
N ASP A 67 9.40 7.13 7.33
CA ASP A 67 8.89 7.67 8.60
C ASP A 67 7.49 7.15 8.88
N GLY A 68 7.20 6.90 10.15
CA GLY A 68 5.90 6.39 10.56
C GLY A 68 4.78 7.36 10.20
N CYS A 69 5.04 8.65 10.36
CA CYS A 69 4.03 9.66 10.07
C CYS A 69 3.58 9.58 8.61
N ILE A 70 2.29 9.85 8.39
CA ILE A 70 1.72 9.80 7.04
C ILE A 70 1.05 11.13 6.69
N ASP A 71 1.27 11.62 5.48
CA ASP A 71 0.67 12.88 5.06
C ASP A 71 -0.34 12.67 3.93
N PHE A 72 -1.42 11.95 4.24
CA PHE A 72 -2.47 11.68 3.25
C PHE A 72 -2.02 12.03 1.84
N MET A 73 -2.88 12.73 1.10
CA MET A 73 -2.56 13.11 -0.28
C MET A 73 -2.54 11.87 -1.19
N GLU A 74 -2.56 10.69 -0.56
CA GLU A 74 -2.54 9.44 -1.29
C GLU A 74 -3.72 8.57 -0.86
N TYR A 75 -4.41 9.02 0.19
CA TYR A 75 -5.56 8.29 0.70
C TYR A 75 -6.65 8.24 -0.37
N VAL A 76 -6.81 9.37 -1.08
CA VAL A 76 -7.79 9.43 -2.15
C VAL A 76 -7.46 8.38 -3.19
N ALA A 77 -6.16 8.22 -3.43
CA ALA A 77 -5.68 7.24 -4.37
C ALA A 77 -6.12 5.85 -3.92
N ALA A 78 -6.15 5.66 -2.61
CA ALA A 78 -6.56 4.37 -2.05
C ALA A 78 -7.98 4.03 -2.49
N LEU A 79 -8.86 5.02 -2.48
CA LEU A 79 -10.25 4.79 -2.91
C LEU A 79 -10.27 4.43 -4.40
N SER A 80 -9.47 5.14 -5.19
CA SER A 80 -9.39 4.88 -6.63
C SER A 80 -8.85 3.47 -6.87
N LEU A 81 -7.87 3.10 -6.06
CA LEU A 81 -7.24 1.79 -6.19
C LEU A 81 -8.31 0.71 -6.28
N VAL A 82 -9.30 0.79 -5.40
CA VAL A 82 -10.39 -0.17 -5.40
C VAL A 82 -11.25 -0.01 -6.65
N LEU A 83 -11.54 1.24 -7.01
CA LEU A 83 -12.37 1.53 -8.18
C LEU A 83 -11.60 1.43 -9.48
N LYS A 84 -12.28 0.98 -10.53
CA LYS A 84 -11.67 0.85 -11.85
C LYS A 84 -11.59 2.20 -12.55
N GLY A 85 -10.60 2.37 -13.41
CA GLY A 85 -10.42 3.62 -14.13
C GLY A 85 -9.35 4.48 -13.48
N GLY A 86 -8.90 4.07 -12.31
CA GLY A 86 -7.86 4.80 -11.60
C GLY A 86 -6.53 4.07 -11.71
N VAL A 87 -6.21 3.61 -12.91
CA VAL A 87 -4.97 2.89 -13.16
C VAL A 87 -3.77 3.70 -12.68
N GLN A 88 -3.83 5.02 -12.84
CA GLN A 88 -2.73 5.89 -12.42
C GLN A 88 -2.47 5.75 -10.91
N GLN A 89 -3.54 5.72 -10.13
CA GLN A 89 -3.42 5.57 -8.70
C GLN A 89 -2.89 4.17 -8.42
N LYS A 90 -3.34 3.23 -9.26
CA LYS A 90 -2.92 1.85 -9.14
C LYS A 90 -1.41 1.74 -9.35
N LEU A 91 -0.88 2.57 -10.22
CA LEU A 91 0.55 2.55 -10.43
C LEU A 91 1.24 2.92 -9.14
N ARG A 92 0.72 3.93 -8.48
CA ARG A 92 1.30 4.36 -7.22
C ARG A 92 1.33 3.18 -6.25
N TRP A 93 0.16 2.68 -5.87
CA TRP A 93 0.12 1.56 -4.92
C TRP A 93 1.04 0.44 -5.36
N TYR A 94 1.46 0.47 -6.61
CA TYR A 94 2.39 -0.56 -7.06
C TYR A 94 3.76 -0.16 -6.56
N PHE A 95 4.28 0.93 -7.10
CA PHE A 95 5.58 1.45 -6.73
C PHE A 95 5.59 1.84 -5.25
N LYS A 96 4.53 2.51 -4.81
CA LYS A 96 4.42 2.94 -3.42
C LYS A 96 4.42 1.74 -2.49
N LEU A 97 3.67 0.71 -2.86
CA LEU A 97 3.60 -0.50 -2.06
C LEU A 97 4.98 -1.11 -1.94
N PHE A 98 5.71 -1.09 -3.04
CA PHE A 98 7.05 -1.62 -3.07
C PHE A 98 8.07 -0.48 -3.04
N ASP A 99 9.34 -0.82 -3.20
CA ASP A 99 10.39 0.20 -3.17
C ASP A 99 10.48 0.82 -1.78
N MET A 100 11.53 1.60 -1.53
CA MET A 100 11.72 2.22 -0.22
C MET A 100 10.56 3.17 0.09
N ASP A 101 10.18 3.98 -0.91
CA ASP A 101 9.10 4.94 -0.75
C ASP A 101 9.21 6.04 -1.80
N GLY A 102 8.14 6.80 -1.99
CA GLY A 102 8.15 7.89 -2.95
C GLY A 102 8.57 7.39 -4.33
N SER A 103 9.59 8.02 -4.89
CA SER A 103 10.08 7.62 -6.20
C SER A 103 11.62 7.63 -6.22
N GLY A 104 12.19 6.88 -7.15
CA GLY A 104 13.65 6.80 -7.26
C GLY A 104 14.08 5.41 -7.70
N CYS A 105 15.37 5.11 -7.57
CA CYS A 105 15.88 3.82 -7.96
C CYS A 105 15.49 2.75 -6.95
N ILE A 106 15.51 1.50 -7.38
CA ILE A 106 15.16 0.38 -6.51
C ILE A 106 16.27 -0.66 -6.53
N ASP A 107 16.74 -1.05 -5.35
CA ASP A 107 17.78 -2.05 -5.27
C ASP A 107 17.19 -3.42 -4.98
N LYS A 108 17.82 -4.47 -5.47
CA LYS A 108 17.31 -5.82 -5.26
C LYS A 108 17.24 -6.14 -3.76
N ASP A 109 18.31 -5.84 -3.03
CA ASP A 109 18.33 -6.10 -1.60
C ASP A 109 17.27 -5.27 -0.88
N GLU A 110 17.18 -4.00 -1.25
CA GLU A 110 16.20 -3.10 -0.62
C GLU A 110 14.78 -3.49 -1.02
N LEU A 111 14.59 -3.75 -2.31
CA LEU A 111 13.27 -4.10 -2.83
C LEU A 111 12.72 -5.36 -2.18
N LEU A 112 13.60 -6.31 -1.88
CA LEU A 112 13.15 -7.54 -1.24
C LEU A 112 12.61 -7.24 0.15
N LEU A 113 13.31 -6.40 0.91
CA LEU A 113 12.84 -6.06 2.24
C LEU A 113 11.50 -5.33 2.14
N ILE A 114 11.40 -4.47 1.15
CA ILE A 114 10.18 -3.71 0.93
C ILE A 114 9.05 -4.67 0.57
N PHE A 115 9.19 -5.38 -0.55
CA PHE A 115 8.17 -6.33 -0.96
C PHE A 115 7.87 -7.31 0.19
N LYS A 116 8.94 -7.70 0.90
CA LYS A 116 8.81 -8.63 2.01
C LYS A 116 7.81 -8.12 3.04
N ALA A 117 7.88 -6.85 3.38
CA ALA A 117 6.94 -6.29 4.34
C ALA A 117 5.54 -6.46 3.78
N VAL A 118 5.41 -6.19 2.49
CA VAL A 118 4.14 -6.35 1.81
C VAL A 118 3.70 -7.80 1.90
N GLN A 119 4.64 -8.71 1.64
CA GLN A 119 4.35 -10.12 1.76
C GLN A 119 4.19 -10.48 3.22
N ALA A 120 4.80 -9.66 4.07
CA ALA A 120 4.73 -9.86 5.51
C ALA A 120 3.32 -9.54 6.00
N ILE A 121 2.53 -8.93 5.12
CA ILE A 121 1.15 -8.57 5.46
C ILE A 121 0.27 -9.80 5.60
N ASN A 122 0.88 -10.97 5.52
CA ASN A 122 0.13 -12.22 5.65
C ASN A 122 0.72 -13.10 6.74
N GLY A 123 0.03 -13.18 7.87
CA GLY A 123 0.51 -14.00 8.99
C GLY A 123 0.61 -15.46 8.55
N ALA A 124 -0.41 -15.91 7.83
CA ALA A 124 -0.42 -17.27 7.32
C ALA A 124 0.36 -17.33 6.02
N GLU A 125 0.87 -18.50 5.67
CA GLU A 125 1.64 -18.62 4.44
C GLU A 125 0.71 -18.58 3.24
N PRO A 126 0.90 -17.62 2.36
CA PRO A 126 0.08 -17.46 1.13
C PRO A 126 0.40 -18.50 0.09
N GLU A 127 -0.50 -18.70 -0.87
CA GLU A 127 -0.25 -19.68 -1.92
C GLU A 127 1.03 -19.27 -2.64
N ILE A 128 1.14 -17.97 -2.92
CA ILE A 128 2.34 -17.43 -3.55
C ILE A 128 2.50 -15.94 -3.23
N SER A 129 3.43 -15.62 -2.35
CA SER A 129 3.66 -14.22 -1.97
C SER A 129 4.27 -13.46 -3.16
N ALA A 130 4.24 -12.14 -3.06
CA ALA A 130 4.78 -11.30 -4.13
C ALA A 130 6.31 -11.36 -4.16
N GLU A 131 6.92 -11.87 -3.10
CA GLU A 131 8.37 -11.94 -3.03
C GLU A 131 8.92 -12.82 -4.15
N ASP A 132 8.37 -14.02 -4.29
CA ASP A 132 8.82 -14.94 -5.34
C ASP A 132 8.57 -14.34 -6.72
N LEU A 133 7.40 -13.72 -6.86
CA LEU A 133 7.05 -13.09 -8.13
C LEU A 133 8.04 -11.97 -8.41
N ALA A 134 8.29 -11.14 -7.41
CA ALA A 134 9.21 -10.03 -7.56
C ALA A 134 10.58 -10.54 -7.96
N ASP A 135 10.97 -11.69 -7.39
CA ASP A 135 12.27 -12.27 -7.71
C ASP A 135 12.35 -12.63 -9.19
N ILE A 136 11.30 -13.25 -9.71
CA ILE A 136 11.28 -13.63 -11.12
C ILE A 136 11.13 -12.39 -11.98
N VAL A 137 10.27 -11.48 -11.53
CA VAL A 137 10.02 -10.23 -12.23
C VAL A 137 11.26 -9.34 -12.22
N PHE A 138 11.97 -9.33 -11.10
CA PHE A 138 13.16 -8.50 -10.94
C PHE A 138 14.21 -8.82 -12.01
N ASN A 139 14.50 -10.10 -12.21
CA ASN A 139 15.51 -10.47 -13.19
C ASN A 139 15.07 -10.05 -14.60
N LYS A 140 13.79 -10.26 -14.92
CA LYS A 140 13.28 -9.89 -16.23
C LYS A 140 13.25 -8.37 -16.42
N ILE A 141 12.85 -7.66 -15.37
CA ILE A 141 12.77 -6.20 -15.43
C ILE A 141 14.16 -5.57 -15.47
N ASP A 142 15.15 -6.23 -14.89
CA ASP A 142 16.50 -5.69 -14.88
C ASP A 142 17.22 -6.02 -16.18
N VAL A 143 16.84 -5.32 -17.24
CA VAL A 143 17.45 -5.54 -18.55
C VAL A 143 18.72 -4.71 -18.70
N ASN A 144 18.78 -3.59 -17.99
CA ASN A 144 19.94 -2.71 -18.07
C ASN A 144 21.15 -3.33 -17.38
N GLY A 145 20.89 -4.24 -16.44
CA GLY A 145 21.96 -4.90 -15.72
C GLY A 145 22.59 -3.96 -14.69
N ASP A 146 21.92 -2.83 -14.46
CA ASP A 146 22.42 -1.84 -13.50
C ASP A 146 22.35 -2.38 -12.08
N GLY A 147 21.53 -3.41 -11.88
CA GLY A 147 21.37 -4.01 -10.56
C GLY A 147 20.32 -3.25 -9.76
N GLU A 148 19.64 -2.32 -10.43
CA GLU A 148 18.59 -1.54 -9.78
C GLU A 148 17.45 -1.27 -10.76
N LEU A 149 16.25 -1.08 -10.21
CA LEU A 149 15.08 -0.83 -11.04
C LEU A 149 14.53 0.58 -10.83
N SER A 150 14.62 1.40 -11.87
CA SER A 150 14.13 2.78 -11.79
C SER A 150 12.60 2.81 -11.71
N LEU A 151 12.08 3.92 -11.19
CA LEU A 151 10.64 4.08 -11.02
C LEU A 151 9.89 3.91 -12.35
N GLU A 152 10.46 4.43 -13.44
CA GLU A 152 9.79 4.30 -14.72
C GLU A 152 9.56 2.82 -15.03
N GLU A 153 10.63 2.02 -14.90
CA GLU A 153 10.53 0.59 -15.19
C GLU A 153 9.47 -0.05 -14.31
N PHE A 154 9.39 0.37 -13.05
CA PHE A 154 8.40 -0.19 -12.14
C PHE A 154 7.01 0.04 -12.75
N MET A 155 6.76 1.29 -13.15
CA MET A 155 5.48 1.67 -13.73
C MET A 155 5.15 0.74 -14.90
N GLU A 156 6.10 0.58 -15.82
CA GLU A 156 5.89 -0.32 -16.93
C GLU A 156 5.69 -1.71 -16.38
N GLY A 157 6.14 -1.89 -15.15
CA GLY A 157 5.99 -3.17 -14.47
C GLY A 157 4.51 -3.50 -14.31
N ILE A 158 3.74 -2.50 -13.92
CA ILE A 158 2.30 -2.68 -13.75
C ILE A 158 1.65 -3.03 -15.09
N SER A 159 2.01 -2.29 -16.14
CA SER A 159 1.44 -2.58 -17.46
C SER A 159 1.90 -3.95 -17.95
N ALA A 160 3.20 -4.19 -17.81
CA ALA A 160 3.83 -5.42 -18.27
C ALA A 160 3.26 -6.67 -17.58
N ASP A 161 3.24 -7.76 -18.34
CA ASP A 161 2.75 -9.03 -17.84
C ASP A 161 1.24 -9.01 -17.66
N GLU A 162 0.74 -7.92 -17.10
CA GLU A 162 -0.70 -7.77 -16.88
C GLU A 162 -1.16 -8.71 -15.77
N LYS A 163 -0.89 -9.99 -15.91
CA LYS A 163 -1.35 -10.97 -14.91
C LYS A 163 -0.88 -10.61 -13.50
N ILE A 164 0.41 -10.35 -13.31
CA ILE A 164 0.88 -10.00 -11.98
C ILE A 164 0.26 -8.68 -11.54
N SER A 165 0.37 -7.69 -12.40
CA SER A 165 -0.15 -6.37 -12.09
C SER A 165 -1.63 -6.46 -11.73
N GLU A 166 -2.41 -7.19 -12.52
CA GLU A 166 -3.82 -7.33 -12.24
C GLU A 166 -4.03 -8.03 -10.90
N MET A 167 -3.22 -9.05 -10.63
CA MET A 167 -3.33 -9.78 -9.38
C MET A 167 -3.08 -8.86 -8.20
N LEU A 168 -2.02 -8.06 -8.28
CA LEU A 168 -1.70 -7.12 -7.21
C LEU A 168 -2.83 -6.09 -7.09
N THR A 169 -3.33 -5.66 -8.24
CA THR A 169 -4.40 -4.67 -8.30
C THR A 169 -5.66 -5.21 -7.62
N GLN A 170 -6.00 -6.46 -7.94
CA GLN A 170 -7.17 -7.11 -7.36
C GLN A 170 -6.97 -7.37 -5.87
N SER A 171 -5.71 -7.37 -5.46
CA SER A 171 -5.39 -7.61 -4.06
C SER A 171 -6.06 -6.54 -3.19
N LEU A 172 -5.93 -5.29 -3.60
CA LEU A 172 -6.52 -4.19 -2.85
C LEU A 172 -8.01 -4.38 -2.66
N ASP A 173 -8.50 -3.90 -1.54
CA ASP A 173 -9.92 -4.01 -1.21
C ASP A 173 -10.33 -2.81 -0.36
N LEU A 174 -11.50 -2.87 0.24
CA LEU A 174 -11.97 -1.76 1.07
C LEU A 174 -12.14 -2.19 2.53
N THR A 175 -13.30 -2.72 2.87
CA THR A 175 -13.53 -3.15 4.24
C THR A 175 -12.48 -4.17 4.63
N ARG A 176 -12.06 -4.99 3.66
CA ARG A 176 -11.04 -5.99 3.91
C ARG A 176 -9.72 -5.32 4.28
N ILE A 177 -9.40 -4.21 3.60
CA ILE A 177 -8.15 -3.49 3.87
C ILE A 177 -8.17 -2.97 5.29
N VAL A 178 -9.27 -2.33 5.67
CA VAL A 178 -9.42 -1.78 7.01
C VAL A 178 -9.41 -2.90 8.05
N SER A 179 -10.12 -3.97 7.74
CA SER A 179 -10.21 -5.11 8.65
C SER A 179 -8.84 -5.72 8.88
N ASN A 180 -8.05 -5.82 7.82
CA ASN A 180 -6.71 -6.40 7.95
C ASN A 180 -5.86 -5.56 8.89
N ILE A 181 -6.01 -4.24 8.79
CA ILE A 181 -5.26 -3.34 9.66
C ILE A 181 -5.62 -3.54 11.12
N TYR A 182 -6.92 -3.64 11.40
CA TYR A 182 -7.39 -3.85 12.76
C TYR A 182 -6.82 -5.15 13.34
N ASN A 183 -6.93 -6.23 12.57
CA ASN A 183 -6.44 -7.52 13.02
C ASN A 183 -7.48 -8.22 13.89
N GLY A 2 -11.10 1.02 13.82
CA GLY A 2 -11.26 0.13 14.97
C GLY A 2 -12.19 0.76 16.01
N ASP A 3 -12.06 2.06 16.21
CA ASP A 3 -12.89 2.78 17.18
C ASP A 3 -14.36 2.69 16.78
N SER A 4 -15.20 2.34 17.74
CA SER A 4 -16.64 2.23 17.49
C SER A 4 -17.22 3.58 17.09
N SER A 5 -18.36 3.92 17.68
CA SER A 5 -19.01 5.19 17.37
C SER A 5 -19.37 5.27 15.88
N SER A 6 -19.86 4.16 15.35
CA SER A 6 -20.23 4.11 13.94
C SER A 6 -19.00 4.04 13.05
N MET A 7 -19.11 4.63 11.86
CA MET A 7 -17.98 4.63 10.93
C MET A 7 -17.54 3.20 10.62
N SER A 8 -18.51 2.31 10.39
CA SER A 8 -18.20 0.92 10.08
C SER A 8 -17.42 0.83 8.77
N ALA A 9 -16.43 -0.05 8.74
CA ALA A 9 -15.61 -0.22 7.55
C ALA A 9 -16.46 -0.67 6.37
N THR A 10 -17.41 -1.56 6.63
CA THR A 10 -18.28 -2.05 5.58
C THR A 10 -19.19 -0.94 5.06
N GLU A 11 -19.53 0.00 5.94
CA GLU A 11 -20.39 1.11 5.55
C GLU A 11 -19.70 1.96 4.49
N LEU A 12 -18.41 2.22 4.69
CA LEU A 12 -17.65 3.00 3.72
C LEU A 12 -17.57 2.27 2.38
N SER A 13 -17.41 0.95 2.45
CA SER A 13 -17.32 0.14 1.25
C SER A 13 -18.59 0.26 0.41
N ALA A 14 -19.75 0.17 1.07
CA ALA A 14 -21.03 0.27 0.36
C ALA A 14 -21.17 1.63 -0.31
N CYS A 15 -20.78 2.68 0.42
CA CYS A 15 -20.86 4.03 -0.10
C CYS A 15 -19.83 4.21 -1.20
N LYS A 16 -18.62 3.74 -0.91
CA LYS A 16 -17.53 3.80 -1.86
C LYS A 16 -17.53 5.14 -2.59
N CYS A 17 -16.59 6.01 -2.21
CA CYS A 17 -16.48 7.32 -2.82
C CYS A 17 -15.09 7.90 -2.58
N HIS A 18 -14.81 9.05 -3.16
CA HIS A 18 -13.52 9.70 -2.98
C HIS A 18 -13.66 10.86 -2.00
N GLN A 19 -14.91 11.19 -1.68
CA GLN A 19 -15.21 12.30 -0.77
C GLN A 19 -14.81 12.00 0.67
N TRP A 20 -14.81 10.72 1.07
CA TRP A 20 -14.49 10.41 2.47
C TRP A 20 -13.25 11.17 2.90
N TYR A 21 -12.18 11.06 2.13
CA TYR A 21 -10.94 11.73 2.49
C TYR A 21 -11.15 13.23 2.64
N ALA A 22 -12.05 13.79 1.85
CA ALA A 22 -12.32 15.22 1.94
C ALA A 22 -12.78 15.57 3.34
N LYS A 23 -13.60 14.71 3.92
CA LYS A 23 -14.06 14.92 5.29
C LYS A 23 -12.86 14.86 6.23
N PHE A 24 -11.95 13.95 5.93
CA PHE A 24 -10.74 13.80 6.72
C PHE A 24 -9.95 15.11 6.67
N MET A 25 -9.47 15.45 5.49
CA MET A 25 -8.67 16.65 5.31
C MET A 25 -9.43 17.91 5.74
N THR A 26 -10.75 17.88 5.68
CA THR A 26 -11.55 19.03 6.06
C THR A 26 -11.78 19.06 7.57
N GLU A 27 -11.83 17.89 8.19
CA GLU A 27 -12.06 17.80 9.62
C GLU A 27 -10.74 17.76 10.39
N CYS A 28 -9.63 17.99 9.69
CA CYS A 28 -8.32 17.98 10.35
C CYS A 28 -7.80 19.40 10.53
N PRO A 29 -7.65 19.84 11.75
CA PRO A 29 -7.15 21.21 12.08
C PRO A 29 -5.68 21.38 11.71
N SER A 30 -4.98 20.26 11.55
CA SER A 30 -3.57 20.30 11.19
C SER A 30 -3.19 19.08 10.34
N GLY A 31 -2.07 19.19 9.64
CA GLY A 31 -1.61 18.11 8.79
C GLY A 31 -0.72 17.13 9.55
N GLN A 32 -0.22 16.12 8.84
CA GLN A 32 0.65 15.12 9.45
C GLN A 32 -0.13 14.25 10.42
N LEU A 33 -0.14 12.94 10.16
CA LEU A 33 -0.85 12.01 11.03
C LEU A 33 0.11 10.98 11.60
N THR A 34 0.07 10.80 12.91
CA THR A 34 0.94 9.83 13.56
C THR A 34 0.31 8.45 13.53
N PHE A 35 0.98 7.47 14.14
CA PHE A 35 0.47 6.12 14.16
C PHE A 35 -0.92 6.07 14.79
N TYR A 36 -1.10 6.79 15.89
CA TYR A 36 -2.39 6.82 16.56
C TYR A 36 -3.46 7.39 15.65
N GLU A 37 -3.18 8.54 15.05
CA GLU A 37 -4.14 9.18 14.14
C GLU A 37 -4.41 8.28 12.95
N PHE A 38 -3.34 7.68 12.44
CA PHE A 38 -3.46 6.77 11.32
C PHE A 38 -4.35 5.61 11.72
N LYS A 39 -4.04 5.02 12.86
CA LYS A 39 -4.78 3.87 13.36
C LYS A 39 -6.28 4.13 13.34
N LYS A 40 -6.72 5.28 13.85
CA LYS A 40 -8.15 5.58 13.85
C LYS A 40 -8.67 5.65 12.41
N PHE A 41 -7.96 6.41 11.58
CA PHE A 41 -8.36 6.58 10.18
C PHE A 41 -8.03 5.34 9.36
N PHE A 42 -7.17 4.48 9.91
CA PHE A 42 -6.76 3.26 9.22
C PHE A 42 -7.04 2.04 10.09
N GLY A 43 -6.25 1.88 11.15
CA GLY A 43 -6.42 0.76 12.06
C GLY A 43 -5.07 0.13 12.40
N LEU A 44 -5.06 -0.72 13.42
CA LEU A 44 -3.83 -1.40 13.84
C LEU A 44 -4.14 -2.55 14.80
N LYS A 45 -3.32 -3.60 14.74
CA LYS A 45 -3.49 -4.75 15.62
C LYS A 45 -2.15 -5.23 16.17
N ASN A 46 -2.15 -5.65 17.43
CA ASN A 46 -0.93 -6.13 18.08
C ASN A 46 -1.11 -7.59 18.54
N LEU A 47 -0.01 -8.32 18.59
CA LEU A 47 -0.07 -9.72 19.02
C LEU A 47 1.31 -10.38 18.94
N SER A 48 1.57 -11.04 17.80
CA SER A 48 2.84 -11.72 17.59
C SER A 48 3.72 -10.95 16.61
N GLU A 49 4.75 -11.61 16.08
CA GLU A 49 5.65 -10.94 15.15
C GLU A 49 4.83 -10.17 14.12
N LYS A 50 3.89 -10.86 13.48
CA LYS A 50 3.03 -10.22 12.49
C LYS A 50 2.44 -8.93 13.05
N SER A 51 2.52 -8.78 14.37
CA SER A 51 2.00 -7.59 15.02
C SER A 51 2.82 -6.37 14.60
N ASN A 52 4.14 -6.45 14.78
CA ASN A 52 5.01 -5.35 14.39
C ASN A 52 5.04 -5.22 12.87
N ALA A 53 5.04 -6.37 12.21
CA ALA A 53 5.05 -6.42 10.75
C ALA A 53 3.78 -5.80 10.20
N TYR A 54 2.66 -6.02 10.87
CA TYR A 54 1.38 -5.49 10.43
C TYR A 54 1.31 -3.99 10.63
N VAL A 55 2.09 -3.49 11.58
CA VAL A 55 2.10 -2.06 11.84
C VAL A 55 3.10 -1.37 10.92
N ASN A 56 4.30 -1.95 10.84
CA ASN A 56 5.33 -1.39 9.99
C ASN A 56 5.00 -1.63 8.52
N THR A 57 4.30 -2.73 8.23
CA THR A 57 3.95 -3.03 6.85
C THR A 57 2.86 -2.08 6.36
N MET A 58 1.83 -1.87 7.18
CA MET A 58 0.75 -0.98 6.80
C MET A 58 1.21 0.46 6.78
N PHE A 59 1.97 0.85 7.81
CA PHE A 59 2.47 2.21 7.90
C PHE A 59 3.55 2.46 6.86
N LYS A 60 4.43 1.48 6.68
CA LYS A 60 5.52 1.59 5.72
C LYS A 60 5.01 1.54 4.29
N THR A 61 3.82 0.99 4.08
CA THR A 61 3.27 0.93 2.74
C THR A 61 2.75 2.30 2.35
N PHE A 62 1.92 2.87 3.22
CA PHE A 62 1.34 4.19 2.98
C PHE A 62 2.37 5.28 3.26
N ASP A 63 3.16 5.10 4.32
CA ASP A 63 4.16 6.08 4.69
C ASP A 63 5.14 6.34 3.55
N ILE A 64 5.28 7.61 3.20
CA ILE A 64 6.18 7.99 2.12
C ILE A 64 7.26 8.95 2.63
N ASP A 65 7.35 9.07 3.95
CA ASP A 65 8.34 9.96 4.54
C ASP A 65 8.89 9.38 5.85
N ASP A 66 9.79 10.13 6.48
CA ASP A 66 10.40 9.69 7.73
C ASP A 66 9.59 10.19 8.94
N ASP A 67 10.23 10.19 10.10
CA ASP A 67 9.60 10.64 11.33
C ASP A 67 8.56 9.62 11.81
N GLY A 68 8.32 8.60 11.00
CA GLY A 68 7.36 7.57 11.37
C GLY A 68 5.94 8.12 11.33
N CYS A 69 5.74 9.21 10.59
CA CYS A 69 4.42 9.82 10.48
C CYS A 69 3.97 9.85 9.04
N ILE A 70 2.65 9.84 8.83
CA ILE A 70 2.11 9.86 7.47
C ILE A 70 1.42 11.20 7.16
N ASP A 71 1.87 11.84 6.09
CA ASP A 71 1.28 13.11 5.68
C ASP A 71 0.08 12.85 4.77
N PHE A 72 -0.42 13.90 4.15
CA PHE A 72 -1.58 13.77 3.27
C PHE A 72 -1.36 14.53 1.97
N MET A 73 -2.07 14.12 0.93
CA MET A 73 -1.96 14.75 -0.37
C MET A 73 -2.51 13.82 -1.45
N GLU A 74 -2.08 12.57 -1.41
CA GLU A 74 -2.53 11.58 -2.38
C GLU A 74 -3.58 10.65 -1.76
N TYR A 75 -3.99 10.95 -0.53
CA TYR A 75 -4.98 10.12 0.14
C TYR A 75 -6.21 9.93 -0.75
N VAL A 76 -6.57 10.98 -1.48
CA VAL A 76 -7.72 10.89 -2.39
C VAL A 76 -7.45 9.85 -3.46
N ALA A 77 -6.23 9.85 -3.96
CA ALA A 77 -5.82 8.90 -4.98
C ALA A 77 -5.97 7.47 -4.45
N ALA A 78 -5.62 7.30 -3.18
CA ALA A 78 -5.74 5.98 -2.54
C ALA A 78 -7.18 5.50 -2.58
N LEU A 79 -8.10 6.41 -2.28
CA LEU A 79 -9.52 6.09 -2.30
C LEU A 79 -9.96 5.83 -3.74
N SER A 80 -9.41 6.65 -4.63
CA SER A 80 -9.71 6.51 -6.05
C SER A 80 -9.31 5.12 -6.52
N LEU A 81 -8.16 4.67 -6.03
CA LEU A 81 -7.66 3.35 -6.38
C LEU A 81 -8.64 2.28 -5.91
N VAL A 82 -9.16 2.44 -4.70
CA VAL A 82 -10.12 1.49 -4.15
C VAL A 82 -11.36 1.42 -5.03
N LEU A 83 -11.87 2.57 -5.43
CA LEU A 83 -13.04 2.62 -6.29
C LEU A 83 -12.67 2.08 -7.67
N LYS A 84 -13.45 2.43 -8.68
CA LYS A 84 -13.16 1.95 -10.03
C LYS A 84 -11.76 2.43 -10.44
N GLY A 85 -11.47 3.70 -10.16
CA GLY A 85 -10.16 4.25 -10.47
C GLY A 85 -9.81 4.03 -11.93
N GLY A 86 -8.62 3.50 -12.17
CA GLY A 86 -8.16 3.24 -13.52
C GLY A 86 -6.82 2.53 -13.52
N VAL A 87 -6.30 2.24 -14.71
CA VAL A 87 -5.02 1.56 -14.84
C VAL A 87 -3.90 2.39 -14.24
N GLN A 88 -3.94 3.70 -14.48
CA GLN A 88 -2.92 4.59 -13.95
C GLN A 88 -2.93 4.60 -12.43
N GLN A 89 -4.12 4.60 -11.84
CA GLN A 89 -4.23 4.61 -10.38
C GLN A 89 -3.66 3.33 -9.78
N LYS A 90 -3.95 2.20 -10.40
CA LYS A 90 -3.44 0.92 -9.90
C LYS A 90 -1.95 0.80 -10.14
N LEU A 91 -1.48 1.55 -11.13
CA LEU A 91 -0.06 1.53 -11.44
C LEU A 91 0.67 2.43 -10.47
N ARG A 92 0.14 3.63 -10.29
CA ARG A 92 0.77 4.60 -9.42
C ARG A 92 0.93 4.05 -8.01
N TRP A 93 -0.11 3.47 -7.39
CA TRP A 93 0.09 2.94 -6.06
C TRP A 93 1.17 1.90 -6.14
N TYR A 94 1.03 1.00 -7.12
CA TYR A 94 2.01 -0.07 -7.23
C TYR A 94 3.40 0.49 -6.93
N PHE A 95 3.89 1.39 -7.77
CA PHE A 95 5.21 1.97 -7.55
C PHE A 95 5.26 2.82 -6.28
N LYS A 96 4.20 3.56 -6.01
CA LYS A 96 4.15 4.42 -4.85
C LYS A 96 4.35 3.64 -3.55
N LEU A 97 3.69 2.49 -3.42
CA LEU A 97 3.80 1.69 -2.22
C LEU A 97 5.06 0.81 -2.24
N PHE A 98 5.47 0.37 -3.43
CA PHE A 98 6.67 -0.46 -3.55
C PHE A 98 7.94 0.39 -3.44
N ASP A 99 8.97 -0.18 -2.82
CA ASP A 99 10.24 0.51 -2.62
C ASP A 99 10.29 1.21 -1.27
N MET A 100 11.46 1.18 -0.63
CA MET A 100 11.62 1.81 0.68
C MET A 100 11.89 3.32 0.52
N ASP A 101 12.88 3.82 1.26
CA ASP A 101 13.21 5.23 1.20
C ASP A 101 14.20 5.53 0.09
N GLY A 102 13.72 6.20 -0.96
CA GLY A 102 14.56 6.56 -2.10
C GLY A 102 13.76 7.36 -3.11
N SER A 103 14.43 7.94 -4.10
CA SER A 103 13.73 8.73 -5.11
C SER A 103 14.35 8.56 -6.49
N GLY A 104 13.56 8.00 -7.42
CA GLY A 104 14.01 7.82 -8.78
C GLY A 104 14.70 6.46 -9.00
N CYS A 105 15.00 5.76 -7.93
CA CYS A 105 15.67 4.47 -8.06
C CYS A 105 15.04 3.40 -7.17
N ILE A 106 15.11 2.16 -7.63
CA ILE A 106 14.57 1.03 -6.89
C ILE A 106 15.65 -0.05 -6.74
N ASP A 107 15.93 -0.43 -5.50
CA ASP A 107 16.94 -1.45 -5.23
C ASP A 107 16.28 -2.75 -4.76
N LYS A 108 16.79 -3.90 -5.22
CA LYS A 108 16.20 -5.17 -4.83
C LYS A 108 16.40 -5.41 -3.34
N ASP A 109 17.48 -4.87 -2.78
CA ASP A 109 17.76 -5.06 -1.36
C ASP A 109 16.63 -4.52 -0.51
N GLU A 110 16.17 -3.30 -0.84
CA GLU A 110 15.08 -2.69 -0.10
C GLU A 110 13.73 -3.05 -0.71
N LEU A 111 13.68 -3.04 -2.05
CA LEU A 111 12.45 -3.34 -2.78
C LEU A 111 11.90 -4.71 -2.41
N LEU A 112 12.79 -5.65 -2.10
CA LEU A 112 12.35 -6.98 -1.73
C LEU A 112 11.63 -6.93 -0.40
N LEU A 113 12.27 -6.34 0.60
CA LEU A 113 11.68 -6.27 1.93
C LEU A 113 10.36 -5.50 1.85
N ILE A 114 10.35 -4.44 1.05
CA ILE A 114 9.14 -3.66 0.90
C ILE A 114 8.04 -4.52 0.28
N PHE A 115 8.30 -5.01 -0.94
CA PHE A 115 7.31 -5.83 -1.63
C PHE A 115 6.91 -7.01 -0.75
N LYS A 116 7.89 -7.61 -0.09
CA LYS A 116 7.63 -8.75 0.79
C LYS A 116 6.67 -8.38 1.90
N ALA A 117 6.87 -7.20 2.50
CA ALA A 117 6.01 -6.78 3.59
C ALA A 117 4.57 -6.61 3.12
N VAL A 118 4.37 -6.06 1.94
CA VAL A 118 3.01 -5.88 1.42
C VAL A 118 2.47 -7.20 0.88
N GLN A 119 3.31 -7.89 0.12
CA GLN A 119 2.91 -9.17 -0.46
C GLN A 119 2.72 -10.21 0.64
N ALA A 120 3.63 -10.20 1.61
CA ALA A 120 3.57 -11.14 2.72
C ALA A 120 2.32 -10.90 3.56
N ILE A 121 1.99 -9.63 3.73
CA ILE A 121 0.83 -9.26 4.53
C ILE A 121 -0.25 -8.61 3.67
N ASN A 122 -0.29 -8.98 2.39
CA ASN A 122 -1.27 -8.44 1.47
C ASN A 122 -2.68 -8.83 1.93
N GLY A 123 -3.62 -7.88 1.84
CA GLY A 123 -5.00 -8.14 2.25
C GLY A 123 -5.26 -9.64 2.37
N ALA A 124 -5.45 -10.30 1.22
CA ALA A 124 -5.69 -11.74 1.23
C ALA A 124 -4.42 -12.46 1.67
N GLU A 125 -4.58 -13.56 2.38
CA GLU A 125 -3.40 -14.31 2.86
C GLU A 125 -2.56 -14.76 1.67
N PRO A 126 -1.35 -14.25 1.57
CA PRO A 126 -0.41 -14.61 0.48
C PRO A 126 0.21 -15.98 0.67
N GLU A 127 0.37 -16.73 -0.43
CA GLU A 127 0.96 -18.05 -0.34
C GLU A 127 2.40 -17.96 0.13
N ILE A 128 3.15 -17.02 -0.44
CA ILE A 128 4.55 -16.83 -0.07
C ILE A 128 4.92 -15.35 -0.10
N SER A 129 6.04 -15.01 0.52
CA SER A 129 6.51 -13.63 0.55
C SER A 129 6.78 -13.15 -0.87
N ALA A 130 6.69 -11.84 -1.09
CA ALA A 130 6.96 -11.28 -2.41
C ALA A 130 8.44 -11.44 -2.77
N GLU A 131 9.28 -11.22 -1.77
CA GLU A 131 10.73 -11.25 -1.95
C GLU A 131 11.17 -12.43 -2.82
N ASP A 132 10.58 -13.61 -2.61
CA ASP A 132 10.95 -14.76 -3.43
C ASP A 132 10.56 -14.51 -4.88
N LEU A 133 9.31 -14.07 -5.04
CA LEU A 133 8.79 -13.77 -6.38
C LEU A 133 9.64 -12.69 -7.04
N ALA A 134 9.85 -11.60 -6.31
CA ALA A 134 10.61 -10.48 -6.84
C ALA A 134 12.01 -10.92 -7.25
N ASP A 135 12.59 -11.85 -6.50
CA ASP A 135 13.93 -12.32 -6.83
C ASP A 135 13.95 -12.94 -8.22
N ILE A 136 12.96 -13.78 -8.52
CA ILE A 136 12.90 -14.41 -9.83
C ILE A 136 12.63 -13.37 -10.91
N VAL A 137 11.63 -12.53 -10.65
CA VAL A 137 11.24 -11.47 -11.58
C VAL A 137 12.33 -10.41 -11.70
N PHE A 138 12.95 -10.09 -10.56
CA PHE A 138 13.98 -9.06 -10.51
C PHE A 138 15.14 -9.41 -11.45
N ASN A 139 15.61 -10.66 -11.38
CA ASN A 139 16.71 -11.08 -12.24
C ASN A 139 16.32 -10.94 -13.70
N LYS A 140 15.10 -11.35 -14.02
CA LYS A 140 14.60 -11.24 -15.39
C LYS A 140 14.52 -9.78 -15.82
N ILE A 141 14.05 -8.93 -14.91
CA ILE A 141 13.92 -7.51 -15.20
C ILE A 141 15.27 -6.88 -15.52
N ASP A 142 16.27 -7.21 -14.71
CA ASP A 142 17.62 -6.68 -14.91
C ASP A 142 18.49 -7.69 -15.65
N VAL A 143 18.36 -7.74 -16.97
CA VAL A 143 19.15 -8.67 -17.78
C VAL A 143 20.62 -8.26 -17.81
N ASN A 144 20.87 -6.97 -17.62
CA ASN A 144 22.25 -6.47 -17.63
C ASN A 144 22.87 -6.57 -16.24
N GLY A 145 22.10 -7.08 -15.29
CA GLY A 145 22.60 -7.22 -13.92
C GLY A 145 22.77 -5.86 -13.25
N ASP A 146 21.97 -4.88 -13.69
CA ASP A 146 22.06 -3.54 -13.12
C ASP A 146 21.76 -3.57 -11.63
N GLY A 147 20.72 -4.30 -11.24
CA GLY A 147 20.36 -4.41 -9.83
C GLY A 147 19.54 -3.20 -9.38
N GLU A 148 19.26 -2.30 -10.30
CA GLU A 148 18.49 -1.10 -9.97
C GLU A 148 17.33 -0.92 -10.96
N LEU A 149 16.14 -0.69 -10.43
CA LEU A 149 14.96 -0.52 -11.28
C LEU A 149 14.46 0.93 -11.24
N SER A 150 14.34 1.53 -12.41
CA SER A 150 13.86 2.91 -12.52
C SER A 150 12.34 2.95 -12.58
N LEU A 151 11.78 4.15 -12.49
CA LEU A 151 10.33 4.32 -12.51
C LEU A 151 9.75 3.80 -13.83
N GLU A 152 10.43 4.10 -14.94
CA GLU A 152 9.96 3.66 -16.25
C GLU A 152 9.90 2.13 -16.30
N GLU A 153 10.98 1.49 -15.85
CA GLU A 153 11.03 0.04 -15.85
C GLU A 153 9.97 -0.52 -14.90
N PHE A 154 9.79 0.15 -13.78
CA PHE A 154 8.81 -0.28 -12.78
C PHE A 154 7.40 -0.22 -13.36
N MET A 155 7.15 0.82 -14.16
CA MET A 155 5.85 0.98 -14.81
C MET A 155 5.57 -0.22 -15.70
N GLU A 156 6.63 -0.67 -16.36
CA GLU A 156 6.52 -1.83 -17.23
C GLU A 156 6.08 -3.04 -16.41
N GLY A 157 6.65 -3.15 -15.21
CA GLY A 157 6.35 -4.27 -14.33
C GLY A 157 4.86 -4.34 -13.99
N ILE A 158 4.23 -3.19 -13.74
CA ILE A 158 2.79 -3.19 -13.42
C ILE A 158 1.97 -3.59 -14.64
N SER A 159 2.35 -3.09 -15.81
CA SER A 159 1.64 -3.41 -17.03
C SER A 159 1.83 -4.88 -17.40
N ALA A 160 3.07 -5.34 -17.30
CA ALA A 160 3.41 -6.71 -17.65
C ALA A 160 2.73 -7.72 -16.72
N ASP A 161 2.42 -8.89 -17.27
CA ASP A 161 1.76 -9.94 -16.50
C ASP A 161 0.30 -9.57 -16.24
N GLU A 162 0.10 -8.37 -15.71
CA GLU A 162 -1.24 -7.89 -15.42
C GLU A 162 -1.86 -8.66 -14.25
N LYS A 163 -1.91 -9.97 -14.35
CA LYS A 163 -2.52 -10.77 -13.29
C LYS A 163 -1.99 -10.39 -11.92
N ILE A 164 -0.66 -10.41 -11.75
CA ILE A 164 -0.09 -10.04 -10.46
C ILE A 164 -0.45 -8.59 -10.12
N SER A 165 -0.26 -7.72 -11.09
CA SER A 165 -0.54 -6.30 -10.88
C SER A 165 -1.99 -6.10 -10.43
N GLU A 166 -2.93 -6.76 -11.11
CA GLU A 166 -4.34 -6.62 -10.74
C GLU A 166 -4.58 -7.08 -9.31
N MET A 167 -4.00 -8.22 -8.93
CA MET A 167 -4.19 -8.72 -7.57
C MET A 167 -3.64 -7.72 -6.57
N LEU A 168 -2.47 -7.17 -6.86
CA LEU A 168 -1.86 -6.18 -5.99
C LEU A 168 -2.72 -4.94 -5.94
N THR A 169 -3.27 -4.57 -7.09
CA THR A 169 -4.14 -3.41 -7.18
C THR A 169 -5.39 -3.64 -6.32
N GLN A 170 -5.93 -4.85 -6.43
CA GLN A 170 -7.11 -5.25 -5.67
C GLN A 170 -6.81 -5.27 -4.17
N SER A 171 -5.53 -5.33 -3.84
CA SER A 171 -5.13 -5.34 -2.43
C SER A 171 -5.53 -4.02 -1.78
N LEU A 172 -5.30 -2.94 -2.52
CA LEU A 172 -5.63 -1.60 -2.02
C LEU A 172 -7.08 -1.24 -2.31
N ASP A 173 -7.99 -2.12 -1.90
CA ASP A 173 -9.42 -1.88 -2.10
C ASP A 173 -10.03 -1.34 -0.82
N LEU A 174 -9.17 -1.00 0.13
CA LEU A 174 -9.62 -0.49 1.42
C LEU A 174 -10.21 -1.62 2.23
N THR A 175 -11.41 -2.06 1.90
CA THR A 175 -12.00 -3.16 2.64
C THR A 175 -10.89 -4.18 2.91
N ARG A 176 -10.07 -4.40 1.88
CA ARG A 176 -8.94 -5.33 2.00
C ARG A 176 -7.88 -4.75 2.93
N ILE A 177 -7.68 -3.43 2.88
CA ILE A 177 -6.68 -2.78 3.72
C ILE A 177 -7.06 -2.92 5.19
N VAL A 178 -8.34 -2.80 5.51
CA VAL A 178 -8.78 -2.94 6.89
C VAL A 178 -8.54 -4.37 7.38
N SER A 179 -8.89 -5.33 6.54
CA SER A 179 -8.71 -6.74 6.89
C SER A 179 -7.22 -7.04 7.06
N ASN A 180 -6.40 -6.41 6.22
CA ASN A 180 -4.96 -6.62 6.29
C ASN A 180 -4.43 -6.18 7.65
N ILE A 181 -4.94 -5.05 8.13
CA ILE A 181 -4.50 -4.54 9.42
C ILE A 181 -4.93 -5.49 10.54
N TYR A 182 -6.02 -6.21 10.31
CA TYR A 182 -6.53 -7.15 11.30
C TYR A 182 -7.19 -6.42 12.46
N ASN A 183 -8.33 -6.95 12.92
CA ASN A 183 -9.05 -6.34 14.03
C ASN A 183 -9.80 -7.39 14.82
N GLY A 2 -11.97 3.66 12.69
CA GLY A 2 -12.55 2.34 12.87
C GLY A 2 -13.54 2.35 14.04
N ASP A 3 -13.17 2.98 15.14
CA ASP A 3 -14.04 3.05 16.30
C ASP A 3 -15.21 3.99 16.02
N SER A 4 -14.91 5.12 15.36
CA SER A 4 -15.94 6.10 15.04
C SER A 4 -16.92 6.26 16.19
N SER A 5 -17.98 7.03 15.95
CA SER A 5 -18.99 7.23 16.98
C SER A 5 -19.63 5.89 17.32
N SER A 6 -19.93 5.13 16.27
CA SER A 6 -20.51 3.81 16.42
C SER A 6 -20.27 3.01 15.14
N MET A 7 -20.43 1.69 15.22
CA MET A 7 -20.24 0.84 14.05
C MET A 7 -18.74 0.67 13.77
N SER A 8 -18.36 0.45 12.51
CA SER A 8 -16.95 0.27 12.19
C SER A 8 -16.61 0.61 10.74
N ALA A 9 -15.33 0.46 10.39
CA ALA A 9 -14.85 0.75 9.05
C ALA A 9 -15.60 -0.11 8.03
N THR A 10 -16.16 -1.21 8.49
CA THR A 10 -16.93 -2.08 7.60
C THR A 10 -18.05 -1.25 7.02
N GLU A 11 -18.63 -0.40 7.86
CA GLU A 11 -19.70 0.48 7.45
C GLU A 11 -19.21 1.41 6.34
N LEU A 12 -17.96 1.86 6.48
CA LEU A 12 -17.37 2.73 5.48
C LEU A 12 -17.27 2.01 4.14
N SER A 13 -16.94 0.73 4.21
CA SER A 13 -16.82 -0.09 3.00
C SER A 13 -18.16 -0.16 2.28
N ALA A 14 -19.24 -0.25 3.04
CA ALA A 14 -20.57 -0.34 2.45
C ALA A 14 -20.87 0.89 1.61
N CYS A 15 -20.43 2.06 2.09
CA CYS A 15 -20.64 3.30 1.36
C CYS A 15 -19.43 3.56 0.47
N LYS A 16 -18.29 3.72 1.12
CA LYS A 16 -17.03 3.93 0.41
C LYS A 16 -17.25 4.76 -0.85
N CYS A 17 -17.28 6.08 -0.69
CA CYS A 17 -17.48 6.96 -1.85
C CYS A 17 -16.29 7.90 -2.03
N HIS A 18 -15.61 7.75 -3.16
CA HIS A 18 -14.42 8.55 -3.46
C HIS A 18 -14.56 10.00 -2.96
N GLN A 19 -15.78 10.53 -2.95
CA GLN A 19 -15.99 11.90 -2.48
C GLN A 19 -15.81 11.95 -0.96
N TRP A 20 -16.19 10.85 -0.32
CA TRP A 20 -16.11 10.76 1.13
C TRP A 20 -14.72 11.15 1.61
N TYR A 21 -13.69 10.57 1.02
CA TYR A 21 -12.32 10.86 1.43
C TYR A 21 -12.01 12.34 1.31
N ALA A 22 -12.58 12.99 0.30
CA ALA A 22 -12.34 14.42 0.12
C ALA A 22 -12.81 15.16 1.36
N LYS A 23 -13.93 14.70 1.91
CA LYS A 23 -14.46 15.30 3.14
C LYS A 23 -13.44 15.08 4.26
N PHE A 24 -12.81 13.92 4.25
CA PHE A 24 -11.79 13.61 5.25
C PHE A 24 -10.71 14.68 5.22
N MET A 25 -9.98 14.73 4.12
CA MET A 25 -8.89 15.69 3.99
C MET A 25 -9.41 17.11 4.24
N THR A 26 -10.69 17.33 3.93
CA THR A 26 -11.28 18.64 4.14
C THR A 26 -11.30 18.97 5.63
N GLU A 27 -11.63 17.98 6.44
CA GLU A 27 -11.67 18.17 7.89
C GLU A 27 -10.24 18.22 8.44
N CYS A 28 -10.05 19.01 9.50
CA CYS A 28 -8.74 19.13 10.10
C CYS A 28 -7.82 19.97 9.20
N PRO A 29 -7.44 21.13 9.64
CA PRO A 29 -6.56 22.05 8.86
C PRO A 29 -5.15 21.49 8.70
N SER A 30 -4.47 21.90 7.63
CA SER A 30 -3.12 21.43 7.36
C SER A 30 -3.17 20.07 6.65
N GLY A 31 -2.38 19.12 7.13
CA GLY A 31 -2.35 17.80 6.51
C GLY A 31 -1.37 16.88 7.23
N GLN A 32 -1.25 15.64 6.75
CA GLN A 32 -0.34 14.67 7.35
C GLN A 32 -0.83 14.30 8.75
N LEU A 33 -0.85 13.00 9.03
CA LEU A 33 -1.29 12.54 10.34
C LEU A 33 -0.19 11.75 11.03
N THR A 34 -0.02 11.98 12.32
CA THR A 34 0.99 11.26 13.07
C THR A 34 0.57 9.81 13.22
N PHE A 35 1.46 8.98 13.71
CA PHE A 35 1.14 7.57 13.88
C PHE A 35 -0.15 7.39 14.67
N TYR A 36 -0.24 8.07 15.82
CA TYR A 36 -1.42 7.96 16.66
C TYR A 36 -2.65 8.48 15.92
N GLU A 37 -2.49 9.60 15.23
CA GLU A 37 -3.60 10.17 14.49
C GLU A 37 -4.01 9.23 13.36
N PHE A 38 -3.01 8.66 12.68
CA PHE A 38 -3.29 7.73 11.61
C PHE A 38 -4.04 6.52 12.15
N LYS A 39 -3.48 5.94 13.21
CA LYS A 39 -4.06 4.75 13.79
C LYS A 39 -5.51 5.00 14.18
N LYS A 40 -5.79 6.14 14.82
CA LYS A 40 -7.17 6.45 15.17
C LYS A 40 -7.99 6.62 13.89
N PHE A 41 -7.45 7.43 12.98
CA PHE A 41 -8.10 7.71 11.71
C PHE A 41 -8.17 6.47 10.83
N PHE A 42 -7.24 5.53 11.07
CA PHE A 42 -7.20 4.31 10.27
C PHE A 42 -7.91 3.16 10.97
N GLY A 43 -7.44 2.78 12.16
CA GLY A 43 -8.05 1.66 12.89
C GLY A 43 -7.28 1.34 14.17
N LEU A 44 -7.57 0.19 14.76
CA LEU A 44 -6.91 -0.25 15.99
C LEU A 44 -5.41 0.04 15.93
N LYS A 45 -4.81 0.31 17.08
CA LYS A 45 -3.40 0.62 17.14
C LYS A 45 -2.54 -0.63 17.00
N ASN A 46 -2.66 -1.55 17.96
CA ASN A 46 -1.88 -2.78 17.92
C ASN A 46 -2.48 -3.84 18.87
N LEU A 47 -1.88 -5.03 18.89
CA LEU A 47 -2.36 -6.10 19.75
C LEU A 47 -1.23 -7.05 20.13
N SER A 48 -0.37 -7.37 19.17
CA SER A 48 0.74 -8.28 19.40
C SER A 48 1.92 -7.96 18.49
N GLU A 49 2.88 -8.87 18.42
CA GLU A 49 4.05 -8.67 17.56
C GLU A 49 3.59 -8.52 16.11
N LYS A 50 2.44 -9.10 15.80
CA LYS A 50 1.91 -8.99 14.45
C LYS A 50 1.76 -7.52 14.11
N SER A 51 1.09 -6.80 15.00
CA SER A 51 0.87 -5.37 14.78
C SER A 51 2.19 -4.65 14.58
N ASN A 52 3.26 -5.20 15.16
CA ASN A 52 4.57 -4.58 15.00
C ASN A 52 4.96 -4.55 13.52
N ALA A 53 4.76 -5.70 12.85
CA ALA A 53 5.07 -5.81 11.43
C ALA A 53 4.00 -5.12 10.58
N TYR A 54 2.85 -4.90 11.19
CA TYR A 54 1.75 -4.21 10.53
C TYR A 54 1.88 -2.71 10.71
N VAL A 55 2.71 -2.32 11.66
CA VAL A 55 2.96 -0.91 11.94
C VAL A 55 4.03 -0.39 11.01
N ASN A 56 5.17 -1.08 11.00
CA ASN A 56 6.26 -0.68 10.14
C ASN A 56 5.95 -1.01 8.69
N THR A 57 5.24 -2.11 8.46
CA THR A 57 4.89 -2.49 7.11
C THR A 57 3.86 -1.54 6.53
N MET A 58 2.83 -1.23 7.32
CA MET A 58 1.79 -0.34 6.85
C MET A 58 2.28 1.09 6.74
N PHE A 59 3.00 1.55 7.77
CA PHE A 59 3.49 2.91 7.76
C PHE A 59 4.62 3.06 6.74
N LYS A 60 5.48 2.03 6.65
CA LYS A 60 6.58 2.06 5.71
C LYS A 60 6.07 2.14 4.27
N THR A 61 5.00 1.40 3.98
CA THR A 61 4.46 1.39 2.64
C THR A 61 3.88 2.77 2.28
N PHE A 62 3.26 3.42 3.26
CA PHE A 62 2.68 4.74 3.03
C PHE A 62 3.56 5.87 3.51
N ASP A 63 4.65 5.54 4.20
CA ASP A 63 5.55 6.57 4.71
C ASP A 63 6.51 7.01 3.61
N ILE A 64 6.14 8.06 2.89
CA ILE A 64 6.97 8.59 1.81
C ILE A 64 7.80 9.76 2.32
N ASP A 65 7.13 10.71 2.97
CA ASP A 65 7.81 11.88 3.51
C ASP A 65 8.83 11.47 4.56
N ASP A 66 8.47 10.47 5.36
CA ASP A 66 9.36 10.00 6.42
C ASP A 66 9.63 11.13 7.42
N ASP A 67 8.58 11.88 7.74
CA ASP A 67 8.68 12.98 8.68
C ASP A 67 8.19 12.55 10.05
N GLY A 68 7.98 11.24 10.21
CA GLY A 68 7.49 10.71 11.48
C GLY A 68 5.98 10.63 11.47
N CYS A 69 5.38 10.90 10.31
CA CYS A 69 3.94 10.85 10.16
C CYS A 69 3.56 10.48 8.73
N ILE A 70 2.30 10.09 8.53
CA ILE A 70 1.82 9.71 7.20
C ILE A 70 1.22 10.90 6.47
N ASP A 71 1.60 11.05 5.20
CA ASP A 71 1.09 12.13 4.36
C ASP A 71 -0.16 11.67 3.64
N PHE A 72 -1.32 12.22 4.02
CA PHE A 72 -2.58 11.84 3.39
C PHE A 72 -2.52 12.00 1.88
N MET A 73 -3.61 12.49 1.29
CA MET A 73 -3.67 12.67 -0.15
C MET A 73 -3.81 11.32 -0.83
N GLU A 74 -3.01 10.36 -0.38
CA GLU A 74 -3.05 9.02 -0.91
C GLU A 74 -4.34 8.32 -0.50
N TYR A 75 -5.01 8.86 0.51
CA TYR A 75 -6.24 8.26 0.99
C TYR A 75 -7.29 8.27 -0.13
N VAL A 76 -7.39 9.38 -0.83
CA VAL A 76 -8.34 9.48 -1.95
C VAL A 76 -7.94 8.49 -3.03
N ALA A 77 -6.64 8.42 -3.28
CA ALA A 77 -6.10 7.51 -4.28
C ALA A 77 -6.46 6.07 -3.90
N ALA A 78 -6.46 5.82 -2.60
CA ALA A 78 -6.78 4.49 -2.08
C ALA A 78 -8.21 4.10 -2.49
N LEU A 79 -9.12 5.08 -2.43
CA LEU A 79 -10.51 4.82 -2.79
C LEU A 79 -10.62 4.52 -4.29
N SER A 80 -9.89 5.29 -5.10
CA SER A 80 -9.88 5.10 -6.55
C SER A 80 -9.01 3.89 -6.90
N LEU A 81 -8.26 3.44 -5.92
CA LEU A 81 -7.36 2.31 -6.10
C LEU A 81 -8.17 1.07 -6.51
N VAL A 82 -9.30 0.86 -5.83
CA VAL A 82 -10.16 -0.27 -6.13
C VAL A 82 -11.28 0.14 -7.06
N LEU A 83 -11.91 1.28 -6.76
CA LEU A 83 -13.02 1.78 -7.56
C LEU A 83 -12.53 2.30 -8.90
N LYS A 84 -13.46 2.78 -9.72
CA LYS A 84 -13.12 3.32 -11.03
C LYS A 84 -12.11 4.45 -10.91
N GLY A 85 -11.03 4.37 -11.69
CA GLY A 85 -10.00 5.39 -11.66
C GLY A 85 -8.92 5.10 -12.70
N GLY A 86 -7.95 6.00 -12.78
CA GLY A 86 -6.86 5.85 -13.75
C GLY A 86 -5.89 4.75 -13.31
N VAL A 87 -5.11 4.26 -14.27
CA VAL A 87 -4.12 3.22 -14.00
C VAL A 87 -2.94 3.81 -13.24
N GLN A 88 -2.83 5.13 -13.23
CA GLN A 88 -1.73 5.77 -12.53
C GLN A 88 -1.84 5.52 -11.03
N GLN A 89 -3.08 5.36 -10.55
CA GLN A 89 -3.30 5.11 -9.13
C GLN A 89 -2.71 3.77 -8.72
N LYS A 90 -2.91 2.75 -9.55
CA LYS A 90 -2.37 1.43 -9.25
C LYS A 90 -0.85 1.45 -9.38
N LEU A 91 -0.34 2.40 -10.17
CA LEU A 91 1.10 2.52 -10.34
C LEU A 91 1.71 2.91 -9.00
N ARG A 92 1.09 3.86 -8.33
CA ARG A 92 1.60 4.29 -7.03
C ARG A 92 1.60 3.09 -6.10
N TRP A 93 0.43 2.53 -5.80
CA TRP A 93 0.34 1.40 -4.89
C TRP A 93 1.25 0.28 -5.34
N TYR A 94 1.71 0.36 -6.58
CA TYR A 94 2.65 -0.63 -7.04
C TYR A 94 4.03 -0.20 -6.58
N PHE A 95 4.49 0.92 -7.13
CA PHE A 95 5.82 1.43 -6.80
C PHE A 95 5.94 1.67 -5.29
N LYS A 96 4.89 2.22 -4.68
CA LYS A 96 4.93 2.49 -3.25
C LYS A 96 5.11 1.19 -2.47
N LEU A 97 4.32 0.18 -2.81
CA LEU A 97 4.42 -1.12 -2.15
C LEU A 97 5.72 -1.80 -2.53
N PHE A 98 6.22 -1.46 -3.71
CA PHE A 98 7.46 -2.04 -4.21
C PHE A 98 8.63 -1.09 -4.03
N ASP A 99 8.51 -0.16 -3.08
CA ASP A 99 9.59 0.79 -2.83
C ASP A 99 9.62 1.18 -1.36
N MET A 100 10.60 2.01 -1.00
CA MET A 100 10.74 2.48 0.37
C MET A 100 11.39 3.85 0.40
N ASP A 101 12.67 3.88 0.72
CA ASP A 101 13.41 5.14 0.78
C ASP A 101 14.59 5.09 -0.20
N GLY A 102 14.49 5.84 -1.29
CA GLY A 102 15.56 5.86 -2.28
C GLY A 102 15.49 7.11 -3.15
N SER A 103 16.43 7.22 -4.08
CA SER A 103 16.49 8.37 -4.98
C SER A 103 15.71 8.07 -6.26
N GLY A 104 15.00 6.95 -6.28
CA GLY A 104 14.23 6.57 -7.44
C GLY A 104 14.71 5.24 -8.00
N CYS A 105 15.72 4.67 -7.35
CA CYS A 105 16.26 3.38 -7.78
C CYS A 105 15.79 2.27 -6.84
N ILE A 106 15.17 1.25 -7.41
CA ILE A 106 14.66 0.14 -6.60
C ILE A 106 15.65 -1.01 -6.58
N ASP A 107 16.10 -1.37 -5.37
CA ASP A 107 17.04 -2.47 -5.21
C ASP A 107 16.33 -3.69 -4.65
N LYS A 108 16.65 -4.86 -5.18
CA LYS A 108 16.01 -6.10 -4.73
C LYS A 108 16.29 -6.33 -3.24
N ASP A 109 17.41 -5.82 -2.75
CA ASP A 109 17.75 -6.01 -1.34
C ASP A 109 16.70 -5.37 -0.43
N GLU A 110 16.28 -4.16 -0.79
CA GLU A 110 15.26 -3.46 0.00
C GLU A 110 13.87 -3.80 -0.50
N LEU A 111 13.72 -3.88 -1.83
CA LEU A 111 12.44 -4.16 -2.45
C LEU A 111 11.86 -5.50 -1.99
N LEU A 112 12.71 -6.49 -1.80
CA LEU A 112 12.22 -7.78 -1.34
C LEU A 112 11.65 -7.63 0.06
N LEU A 113 12.38 -6.95 0.92
CA LEU A 113 11.91 -6.73 2.29
C LEU A 113 10.63 -5.92 2.26
N ILE A 114 10.58 -4.93 1.39
CA ILE A 114 9.39 -4.10 1.27
C ILE A 114 8.21 -4.96 0.81
N PHE A 115 8.33 -5.52 -0.39
CA PHE A 115 7.26 -6.36 -0.93
C PHE A 115 6.91 -7.45 0.08
N LYS A 116 7.93 -7.99 0.74
CA LYS A 116 7.73 -9.03 1.74
C LYS A 116 6.80 -8.57 2.86
N ALA A 117 6.98 -7.33 3.31
CA ALA A 117 6.15 -6.81 4.39
C ALA A 117 4.69 -6.81 3.96
N VAL A 118 4.42 -6.35 2.74
CA VAL A 118 3.05 -6.32 2.25
C VAL A 118 2.53 -7.73 2.04
N GLN A 119 3.44 -8.69 1.86
CA GLN A 119 3.04 -10.08 1.68
C GLN A 119 2.88 -10.72 3.06
N ALA A 120 3.58 -10.18 4.04
CA ALA A 120 3.53 -10.67 5.40
C ALA A 120 2.22 -10.21 6.05
N ILE A 121 1.52 -9.34 5.34
CA ILE A 121 0.25 -8.80 5.83
C ILE A 121 -0.84 -9.86 5.86
N ASN A 122 -0.47 -11.11 5.67
CA ASN A 122 -1.45 -12.20 5.69
C ASN A 122 -1.41 -12.94 7.02
N GLY A 123 -2.44 -12.74 7.84
CA GLY A 123 -2.51 -13.42 9.13
C GLY A 123 -2.56 -14.92 8.92
N ALA A 124 -3.33 -15.33 7.92
CA ALA A 124 -3.45 -16.74 7.57
C ALA A 124 -2.50 -17.05 6.43
N GLU A 125 -2.16 -18.33 6.25
CA GLU A 125 -1.23 -18.69 5.18
C GLU A 125 -1.87 -18.42 3.83
N PRO A 126 -1.26 -17.55 3.06
CA PRO A 126 -1.76 -17.18 1.70
C PRO A 126 -1.47 -18.26 0.67
N GLU A 127 -2.27 -18.30 -0.40
CA GLU A 127 -2.06 -19.30 -1.43
C GLU A 127 -0.68 -19.10 -2.05
N ILE A 128 -0.33 -17.84 -2.30
CA ILE A 128 0.96 -17.52 -2.88
C ILE A 128 1.30 -16.05 -2.60
N SER A 129 2.27 -15.82 -1.70
CA SER A 129 2.68 -14.46 -1.35
C SER A 129 3.35 -13.77 -2.52
N ALA A 130 3.44 -12.45 -2.42
CA ALA A 130 4.05 -11.62 -3.46
C ALA A 130 5.56 -11.90 -3.58
N GLU A 131 6.11 -12.56 -2.59
CA GLU A 131 7.55 -12.85 -2.60
C GLU A 131 7.92 -13.67 -3.84
N ASP A 132 7.20 -14.76 -4.09
CA ASP A 132 7.49 -15.61 -5.24
C ASP A 132 7.33 -14.82 -6.54
N LEU A 133 6.28 -14.00 -6.60
CA LEU A 133 6.05 -13.19 -7.79
C LEU A 133 7.19 -12.19 -7.96
N ALA A 134 7.56 -11.55 -6.85
CA ALA A 134 8.62 -10.55 -6.87
C ALA A 134 9.92 -11.15 -7.37
N ASP A 135 10.25 -12.36 -6.93
CA ASP A 135 11.47 -13.00 -7.37
C ASP A 135 11.44 -13.22 -8.88
N ILE A 136 10.33 -13.76 -9.36
CA ILE A 136 10.18 -14.01 -10.79
C ILE A 136 10.18 -12.68 -11.55
N VAL A 137 9.42 -11.72 -11.03
CA VAL A 137 9.32 -10.41 -11.66
C VAL A 137 10.67 -9.70 -11.68
N PHE A 138 11.36 -9.70 -10.54
CA PHE A 138 12.65 -9.02 -10.47
C PHE A 138 13.63 -9.64 -11.46
N ASN A 139 13.74 -10.97 -11.42
CA ASN A 139 14.61 -11.69 -12.33
C ASN A 139 14.12 -11.59 -13.77
N LYS A 140 12.80 -11.61 -13.92
CA LYS A 140 12.18 -11.56 -15.25
C LYS A 140 12.54 -10.27 -15.99
N ILE A 141 12.53 -9.13 -15.30
CA ILE A 141 12.85 -7.87 -15.95
C ILE A 141 14.30 -7.47 -15.76
N ASP A 142 15.15 -7.89 -16.69
CA ASP A 142 16.57 -7.55 -16.63
C ASP A 142 16.88 -6.44 -17.63
N VAL A 143 16.66 -5.19 -17.22
CA VAL A 143 16.92 -4.06 -18.11
C VAL A 143 18.43 -3.82 -18.23
N ASN A 144 19.10 -3.71 -17.10
CA ASN A 144 20.54 -3.48 -17.10
C ASN A 144 21.29 -4.70 -16.56
N GLY A 145 20.57 -5.54 -15.83
CA GLY A 145 21.18 -6.73 -15.25
C GLY A 145 21.99 -6.37 -14.00
N ASP A 146 21.83 -5.13 -13.55
CA ASP A 146 22.54 -4.66 -12.37
C ASP A 146 21.76 -4.99 -11.10
N GLY A 147 20.55 -5.51 -11.27
CA GLY A 147 19.72 -5.86 -10.13
C GLY A 147 18.98 -4.64 -9.59
N GLU A 148 19.13 -3.50 -10.27
CA GLU A 148 18.46 -2.27 -9.85
C GLU A 148 17.36 -1.91 -10.84
N LEU A 149 16.21 -1.49 -10.33
CA LEU A 149 15.09 -1.12 -11.18
C LEU A 149 14.76 0.37 -11.06
N SER A 150 14.92 1.10 -12.17
CA SER A 150 14.63 2.53 -12.19
C SER A 150 13.14 2.77 -12.03
N LEU A 151 12.78 3.95 -11.53
CA LEU A 151 11.38 4.30 -11.31
C LEU A 151 10.58 4.23 -12.61
N GLU A 152 11.09 4.83 -13.68
CA GLU A 152 10.35 4.80 -14.94
C GLU A 152 10.18 3.37 -15.41
N GLU A 153 11.26 2.60 -15.42
CA GLU A 153 11.20 1.21 -15.86
C GLU A 153 10.24 0.41 -14.98
N PHE A 154 10.24 0.71 -13.69
CA PHE A 154 9.36 0.01 -12.77
C PHE A 154 7.92 0.26 -13.20
N MET A 155 7.61 1.53 -13.45
CA MET A 155 6.25 1.91 -13.84
C MET A 155 5.83 1.14 -15.08
N GLU A 156 6.70 1.08 -16.09
CA GLU A 156 6.37 0.32 -17.29
C GLU A 156 6.18 -1.13 -16.88
N GLY A 157 7.07 -1.59 -16.01
CA GLY A 157 7.03 -2.95 -15.52
C GLY A 157 5.62 -3.30 -15.08
N ILE A 158 4.92 -2.33 -14.49
CA ILE A 158 3.56 -2.56 -14.05
C ILE A 158 2.66 -2.76 -15.27
N SER A 159 2.78 -1.88 -16.26
CA SER A 159 1.96 -2.00 -17.45
C SER A 159 2.26 -3.33 -18.15
N ALA A 160 3.55 -3.63 -18.30
CA ALA A 160 3.96 -4.85 -18.97
C ALA A 160 3.01 -5.99 -18.63
N ASP A 161 2.64 -6.76 -19.64
CA ASP A 161 1.71 -7.85 -19.43
C ASP A 161 0.43 -7.30 -18.82
N GLU A 162 -0.01 -7.89 -17.70
CA GLU A 162 -1.23 -7.41 -17.05
C GLU A 162 -1.61 -8.33 -15.90
N LYS A 163 -1.29 -9.61 -16.02
CA LYS A 163 -1.67 -10.57 -15.00
C LYS A 163 -1.09 -10.22 -13.63
N ILE A 164 0.17 -9.82 -13.57
CA ILE A 164 0.74 -9.43 -12.27
C ILE A 164 0.12 -8.12 -11.84
N SER A 165 0.20 -7.14 -12.73
CA SER A 165 -0.32 -5.81 -12.45
C SER A 165 -1.75 -5.92 -11.93
N GLU A 166 -2.55 -6.73 -12.59
CA GLU A 166 -3.94 -6.95 -12.17
C GLU A 166 -3.95 -7.59 -10.80
N MET A 167 -3.02 -8.52 -10.56
CA MET A 167 -2.96 -9.18 -9.27
C MET A 167 -2.74 -8.16 -8.15
N LEU A 168 -1.79 -7.25 -8.38
CA LEU A 168 -1.50 -6.21 -7.39
C LEU A 168 -2.72 -5.30 -7.24
N THR A 169 -3.37 -5.04 -8.38
CA THR A 169 -4.56 -4.18 -8.40
C THR A 169 -5.70 -4.84 -7.64
N GLN A 170 -5.87 -6.14 -7.84
CA GLN A 170 -6.92 -6.91 -7.17
C GLN A 170 -6.63 -7.06 -5.68
N SER A 171 -5.35 -7.24 -5.35
CA SER A 171 -4.96 -7.41 -3.96
C SER A 171 -5.35 -6.18 -3.15
N LEU A 172 -5.02 -5.00 -3.68
CA LEU A 172 -5.34 -3.75 -3.00
C LEU A 172 -6.84 -3.47 -3.08
N ASP A 173 -7.59 -4.01 -2.12
CA ASP A 173 -9.03 -3.80 -2.09
C ASP A 173 -9.38 -2.67 -1.14
N LEU A 174 -10.26 -2.94 -0.18
CA LEU A 174 -10.66 -1.93 0.79
C LEU A 174 -11.10 -2.60 2.09
N THR A 175 -12.22 -3.30 2.03
CA THR A 175 -12.73 -4.00 3.20
C THR A 175 -11.71 -5.03 3.66
N ARG A 176 -11.17 -5.77 2.69
CA ARG A 176 -10.17 -6.78 2.99
C ARG A 176 -8.92 -6.13 3.58
N ILE A 177 -8.49 -5.02 2.97
CA ILE A 177 -7.30 -4.32 3.45
C ILE A 177 -7.54 -3.81 4.88
N VAL A 178 -8.71 -3.22 5.10
CA VAL A 178 -9.06 -2.71 6.41
C VAL A 178 -9.15 -3.84 7.43
N SER A 179 -9.77 -4.94 7.02
CA SER A 179 -9.93 -6.10 7.88
C SER A 179 -8.57 -6.65 8.28
N ASN A 180 -7.63 -6.67 7.35
CA ASN A 180 -6.30 -7.18 7.65
C ASN A 180 -5.67 -6.35 8.75
N ILE A 181 -5.77 -5.03 8.64
CA ILE A 181 -5.22 -4.14 9.66
C ILE A 181 -5.95 -4.33 10.97
N TYR A 182 -7.28 -4.39 10.90
CA TYR A 182 -8.10 -4.57 12.09
C TYR A 182 -7.91 -5.97 12.68
N ASN A 183 -7.72 -6.01 13.99
CA ASN A 183 -7.51 -7.29 14.67
C ASN A 183 -8.38 -8.37 14.06
N GLY A 2 -6.44 -1.04 14.28
CA GLY A 2 -5.47 -2.07 14.57
C GLY A 2 -4.92 -1.90 15.99
N ASP A 3 -4.68 -0.65 16.37
CA ASP A 3 -4.14 -0.38 17.70
C ASP A 3 -5.23 0.08 18.68
N SER A 4 -6.11 0.97 18.23
CA SER A 4 -7.18 1.47 19.10
C SER A 4 -8.28 0.42 19.29
N SER A 5 -8.95 0.51 20.44
CA SER A 5 -10.04 -0.41 20.76
C SER A 5 -11.23 -0.21 19.81
N SER A 6 -11.56 1.05 19.55
CA SER A 6 -12.69 1.38 18.69
C SER A 6 -12.46 0.90 17.26
N MET A 7 -13.55 0.46 16.63
CA MET A 7 -13.48 -0.03 15.25
C MET A 7 -14.61 0.58 14.42
N SER A 8 -14.35 0.79 13.14
CA SER A 8 -15.36 1.35 12.24
C SER A 8 -14.82 1.48 10.82
N ALA A 9 -13.74 0.75 10.54
CA ALA A 9 -13.13 0.79 9.22
C ALA A 9 -14.10 0.31 8.14
N THR A 10 -14.87 -0.73 8.46
CA THR A 10 -15.83 -1.28 7.51
C THR A 10 -16.93 -0.26 7.20
N GLU A 11 -17.30 0.53 8.21
CA GLU A 11 -18.34 1.53 8.02
C GLU A 11 -17.91 2.56 6.98
N LEU A 12 -16.63 2.96 7.02
CA LEU A 12 -16.11 3.93 6.06
C LEU A 12 -16.17 3.36 4.65
N SER A 13 -15.84 2.07 4.53
CA SER A 13 -15.83 1.40 3.24
C SER A 13 -17.25 1.22 2.72
N ALA A 14 -18.23 1.33 3.62
CA ALA A 14 -19.63 1.15 3.25
C ALA A 14 -20.04 2.16 2.18
N CYS A 15 -19.53 3.39 2.30
CA CYS A 15 -19.86 4.43 1.33
C CYS A 15 -18.77 4.52 0.27
N LYS A 16 -17.56 4.77 0.72
CA LYS A 16 -16.41 4.87 -0.18
C LYS A 16 -16.83 5.46 -1.53
N CYS A 17 -17.28 6.71 -1.51
CA CYS A 17 -17.71 7.37 -2.73
C CYS A 17 -16.80 8.56 -3.06
N HIS A 18 -15.51 8.41 -2.77
CA HIS A 18 -14.54 9.47 -3.03
C HIS A 18 -14.78 10.68 -2.14
N GLN A 19 -16.05 10.97 -1.87
CA GLN A 19 -16.42 12.08 -1.01
C GLN A 19 -15.97 11.83 0.42
N TRP A 20 -16.07 10.57 0.84
CA TRP A 20 -15.72 10.20 2.20
C TRP A 20 -14.38 10.82 2.63
N TYR A 21 -13.34 10.65 1.81
CA TYR A 21 -12.03 11.19 2.18
C TYR A 21 -12.11 12.70 2.38
N ALA A 22 -12.89 13.38 1.56
CA ALA A 22 -13.03 14.83 1.71
C ALA A 22 -13.59 15.13 3.10
N LYS A 23 -14.54 14.32 3.52
CA LYS A 23 -15.15 14.47 4.84
C LYS A 23 -14.07 14.25 5.90
N PHE A 24 -13.16 13.34 5.59
CA PHE A 24 -12.06 13.03 6.49
C PHE A 24 -11.29 14.31 6.81
N MET A 25 -10.63 14.87 5.80
CA MET A 25 -9.86 16.09 6.02
C MET A 25 -10.75 17.22 6.49
N THR A 26 -12.01 17.19 6.06
CA THR A 26 -12.97 18.21 6.43
C THR A 26 -13.32 18.13 7.92
N GLU A 27 -13.47 16.90 8.42
CA GLU A 27 -13.82 16.72 9.83
C GLU A 27 -12.73 17.29 10.74
N CYS A 28 -11.48 16.96 10.43
CA CYS A 28 -10.36 17.45 11.23
C CYS A 28 -9.15 17.73 10.35
N PRO A 29 -9.23 18.71 9.50
CA PRO A 29 -8.12 19.08 8.59
C PRO A 29 -6.92 19.65 9.34
N SER A 30 -5.73 19.25 8.92
CA SER A 30 -4.50 19.73 9.55
C SER A 30 -3.33 19.64 8.59
N GLY A 31 -3.58 19.12 7.40
CA GLY A 31 -2.53 18.98 6.40
C GLY A 31 -1.71 17.72 6.64
N GLN A 32 -2.09 16.97 7.68
CA GLN A 32 -1.38 15.74 8.02
C GLN A 32 -2.16 14.98 9.09
N LEU A 33 -1.98 13.67 9.13
CA LEU A 33 -2.69 12.86 10.13
C LEU A 33 -1.70 12.09 10.98
N THR A 34 -1.84 12.23 12.30
CA THR A 34 -0.96 11.53 13.21
C THR A 34 -1.39 10.06 13.30
N PHE A 35 -0.55 9.25 13.91
CA PHE A 35 -0.87 7.84 14.05
C PHE A 35 -2.11 7.66 14.94
N TYR A 36 -2.43 8.70 15.72
CA TYR A 36 -3.59 8.64 16.60
C TYR A 36 -4.87 8.93 15.81
N GLU A 37 -4.79 9.93 14.92
CA GLU A 37 -5.93 10.29 14.08
C GLU A 37 -6.26 9.15 13.14
N PHE A 38 -5.23 8.40 12.77
CA PHE A 38 -5.40 7.25 11.90
C PHE A 38 -6.15 6.15 12.64
N LYS A 39 -5.85 6.02 13.93
CA LYS A 39 -6.51 4.98 14.73
C LYS A 39 -8.01 5.20 14.74
N LYS A 40 -8.46 6.44 14.91
CA LYS A 40 -9.90 6.70 14.89
C LYS A 40 -10.45 6.49 13.49
N PHE A 41 -9.79 7.12 12.53
CA PHE A 41 -10.21 7.05 11.14
C PHE A 41 -10.24 5.61 10.61
N PHE A 42 -9.51 4.70 11.26
CA PHE A 42 -9.51 3.32 10.80
C PHE A 42 -9.79 2.34 11.93
N GLY A 43 -10.46 1.22 11.59
CA GLY A 43 -10.82 0.20 12.57
C GLY A 43 -10.15 -1.15 12.27
N LEU A 44 -10.59 -2.19 12.97
CA LEU A 44 -10.06 -3.54 12.77
C LEU A 44 -8.66 -3.70 13.35
N LYS A 45 -8.38 -4.89 13.87
CA LYS A 45 -7.07 -5.19 14.45
C LYS A 45 -6.81 -6.69 14.49
N ASN A 46 -5.53 -7.06 14.59
CA ASN A 46 -5.14 -8.47 14.64
C ASN A 46 -3.75 -8.60 15.26
N LEU A 47 -3.61 -9.53 16.20
CA LEU A 47 -2.32 -9.73 16.86
C LEU A 47 -1.55 -10.87 16.21
N SER A 48 -0.38 -10.56 15.68
CA SER A 48 0.46 -11.56 15.02
C SER A 48 1.72 -10.93 14.46
N GLU A 49 2.68 -11.77 14.08
CA GLU A 49 3.94 -11.25 13.56
C GLU A 49 3.66 -10.20 12.49
N LYS A 50 2.69 -10.45 11.62
CA LYS A 50 2.33 -9.49 10.59
C LYS A 50 1.75 -8.25 11.24
N SER A 51 1.27 -8.43 12.47
CA SER A 51 0.66 -7.32 13.21
C SER A 51 1.70 -6.20 13.38
N ASN A 52 2.88 -6.54 13.87
CA ASN A 52 3.93 -5.55 14.02
C ASN A 52 4.29 -4.98 12.65
N ALA A 53 4.38 -5.87 11.68
CA ALA A 53 4.70 -5.48 10.33
C ALA A 53 3.56 -4.67 9.72
N TYR A 54 2.36 -4.80 10.30
CA TYR A 54 1.20 -4.08 9.79
C TYR A 54 1.22 -2.62 10.23
N VAL A 55 1.92 -2.35 11.31
CA VAL A 55 2.02 -0.98 11.78
C VAL A 55 3.12 -0.26 11.02
N ASN A 56 4.29 -0.86 10.99
CA ASN A 56 5.43 -0.29 10.29
C ASN A 56 5.20 -0.33 8.79
N THR A 57 4.64 -1.42 8.28
CA THR A 57 4.41 -1.55 6.86
C THR A 57 3.37 -0.54 6.38
N MET A 58 2.28 -0.41 7.14
CA MET A 58 1.22 0.51 6.74
C MET A 58 1.71 1.96 6.81
N PHE A 59 2.44 2.31 7.87
CA PHE A 59 2.94 3.66 8.03
C PHE A 59 4.04 3.93 7.02
N LYS A 60 4.93 2.94 6.84
CA LYS A 60 6.03 3.06 5.90
C LYS A 60 5.53 2.91 4.47
N THR A 61 4.28 2.44 4.32
CA THR A 61 3.70 2.25 3.01
C THR A 61 3.15 3.57 2.45
N PHE A 62 2.52 4.36 3.32
CA PHE A 62 1.97 5.64 2.89
C PHE A 62 2.89 6.78 3.31
N ASP A 63 3.71 6.53 4.32
CA ASP A 63 4.65 7.54 4.81
C ASP A 63 6.00 7.40 4.12
N ILE A 64 6.80 8.46 4.21
CA ILE A 64 8.12 8.46 3.59
C ILE A 64 9.17 8.81 4.63
N ASP A 65 10.25 8.04 4.68
CA ASP A 65 11.31 8.29 5.65
C ASP A 65 10.80 8.00 7.06
N ASP A 66 11.32 8.74 8.03
CA ASP A 66 10.90 8.55 9.42
C ASP A 66 9.96 9.67 9.85
N ASP A 67 8.81 9.29 10.39
CA ASP A 67 7.83 10.28 10.85
C ASP A 67 6.80 9.64 11.77
N GLY A 68 6.26 10.45 12.69
CA GLY A 68 5.26 9.94 13.63
C GLY A 68 3.85 10.17 13.08
N CYS A 69 3.77 10.76 11.90
CA CYS A 69 2.48 11.02 11.27
C CYS A 69 2.62 11.04 9.76
N ILE A 70 1.49 10.94 9.05
CA ILE A 70 1.53 10.96 7.59
C ILE A 70 0.74 12.14 7.03
N ASP A 71 1.39 12.90 6.15
CA ASP A 71 0.77 14.06 5.52
C ASP A 71 -0.27 13.62 4.50
N PHE A 72 -1.47 14.20 4.59
CA PHE A 72 -2.54 13.85 3.66
C PHE A 72 -2.23 14.41 2.27
N MET A 73 -2.46 13.59 1.25
CA MET A 73 -2.21 14.01 -0.12
C MET A 73 -2.51 12.86 -1.09
N GLU A 74 -2.47 11.65 -0.58
CA GLU A 74 -2.74 10.48 -1.41
C GLU A 74 -3.86 9.63 -0.80
N TYR A 75 -4.45 10.13 0.28
CA TYR A 75 -5.53 9.41 0.94
C TYR A 75 -6.70 9.23 -0.01
N VAL A 76 -7.05 10.31 -0.72
CA VAL A 76 -8.14 10.24 -1.67
C VAL A 76 -7.74 9.40 -2.87
N ALA A 77 -6.46 9.47 -3.21
CA ALA A 77 -5.92 8.70 -4.32
C ALA A 77 -6.10 7.21 -4.04
N ALA A 78 -5.88 6.82 -2.78
CA ALA A 78 -6.03 5.43 -2.39
C ALA A 78 -7.47 4.98 -2.60
N LEU A 79 -8.42 5.84 -2.25
CA LEU A 79 -9.83 5.52 -2.41
C LEU A 79 -10.16 5.34 -3.89
N SER A 80 -9.65 6.24 -4.72
CA SER A 80 -9.87 6.18 -6.16
C SER A 80 -9.20 4.94 -6.75
N LEU A 81 -8.06 4.58 -6.17
CA LEU A 81 -7.29 3.43 -6.65
C LEU A 81 -8.11 2.14 -6.63
N VAL A 82 -8.79 1.88 -5.52
CA VAL A 82 -9.61 0.68 -5.41
C VAL A 82 -10.97 0.87 -6.07
N LEU A 83 -11.61 1.99 -5.77
CA LEU A 83 -12.93 2.28 -6.31
C LEU A 83 -12.84 2.75 -7.75
N LYS A 84 -13.58 2.07 -8.64
CA LYS A 84 -13.59 2.41 -10.06
C LYS A 84 -12.46 3.39 -10.38
N GLY A 85 -11.23 2.96 -10.12
CA GLY A 85 -10.06 3.79 -10.36
C GLY A 85 -9.50 3.56 -11.76
N GLY A 86 -8.20 3.78 -11.91
CA GLY A 86 -7.56 3.60 -13.21
C GLY A 86 -6.34 2.70 -13.11
N VAL A 87 -5.90 2.20 -14.26
CA VAL A 87 -4.74 1.32 -14.35
C VAL A 87 -3.49 2.03 -13.85
N GLN A 88 -3.39 3.31 -14.17
CA GLN A 88 -2.22 4.09 -13.75
C GLN A 88 -2.12 4.16 -12.23
N GLN A 89 -3.27 4.33 -11.56
CA GLN A 89 -3.28 4.43 -10.11
C GLN A 89 -2.82 3.12 -9.47
N LYS A 90 -3.27 1.99 -10.01
CA LYS A 90 -2.86 0.71 -9.46
C LYS A 90 -1.39 0.46 -9.82
N LEU A 91 -0.95 1.13 -10.86
CA LEU A 91 0.42 1.01 -11.30
C LEU A 91 1.33 1.79 -10.36
N ARG A 92 1.01 3.06 -10.19
CA ARG A 92 1.83 3.93 -9.36
C ARG A 92 2.04 3.35 -7.96
N TRP A 93 1.00 2.82 -7.30
CA TRP A 93 1.26 2.27 -5.98
C TRP A 93 2.25 1.13 -6.13
N TYR A 94 1.98 0.26 -7.11
CA TYR A 94 2.87 -0.87 -7.30
C TYR A 94 4.30 -0.42 -7.05
N PHE A 95 4.80 0.51 -7.88
CA PHE A 95 6.18 0.98 -7.73
C PHE A 95 6.44 1.54 -6.33
N LYS A 96 5.55 2.39 -5.84
CA LYS A 96 5.73 3.01 -4.53
C LYS A 96 5.79 1.95 -3.41
N LEU A 97 4.83 1.05 -3.39
CA LEU A 97 4.79 0.00 -2.36
C LEU A 97 5.93 -0.99 -2.57
N PHE A 98 6.25 -1.29 -3.82
CA PHE A 98 7.31 -2.23 -4.14
C PHE A 98 8.64 -1.50 -4.37
N ASP A 99 8.77 -0.30 -3.79
CA ASP A 99 9.99 0.47 -3.94
C ASP A 99 10.18 1.46 -2.80
N MET A 100 11.38 2.03 -2.73
CA MET A 100 11.70 2.99 -1.69
C MET A 100 11.01 4.33 -1.93
N ASP A 101 9.77 4.26 -2.40
CA ASP A 101 8.98 5.46 -2.67
C ASP A 101 9.68 6.38 -3.68
N GLY A 102 10.36 5.76 -4.66
CA GLY A 102 11.05 6.53 -5.69
C GLY A 102 12.30 7.22 -5.14
N SER A 103 12.76 6.77 -3.98
CA SER A 103 13.94 7.36 -3.37
C SER A 103 15.16 7.15 -4.27
N GLY A 104 15.24 5.98 -4.88
CA GLY A 104 16.36 5.67 -5.76
C GLY A 104 16.08 4.41 -6.58
N CYS A 105 17.13 3.84 -7.17
CA CYS A 105 16.98 2.64 -7.97
C CYS A 105 16.45 1.49 -7.12
N ILE A 106 16.02 0.42 -7.78
CA ILE A 106 15.47 -0.73 -7.07
C ILE A 106 16.44 -1.91 -7.13
N ASP A 107 16.84 -2.40 -5.96
CA ASP A 107 17.75 -3.54 -5.90
C ASP A 107 17.03 -4.75 -5.33
N LYS A 108 17.52 -5.94 -5.66
CA LYS A 108 16.89 -7.17 -5.16
C LYS A 108 16.99 -7.25 -3.64
N ASP A 109 18.03 -6.64 -3.07
CA ASP A 109 18.21 -6.68 -1.62
C ASP A 109 17.19 -5.78 -0.91
N GLU A 110 17.23 -4.49 -1.20
CA GLU A 110 16.29 -3.56 -0.58
C GLU A 110 14.86 -3.90 -0.98
N LEU A 111 14.66 -4.10 -2.28
CA LEU A 111 13.34 -4.43 -2.81
C LEU A 111 12.75 -5.65 -2.14
N LEU A 112 13.60 -6.51 -1.60
CA LEU A 112 13.10 -7.70 -0.92
C LEU A 112 12.52 -7.31 0.43
N LEU A 113 13.28 -6.52 1.18
CA LEU A 113 12.82 -6.10 2.49
C LEU A 113 11.53 -5.30 2.36
N ILE A 114 11.49 -4.41 1.38
CA ILE A 114 10.29 -3.61 1.17
C ILE A 114 9.11 -4.51 0.84
N PHE A 115 9.17 -5.20 -0.30
CA PHE A 115 8.05 -6.05 -0.68
C PHE A 115 7.67 -6.93 0.49
N LYS A 116 8.65 -7.26 1.33
CA LYS A 116 8.38 -8.13 2.46
C LYS A 116 7.32 -7.54 3.38
N ALA A 117 7.45 -6.27 3.74
CA ALA A 117 6.45 -5.65 4.62
C ALA A 117 5.09 -5.64 3.93
N VAL A 118 5.08 -5.15 2.69
CA VAL A 118 3.84 -5.13 1.92
C VAL A 118 3.37 -6.56 1.77
N GLN A 119 4.31 -7.44 1.49
CA GLN A 119 4.00 -8.86 1.37
C GLN A 119 3.58 -9.41 2.72
N ALA A 120 4.11 -8.81 3.78
CA ALA A 120 3.78 -9.25 5.12
C ALA A 120 2.28 -9.24 5.29
N ILE A 121 1.61 -8.48 4.42
CA ILE A 121 0.15 -8.40 4.48
C ILE A 121 -0.50 -9.72 4.07
N ASN A 122 0.22 -10.55 3.31
CA ASN A 122 -0.32 -11.83 2.88
C ASN A 122 -1.66 -11.69 2.17
N GLY A 123 -1.86 -10.55 1.51
CA GLY A 123 -3.10 -10.31 0.77
C GLY A 123 -2.92 -10.72 -0.69
N ALA A 124 -1.70 -11.12 -1.01
CA ALA A 124 -1.35 -11.56 -2.36
C ALA A 124 -2.10 -12.85 -2.67
N GLU A 125 -2.14 -13.22 -3.95
CA GLU A 125 -2.86 -14.43 -4.32
C GLU A 125 -2.39 -15.57 -3.41
N PRO A 126 -3.33 -16.27 -2.83
CA PRO A 126 -3.04 -17.37 -1.87
C PRO A 126 -2.08 -18.42 -2.44
N GLU A 127 -1.16 -18.86 -1.59
CA GLU A 127 -0.17 -19.87 -1.95
C GLU A 127 1.13 -19.24 -2.44
N ILE A 128 1.03 -18.14 -3.18
CA ILE A 128 2.25 -17.50 -3.69
C ILE A 128 2.33 -16.01 -3.35
N SER A 129 3.25 -15.67 -2.46
CA SER A 129 3.47 -14.28 -2.04
C SER A 129 4.13 -13.49 -3.18
N ALA A 130 4.28 -12.19 -2.98
CA ALA A 130 4.91 -11.33 -3.98
C ALA A 130 6.41 -11.63 -4.02
N GLU A 131 6.90 -12.29 -2.99
CA GLU A 131 8.32 -12.60 -2.91
C GLU A 131 8.75 -13.41 -4.12
N ASP A 132 8.02 -14.49 -4.42
CA ASP A 132 8.34 -15.32 -5.57
C ASP A 132 8.17 -14.52 -6.85
N LEU A 133 7.13 -13.70 -6.87
CA LEU A 133 6.85 -12.87 -8.04
C LEU A 133 8.03 -11.92 -8.29
N ALA A 134 8.42 -11.20 -7.25
CA ALA A 134 9.52 -10.26 -7.37
C ALA A 134 10.80 -10.97 -7.76
N ASP A 135 11.06 -12.12 -7.15
CA ASP A 135 12.26 -12.88 -7.47
C ASP A 135 12.22 -13.34 -8.93
N ILE A 136 11.07 -13.86 -9.35
CA ILE A 136 10.92 -14.32 -10.72
C ILE A 136 10.97 -13.13 -11.69
N VAL A 137 10.25 -12.07 -11.33
CA VAL A 137 10.20 -10.87 -12.14
C VAL A 137 11.56 -10.17 -12.18
N PHE A 138 12.25 -10.13 -11.05
CA PHE A 138 13.54 -9.45 -10.96
C PHE A 138 14.53 -10.05 -11.96
N ASN A 139 14.63 -11.37 -11.98
CA ASN A 139 15.55 -12.02 -12.91
C ASN A 139 14.93 -12.14 -14.30
N LYS A 140 13.69 -11.68 -14.43
CA LYS A 140 13.00 -11.74 -15.72
C LYS A 140 13.01 -10.37 -16.41
N ILE A 141 12.91 -9.31 -15.61
CA ILE A 141 12.90 -7.96 -16.17
C ILE A 141 14.26 -7.30 -16.07
N ASP A 142 15.24 -8.06 -15.58
CA ASP A 142 16.60 -7.53 -15.44
C ASP A 142 17.33 -7.66 -16.77
N VAL A 143 16.95 -6.82 -17.73
CA VAL A 143 17.56 -6.85 -19.05
C VAL A 143 19.05 -6.53 -18.98
N ASN A 144 19.40 -5.49 -18.25
CA ASN A 144 20.80 -5.09 -18.14
C ASN A 144 21.59 -6.09 -17.30
N GLY A 145 20.90 -6.80 -16.42
CA GLY A 145 21.56 -7.78 -15.57
C GLY A 145 22.43 -7.08 -14.52
N ASP A 146 22.18 -5.79 -14.34
CA ASP A 146 22.93 -5.00 -13.38
C ASP A 146 22.55 -5.38 -11.95
N GLY A 147 21.45 -6.10 -11.80
CA GLY A 147 20.99 -6.51 -10.48
C GLY A 147 20.13 -5.41 -9.85
N GLU A 148 19.85 -4.38 -10.62
CA GLU A 148 19.04 -3.27 -10.14
C GLU A 148 18.14 -2.75 -11.25
N LEU A 149 16.95 -2.26 -10.88
CA LEU A 149 16.01 -1.76 -11.88
C LEU A 149 15.63 -0.32 -11.60
N SER A 150 15.64 0.49 -12.65
CA SER A 150 15.29 1.90 -12.55
C SER A 150 13.78 2.07 -12.48
N LEU A 151 13.35 3.31 -12.25
CA LEU A 151 11.93 3.61 -12.14
C LEU A 151 11.20 3.24 -13.43
N GLU A 152 11.77 3.61 -14.57
CA GLU A 152 11.15 3.31 -15.85
C GLU A 152 11.01 1.80 -16.05
N GLU A 153 12.07 1.07 -15.74
CA GLU A 153 12.04 -0.39 -15.90
C GLU A 153 10.99 -1.02 -14.97
N PHE A 154 10.89 -0.50 -13.75
CA PHE A 154 9.93 -1.02 -12.80
C PHE A 154 8.51 -0.70 -13.27
N MET A 155 8.33 0.51 -13.78
CA MET A 155 7.05 0.94 -14.29
C MET A 155 6.65 0.08 -15.48
N GLU A 156 7.62 -0.24 -16.32
CA GLU A 156 7.36 -1.08 -17.47
C GLU A 156 6.88 -2.45 -16.98
N GLY A 157 7.60 -3.00 -16.03
CA GLY A 157 7.27 -4.30 -15.47
C GLY A 157 5.87 -4.30 -14.86
N ILE A 158 5.52 -3.23 -14.14
CA ILE A 158 4.21 -3.16 -13.52
C ILE A 158 3.11 -3.08 -14.57
N SER A 159 3.31 -2.27 -15.61
CA SER A 159 2.31 -2.15 -16.66
C SER A 159 2.25 -3.40 -17.54
N ALA A 160 3.42 -3.95 -17.84
CA ALA A 160 3.50 -5.14 -18.68
C ALA A 160 2.83 -6.33 -18.04
N ASP A 161 3.03 -6.49 -16.73
CA ASP A 161 2.43 -7.60 -16.01
C ASP A 161 0.99 -7.29 -15.63
N GLU A 162 0.10 -7.42 -16.61
CA GLU A 162 -1.31 -7.16 -16.36
C GLU A 162 -1.85 -8.18 -15.36
N LYS A 163 -1.61 -9.45 -15.66
CA LYS A 163 -2.12 -10.53 -14.82
C LYS A 163 -1.59 -10.41 -13.39
N ILE A 164 -0.30 -10.12 -13.24
CA ILE A 164 0.25 -9.97 -11.90
C ILE A 164 -0.30 -8.70 -11.29
N SER A 165 -0.18 -7.62 -12.07
CA SER A 165 -0.63 -6.31 -11.62
C SER A 165 -2.09 -6.38 -11.14
N GLU A 166 -2.95 -7.04 -11.91
CA GLU A 166 -4.34 -7.16 -11.53
C GLU A 166 -4.47 -7.89 -10.20
N MET A 167 -3.66 -8.92 -10.02
CA MET A 167 -3.71 -9.69 -8.78
C MET A 167 -3.36 -8.80 -7.59
N LEU A 168 -2.29 -8.02 -7.72
CA LEU A 168 -1.88 -7.12 -6.65
C LEU A 168 -2.97 -6.06 -6.40
N THR A 169 -3.54 -5.56 -7.49
CA THR A 169 -4.59 -4.55 -7.40
C THR A 169 -5.81 -5.13 -6.69
N GLN A 170 -6.19 -6.34 -7.09
CA GLN A 170 -7.34 -7.04 -6.51
C GLN A 170 -7.09 -7.39 -5.04
N SER A 171 -5.84 -7.74 -4.75
CA SER A 171 -5.49 -8.12 -3.38
C SER A 171 -5.76 -6.95 -2.43
N LEU A 172 -5.33 -5.76 -2.84
CA LEU A 172 -5.52 -4.57 -2.02
C LEU A 172 -6.84 -3.87 -2.39
N ASP A 173 -7.74 -3.73 -1.42
CA ASP A 173 -9.04 -3.10 -1.66
C ASP A 173 -9.25 -1.89 -0.76
N LEU A 174 -10.16 -2.02 0.22
CA LEU A 174 -10.44 -0.92 1.15
C LEU A 174 -10.55 -1.45 2.58
N THR A 175 -11.70 -2.02 2.91
CA THR A 175 -11.90 -2.59 4.24
C THR A 175 -10.86 -3.68 4.47
N ARG A 176 -10.68 -4.49 3.43
CA ARG A 176 -9.73 -5.57 3.49
C ARG A 176 -8.33 -5.01 3.71
N ILE A 177 -8.08 -3.83 3.15
CA ILE A 177 -6.78 -3.18 3.28
C ILE A 177 -6.46 -2.93 4.76
N VAL A 178 -7.41 -2.37 5.49
CA VAL A 178 -7.21 -2.11 6.91
C VAL A 178 -6.93 -3.40 7.68
N SER A 179 -7.75 -4.41 7.43
CA SER A 179 -7.58 -5.67 8.12
C SER A 179 -6.26 -6.34 7.72
N ASN A 180 -5.92 -6.24 6.45
CA ASN A 180 -4.68 -6.86 5.96
C ASN A 180 -3.52 -5.88 6.04
N ILE A 181 -3.74 -4.74 6.67
CA ILE A 181 -2.69 -3.73 6.81
C ILE A 181 -2.65 -3.17 8.24
N TYR A 182 -3.49 -3.71 9.11
CA TYR A 182 -3.54 -3.24 10.50
C TYR A 182 -3.00 -4.29 11.46
N ASN A 183 -2.34 -3.81 12.51
CA ASN A 183 -1.75 -4.71 13.51
C ASN A 183 -2.80 -5.06 14.57
N GLY A 2 -10.56 1.99 13.55
CA GLY A 2 -9.95 0.98 14.40
C GLY A 2 -10.83 0.69 15.61
N ASP A 3 -10.23 0.69 16.79
CA ASP A 3 -10.97 0.42 18.02
C ASP A 3 -11.55 1.71 18.59
N SER A 4 -12.84 1.92 18.38
CA SER A 4 -13.52 3.11 18.87
C SER A 4 -14.98 2.80 19.14
N SER A 5 -15.58 3.51 20.11
CA SER A 5 -16.98 3.28 20.43
C SER A 5 -17.83 3.34 19.17
N SER A 6 -18.78 2.42 19.05
CA SER A 6 -19.63 2.38 17.87
C SER A 6 -18.79 2.41 16.61
N MET A 7 -19.40 2.77 15.48
CA MET A 7 -18.68 2.84 14.23
C MET A 7 -17.95 1.54 13.95
N SER A 8 -17.71 1.25 12.67
CA SER A 8 -17.01 0.02 12.29
C SER A 8 -16.22 0.24 11.01
N ALA A 9 -15.05 -0.39 10.93
CA ALA A 9 -14.21 -0.25 9.74
C ALA A 9 -14.93 -0.78 8.50
N THR A 10 -15.65 -1.89 8.65
CA THR A 10 -16.37 -2.46 7.53
C THR A 10 -17.50 -1.53 7.09
N GLU A 11 -18.08 -0.83 8.04
CA GLU A 11 -19.16 0.10 7.75
C GLU A 11 -18.68 1.23 6.85
N LEU A 12 -17.46 1.73 7.12
CA LEU A 12 -16.91 2.80 6.30
C LEU A 12 -16.70 2.31 4.87
N SER A 13 -16.22 1.08 4.73
CA SER A 13 -15.99 0.51 3.41
C SER A 13 -17.30 0.41 2.64
N ALA A 14 -18.36 0.02 3.35
CA ALA A 14 -19.67 -0.10 2.72
C ALA A 14 -20.14 1.24 2.19
N CYS A 15 -19.85 2.30 2.95
CA CYS A 15 -20.23 3.65 2.54
C CYS A 15 -19.00 4.44 2.17
N LYS A 16 -17.97 3.75 1.70
CA LYS A 16 -16.72 4.41 1.32
C LYS A 16 -16.99 5.35 0.14
N CYS A 17 -16.48 6.56 0.23
CA CYS A 17 -16.69 7.53 -0.81
C CYS A 17 -15.37 8.11 -1.31
N HIS A 18 -15.40 8.68 -2.51
CA HIS A 18 -14.20 9.30 -3.08
C HIS A 18 -13.93 10.62 -2.36
N GLN A 19 -14.97 11.45 -2.26
CA GLN A 19 -14.87 12.75 -1.58
C GLN A 19 -14.67 12.55 -0.08
N TRP A 20 -14.83 11.33 0.38
CA TRP A 20 -14.71 11.05 1.80
C TRP A 20 -13.47 11.74 2.38
N TYR A 21 -12.32 11.55 1.76
CA TYR A 21 -11.10 12.16 2.26
C TYR A 21 -11.25 13.69 2.26
N ALA A 22 -12.12 14.19 1.39
CA ALA A 22 -12.33 15.63 1.32
C ALA A 22 -12.85 16.14 2.66
N LYS A 23 -13.76 15.37 3.26
CA LYS A 23 -14.30 15.74 4.56
C LYS A 23 -13.19 15.69 5.61
N PHE A 24 -12.31 14.71 5.44
CA PHE A 24 -11.16 14.56 6.33
C PHE A 24 -10.27 15.79 6.22
N MET A 25 -9.75 16.01 5.03
CA MET A 25 -8.85 17.13 4.78
C MET A 25 -9.52 18.45 5.14
N THR A 26 -10.81 18.56 4.85
CA THR A 26 -11.54 19.77 5.16
C THR A 26 -11.58 20.01 6.66
N GLU A 27 -11.80 18.93 7.43
CA GLU A 27 -11.85 19.04 8.88
C GLU A 27 -10.49 19.47 9.44
N CYS A 28 -9.43 18.92 8.88
CA CYS A 28 -8.08 19.26 9.33
C CYS A 28 -7.24 19.85 8.21
N PRO A 29 -7.14 21.16 8.17
CA PRO A 29 -6.36 21.87 7.12
C PRO A 29 -4.85 21.67 7.29
N SER A 30 -4.45 21.29 8.51
CA SER A 30 -3.03 21.07 8.79
C SER A 30 -2.46 19.95 7.94
N GLY A 31 -3.25 18.90 7.75
CA GLY A 31 -2.80 17.75 6.95
C GLY A 31 -1.91 16.84 7.76
N GLN A 32 -1.28 15.87 7.09
CA GLN A 32 -0.40 14.92 7.76
C GLN A 32 -1.12 14.27 8.94
N LEU A 33 -1.25 12.95 8.89
CA LEU A 33 -1.93 12.23 9.97
C LEU A 33 -1.00 11.20 10.60
N THR A 34 -0.97 11.19 11.92
CA THR A 34 -0.13 10.23 12.62
C THR A 34 -0.82 8.87 12.60
N PHE A 35 -0.19 7.85 13.15
CA PHE A 35 -0.78 6.54 13.15
C PHE A 35 -2.12 6.55 13.87
N TYR A 36 -2.18 7.18 15.05
CA TYR A 36 -3.43 7.25 15.79
C TYR A 36 -4.47 8.06 15.02
N GLU A 37 -4.05 9.19 14.47
CA GLU A 37 -4.95 10.04 13.71
C GLU A 37 -5.42 9.31 12.46
N PHE A 38 -4.49 8.59 11.83
CA PHE A 38 -4.83 7.83 10.65
C PHE A 38 -5.87 6.78 11.01
N LYS A 39 -5.56 6.04 12.08
CA LYS A 39 -6.44 4.97 12.54
C LYS A 39 -7.90 5.44 12.55
N LYS A 40 -8.17 6.62 13.10
CA LYS A 40 -9.54 7.11 13.14
C LYS A 40 -10.05 7.36 11.72
N PHE A 41 -9.19 7.97 10.91
CA PHE A 41 -9.54 8.29 9.52
C PHE A 41 -9.54 7.05 8.62
N PHE A 42 -8.80 6.01 9.01
CA PHE A 42 -8.74 4.79 8.21
C PHE A 42 -8.31 3.59 9.04
N GLY A 43 -7.79 2.56 8.38
CA GLY A 43 -7.36 1.36 9.08
C GLY A 43 -5.95 1.54 9.65
N LEU A 44 -5.41 0.46 10.22
CA LEU A 44 -4.06 0.47 10.82
C LEU A 44 -4.14 0.40 12.34
N LYS A 45 -3.85 -0.78 12.88
CA LYS A 45 -3.88 -0.98 14.32
C LYS A 45 -2.65 -1.76 14.79
N ASN A 46 -2.20 -1.47 16.01
CA ASN A 46 -1.05 -2.16 16.57
C ASN A 46 -1.46 -3.51 17.17
N LEU A 47 -0.48 -4.25 17.68
CA LEU A 47 -0.76 -5.55 18.29
C LEU A 47 0.53 -6.30 18.60
N SER A 48 0.50 -7.62 18.46
CA SER A 48 1.67 -8.45 18.75
C SER A 48 2.83 -8.08 17.83
N GLU A 49 3.73 -9.04 17.60
CA GLU A 49 4.88 -8.81 16.73
C GLU A 49 4.42 -8.53 15.31
N LYS A 50 3.40 -9.25 14.87
CA LYS A 50 2.88 -9.05 13.53
C LYS A 50 2.57 -7.58 13.33
N SER A 51 1.82 -7.01 14.27
CA SER A 51 1.41 -5.62 14.17
C SER A 51 2.62 -4.71 14.03
N ASN A 52 3.78 -5.16 14.44
CA ASN A 52 4.98 -4.34 14.28
C ASN A 52 5.33 -4.21 12.81
N ALA A 53 5.35 -5.33 12.11
CA ALA A 53 5.66 -5.32 10.67
C ALA A 53 4.42 -4.98 9.87
N TYR A 54 3.27 -5.12 10.51
CA TYR A 54 1.99 -4.83 9.88
C TYR A 54 1.65 -3.36 10.02
N VAL A 55 2.35 -2.68 10.92
CA VAL A 55 2.14 -1.24 11.06
C VAL A 55 3.05 -0.52 10.11
N ASN A 56 4.33 -0.86 10.17
CA ASN A 56 5.30 -0.25 9.29
C ASN A 56 5.05 -0.68 7.85
N THR A 57 4.68 -1.94 7.65
CA THR A 57 4.42 -2.43 6.30
C THR A 57 3.20 -1.77 5.68
N MET A 58 2.11 -1.68 6.43
CA MET A 58 0.90 -1.08 5.88
C MET A 58 1.06 0.44 5.77
N PHE A 59 1.63 1.04 6.82
CA PHE A 59 1.83 2.48 6.83
C PHE A 59 2.85 2.86 5.77
N LYS A 60 3.90 2.06 5.68
CA LYS A 60 4.97 2.28 4.71
C LYS A 60 4.48 2.05 3.29
N THR A 61 3.44 1.24 3.12
CA THR A 61 2.90 0.98 1.79
C THR A 61 2.10 2.17 1.28
N PHE A 62 1.28 2.75 2.15
CA PHE A 62 0.44 3.88 1.76
C PHE A 62 1.12 5.21 2.08
N ASP A 63 2.24 5.15 2.78
CA ASP A 63 2.96 6.37 3.12
C ASP A 63 3.89 6.79 1.99
N ILE A 64 3.35 7.59 1.07
CA ILE A 64 4.13 8.04 -0.07
C ILE A 64 5.33 8.87 0.40
N ASP A 65 5.07 9.79 1.32
CA ASP A 65 6.12 10.64 1.85
C ASP A 65 7.17 9.79 2.57
N ASP A 66 6.72 8.79 3.29
CA ASP A 66 7.62 7.91 4.04
C ASP A 66 8.46 8.72 5.01
N ASP A 67 7.82 9.69 5.66
CA ASP A 67 8.51 10.55 6.62
C ASP A 67 7.57 10.92 7.76
N GLY A 68 7.80 10.32 8.92
CA GLY A 68 6.96 10.60 10.09
C GLY A 68 5.50 10.25 9.81
N CYS A 69 4.61 11.20 10.08
CA CYS A 69 3.18 10.98 9.87
C CYS A 69 2.88 10.85 8.37
N ILE A 70 1.73 10.28 8.05
CA ILE A 70 1.35 10.09 6.66
C ILE A 70 0.77 11.39 6.08
N ASP A 71 1.43 11.90 5.05
CA ASP A 71 0.99 13.13 4.40
C ASP A 71 -0.33 12.91 3.66
N PHE A 72 -1.17 13.95 3.65
CA PHE A 72 -2.46 13.86 2.97
C PHE A 72 -2.29 13.30 1.56
N MET A 73 -3.36 13.33 0.78
CA MET A 73 -3.33 12.82 -0.58
C MET A 73 -3.31 11.29 -0.59
N GLU A 74 -2.82 10.69 0.50
CA GLU A 74 -2.76 9.25 0.61
C GLU A 74 -4.16 8.66 0.60
N TYR A 75 -5.08 9.33 1.30
CA TYR A 75 -6.46 8.86 1.36
C TYR A 75 -7.09 8.87 -0.02
N VAL A 76 -6.79 9.90 -0.81
CA VAL A 76 -7.33 10.01 -2.15
C VAL A 76 -6.88 8.83 -3.01
N ALA A 77 -5.60 8.52 -2.92
CA ALA A 77 -5.04 7.40 -3.68
C ALA A 77 -5.73 6.10 -3.28
N ALA A 78 -6.04 5.98 -2.00
CA ALA A 78 -6.71 4.78 -1.50
C ALA A 78 -8.09 4.62 -2.14
N LEU A 79 -8.81 5.72 -2.27
CA LEU A 79 -10.15 5.68 -2.87
C LEU A 79 -10.08 5.27 -4.33
N SER A 80 -9.16 5.86 -5.08
CA SER A 80 -9.01 5.54 -6.49
C SER A 80 -8.46 4.13 -6.67
N LEU A 81 -7.67 3.69 -5.70
CA LEU A 81 -7.08 2.35 -5.73
C LEU A 81 -8.16 1.27 -5.78
N VAL A 82 -9.24 1.50 -5.03
CA VAL A 82 -10.33 0.54 -4.99
C VAL A 82 -11.45 0.93 -5.94
N LEU A 83 -11.89 2.18 -5.82
CA LEU A 83 -12.96 2.70 -6.67
C LEU A 83 -12.64 2.46 -8.14
N LYS A 84 -11.36 2.27 -8.45
CA LYS A 84 -10.95 2.06 -9.83
C LYS A 84 -11.08 3.36 -10.61
N GLY A 85 -11.38 3.27 -11.90
CA GLY A 85 -11.54 4.46 -12.72
C GLY A 85 -10.24 4.83 -13.43
N GLY A 86 -9.14 4.18 -13.06
CA GLY A 86 -7.86 4.47 -13.68
C GLY A 86 -6.78 3.48 -13.26
N VAL A 87 -5.96 3.06 -14.21
CA VAL A 87 -4.88 2.13 -13.92
C VAL A 87 -3.68 2.85 -13.33
N GLN A 88 -3.64 4.16 -13.50
CA GLN A 88 -2.54 4.96 -12.98
C GLN A 88 -2.47 4.93 -11.46
N GLN A 89 -3.64 4.99 -10.81
CA GLN A 89 -3.69 4.99 -9.36
C GLN A 89 -3.15 3.69 -8.77
N LYS A 90 -3.53 2.56 -9.36
CA LYS A 90 -3.04 1.27 -8.87
C LYS A 90 -1.58 1.10 -9.24
N LEU A 91 -1.16 1.84 -10.23
CA LEU A 91 0.23 1.78 -10.64
C LEU A 91 1.06 2.60 -9.67
N ARG A 92 0.59 3.81 -9.41
CA ARG A 92 1.31 4.70 -8.54
C ARG A 92 1.53 4.09 -7.16
N TRP A 93 0.51 3.55 -6.50
CA TRP A 93 0.78 2.98 -5.20
C TRP A 93 1.86 1.94 -5.36
N TYR A 94 1.66 1.01 -6.29
CA TYR A 94 2.66 -0.03 -6.43
C TYR A 94 4.07 0.55 -6.25
N PHE A 95 4.51 1.44 -7.14
CA PHE A 95 5.86 1.99 -6.98
C PHE A 95 6.01 2.72 -5.64
N LYS A 96 4.97 3.44 -5.22
CA LYS A 96 5.04 4.20 -3.98
C LYS A 96 5.29 3.31 -2.76
N LEU A 97 4.64 2.14 -2.70
CA LEU A 97 4.84 1.23 -1.57
C LEU A 97 6.03 0.31 -1.83
N PHE A 98 6.11 -0.18 -3.06
CA PHE A 98 7.19 -1.06 -3.44
C PHE A 98 8.53 -0.30 -3.41
N ASP A 99 8.50 0.98 -3.76
CA ASP A 99 9.72 1.79 -3.75
C ASP A 99 10.28 1.90 -2.33
N MET A 100 9.41 2.19 -1.38
CA MET A 100 9.83 2.31 0.02
C MET A 100 10.75 3.50 0.23
N ASP A 101 12.05 3.25 0.29
CA ASP A 101 13.03 4.31 0.50
C ASP A 101 12.93 5.37 -0.60
N GLY A 102 13.00 6.63 -0.20
CA GLY A 102 12.94 7.73 -1.15
C GLY A 102 14.18 7.78 -2.01
N SER A 103 14.02 8.29 -3.23
CA SER A 103 15.11 8.42 -4.20
C SER A 103 14.62 8.00 -5.57
N GLY A 104 13.54 7.23 -5.59
CA GLY A 104 12.96 6.76 -6.85
C GLY A 104 13.78 5.61 -7.44
N CYS A 105 14.60 4.99 -6.61
CA CYS A 105 15.44 3.87 -7.07
C CYS A 105 15.12 2.59 -6.31
N ILE A 106 15.24 1.46 -7.02
CA ILE A 106 14.97 0.15 -6.41
C ILE A 106 16.21 -0.74 -6.50
N ASP A 107 16.61 -1.30 -5.35
CA ASP A 107 17.78 -2.17 -5.32
C ASP A 107 17.37 -3.62 -5.09
N LYS A 108 17.92 -4.52 -5.91
CA LYS A 108 17.62 -5.94 -5.79
C LYS A 108 17.27 -6.30 -4.35
N ASP A 109 18.19 -6.02 -3.43
CA ASP A 109 17.96 -6.34 -2.03
C ASP A 109 16.75 -5.59 -1.47
N GLU A 110 16.62 -4.31 -1.81
CA GLU A 110 15.50 -3.52 -1.31
C GLU A 110 14.16 -4.03 -1.85
N LEU A 111 14.09 -4.23 -3.16
CA LEU A 111 12.86 -4.69 -3.79
C LEU A 111 12.36 -6.00 -3.17
N LEU A 112 13.28 -6.84 -2.74
CA LEU A 112 12.87 -8.09 -2.12
C LEU A 112 12.27 -7.84 -0.75
N LEU A 113 12.93 -7.01 0.05
CA LEU A 113 12.42 -6.68 1.38
C LEU A 113 11.08 -5.97 1.26
N ILE A 114 10.98 -5.09 0.26
CA ILE A 114 9.75 -4.36 0.02
C ILE A 114 8.61 -5.34 -0.21
N PHE A 115 8.68 -6.10 -1.31
CA PHE A 115 7.63 -7.04 -1.63
C PHE A 115 7.36 -7.97 -0.43
N LYS A 116 8.38 -8.19 0.38
CA LYS A 116 8.22 -9.04 1.56
C LYS A 116 7.16 -8.46 2.49
N ALA A 117 7.19 -7.12 2.65
CA ALA A 117 6.20 -6.47 3.49
C ALA A 117 4.81 -6.73 2.90
N VAL A 118 4.74 -6.60 1.58
CA VAL A 118 3.49 -6.87 0.88
C VAL A 118 3.11 -8.31 1.14
N GLN A 119 4.11 -9.19 1.11
CA GLN A 119 3.89 -10.60 1.39
C GLN A 119 3.38 -10.76 2.81
N ALA A 120 3.92 -9.93 3.70
CA ALA A 120 3.55 -9.96 5.12
C ALA A 120 2.05 -9.72 5.28
N ILE A 121 1.42 -9.19 4.23
CA ILE A 121 -0.01 -8.93 4.28
C ILE A 121 -0.82 -10.22 4.28
N ASN A 122 -0.12 -11.35 4.23
CA ASN A 122 -0.77 -12.66 4.24
C ASN A 122 0.26 -13.76 4.43
N GLY A 123 0.04 -14.63 5.43
CA GLY A 123 0.99 -15.71 5.67
C GLY A 123 1.08 -16.61 4.45
N ALA A 124 -0.07 -17.00 3.92
CA ALA A 124 -0.11 -17.85 2.74
C ALA A 124 -0.93 -17.17 1.63
N GLU A 125 -0.27 -16.74 0.57
CA GLU A 125 -0.97 -16.09 -0.53
C GLU A 125 -1.37 -17.12 -1.58
N PRO A 126 -2.41 -16.85 -2.31
CA PRO A 126 -2.89 -17.78 -3.38
C PRO A 126 -1.79 -18.07 -4.40
N GLU A 127 -1.70 -19.31 -4.83
CA GLU A 127 -0.69 -19.70 -5.80
C GLU A 127 0.72 -19.49 -5.22
N ILE A 128 1.27 -18.30 -5.42
CA ILE A 128 2.61 -17.98 -4.92
C ILE A 128 2.65 -16.61 -4.25
N SER A 129 3.32 -16.51 -3.10
CA SER A 129 3.42 -15.25 -2.37
C SER A 129 4.17 -14.20 -3.18
N ALA A 130 4.08 -12.96 -2.72
CA ALA A 130 4.72 -11.84 -3.39
C ALA A 130 6.25 -12.01 -3.45
N GLU A 131 6.83 -12.56 -2.39
CA GLU A 131 8.28 -12.74 -2.35
C GLU A 131 8.76 -13.60 -3.53
N ASP A 132 8.15 -14.75 -3.72
CA ASP A 132 8.54 -15.63 -4.82
C ASP A 132 8.29 -14.93 -6.16
N LEU A 133 7.19 -14.21 -6.24
CA LEU A 133 6.84 -13.49 -7.45
C LEU A 133 7.92 -12.46 -7.76
N ALA A 134 8.28 -11.68 -6.74
CA ALA A 134 9.27 -10.63 -6.90
C ALA A 134 10.58 -11.17 -7.44
N ASP A 135 10.99 -12.34 -6.96
CA ASP A 135 12.23 -12.93 -7.45
C ASP A 135 12.13 -13.21 -8.95
N ILE A 136 10.96 -13.67 -9.37
CA ILE A 136 10.72 -13.97 -10.77
C ILE A 136 10.78 -12.68 -11.61
N VAL A 137 10.21 -11.60 -11.05
CA VAL A 137 10.18 -10.32 -11.74
C VAL A 137 11.59 -9.82 -12.05
N PHE A 138 12.49 -9.93 -11.08
CA PHE A 138 13.86 -9.47 -11.29
C PHE A 138 14.53 -10.20 -12.45
N ASN A 139 14.30 -11.51 -12.56
CA ASN A 139 14.90 -12.27 -13.66
C ASN A 139 14.40 -11.75 -15.00
N LYS A 140 13.10 -11.50 -15.10
CA LYS A 140 12.52 -11.00 -16.34
C LYS A 140 13.00 -9.58 -16.64
N ILE A 141 13.08 -8.76 -15.60
CA ILE A 141 13.53 -7.38 -15.76
C ILE A 141 15.05 -7.29 -15.78
N ASP A 142 15.70 -8.44 -15.75
CA ASP A 142 17.17 -8.48 -15.76
C ASP A 142 17.70 -8.19 -17.15
N VAL A 143 17.33 -7.04 -17.70
CA VAL A 143 17.79 -6.64 -19.03
C VAL A 143 19.30 -6.41 -19.03
N ASN A 144 19.78 -5.67 -18.04
CA ASN A 144 21.21 -5.36 -17.94
C ASN A 144 21.85 -6.04 -16.74
N GLY A 145 21.02 -6.48 -15.80
CA GLY A 145 21.54 -7.14 -14.60
C GLY A 145 22.27 -6.15 -13.71
N ASP A 146 21.86 -4.88 -13.77
CA ASP A 146 22.49 -3.86 -12.96
C ASP A 146 22.22 -4.08 -11.48
N GLY A 147 21.23 -4.92 -11.17
CA GLY A 147 20.89 -5.23 -9.79
C GLY A 147 19.97 -4.16 -9.20
N GLU A 148 19.57 -3.20 -10.02
CA GLU A 148 18.69 -2.14 -9.55
C GLU A 148 17.72 -1.70 -10.64
N LEU A 149 16.55 -1.24 -10.23
CA LEU A 149 15.53 -0.79 -11.18
C LEU A 149 15.09 0.64 -10.87
N SER A 150 15.27 1.53 -11.84
CA SER A 150 14.88 2.92 -11.68
C SER A 150 13.37 3.04 -11.56
N LEU A 151 12.90 4.13 -10.97
CA LEU A 151 11.48 4.35 -10.82
C LEU A 151 10.76 4.12 -12.14
N GLU A 152 11.29 4.72 -13.19
CA GLU A 152 10.69 4.59 -14.50
C GLU A 152 10.65 3.11 -14.91
N GLU A 153 11.77 2.41 -14.71
CA GLU A 153 11.83 1.01 -15.06
C GLU A 153 10.81 0.20 -14.24
N PHE A 154 10.72 0.53 -12.95
CA PHE A 154 9.77 -0.15 -12.08
C PHE A 154 8.35 0.10 -12.57
N MET A 155 8.04 1.37 -12.81
CA MET A 155 6.70 1.75 -13.26
C MET A 155 6.36 0.97 -14.53
N GLU A 156 7.34 0.80 -15.39
CA GLU A 156 7.09 0.02 -16.60
C GLU A 156 6.76 -1.40 -16.19
N GLY A 157 7.53 -1.92 -15.23
CA GLY A 157 7.33 -3.27 -14.74
C GLY A 157 5.94 -3.45 -14.12
N ILE A 158 5.50 -2.46 -13.35
CA ILE A 158 4.18 -2.54 -12.72
C ILE A 158 3.10 -2.44 -13.80
N SER A 159 3.21 -1.44 -14.67
CA SER A 159 2.22 -1.25 -15.72
C SER A 159 2.20 -2.45 -16.68
N ALA A 160 3.39 -2.96 -17.01
CA ALA A 160 3.52 -4.09 -17.93
C ALA A 160 2.90 -5.34 -17.34
N ASP A 161 2.76 -6.35 -18.20
CA ASP A 161 2.18 -7.63 -17.79
C ASP A 161 0.69 -7.46 -17.52
N GLU A 162 0.11 -8.41 -16.81
CA GLU A 162 -1.31 -8.33 -16.50
C GLU A 162 -1.67 -9.27 -15.36
N LYS A 163 -1.32 -10.55 -15.49
CA LYS A 163 -1.66 -11.52 -14.46
C LYS A 163 -1.16 -11.09 -13.09
N ILE A 164 0.13 -10.76 -12.98
CA ILE A 164 0.67 -10.32 -11.70
C ILE A 164 -0.03 -9.03 -11.28
N SER A 165 -0.05 -8.09 -12.21
CA SER A 165 -0.62 -6.78 -11.95
C SER A 165 -2.06 -6.90 -11.44
N GLU A 166 -2.84 -7.78 -12.05
CA GLU A 166 -4.23 -7.95 -11.62
C GLU A 166 -4.29 -8.47 -10.19
N MET A 167 -3.41 -9.42 -9.85
CA MET A 167 -3.40 -9.97 -8.50
C MET A 167 -3.05 -8.90 -7.46
N LEU A 168 -2.05 -8.08 -7.77
CA LEU A 168 -1.65 -7.01 -6.87
C LEU A 168 -2.77 -5.97 -6.79
N THR A 169 -3.36 -5.70 -7.95
CA THR A 169 -4.44 -4.72 -8.03
C THR A 169 -5.65 -5.17 -7.21
N GLN A 170 -6.04 -6.43 -7.37
CA GLN A 170 -7.19 -6.95 -6.63
C GLN A 170 -6.86 -7.14 -5.15
N SER A 171 -5.57 -7.33 -4.85
CA SER A 171 -5.18 -7.51 -3.46
C SER A 171 -5.47 -6.23 -2.68
N LEU A 172 -5.10 -5.10 -3.27
CA LEU A 172 -5.32 -3.81 -2.62
C LEU A 172 -6.79 -3.44 -2.67
N ASP A 173 -7.24 -2.79 -1.61
CA ASP A 173 -8.63 -2.35 -1.50
C ASP A 173 -8.81 -1.67 -0.14
N LEU A 174 -10.00 -1.78 0.44
CA LEU A 174 -10.24 -1.17 1.73
C LEU A 174 -10.48 -2.24 2.80
N THR A 175 -11.52 -3.03 2.61
CA THR A 175 -11.82 -4.09 3.55
C THR A 175 -10.69 -5.09 3.59
N ARG A 176 -10.18 -5.45 2.41
CA ARG A 176 -9.08 -6.40 2.32
C ARG A 176 -7.82 -5.86 3.01
N ILE A 177 -7.50 -4.60 2.75
CA ILE A 177 -6.32 -3.99 3.37
C ILE A 177 -6.51 -3.88 4.88
N VAL A 178 -7.70 -3.44 5.28
CA VAL A 178 -8.02 -3.32 6.70
C VAL A 178 -7.99 -4.68 7.37
N SER A 179 -8.53 -5.69 6.68
CA SER A 179 -8.59 -7.04 7.20
C SER A 179 -7.19 -7.56 7.50
N ASN A 180 -6.25 -7.27 6.61
CA ASN A 180 -4.89 -7.72 6.82
C ASN A 180 -4.37 -7.17 8.15
N ILE A 181 -4.55 -5.88 8.37
CA ILE A 181 -4.13 -5.28 9.62
C ILE A 181 -4.92 -5.86 10.79
N TYR A 182 -6.24 -5.93 10.62
CA TYR A 182 -7.11 -6.48 11.64
C TYR A 182 -8.56 -6.11 11.35
N ASN A 183 -9.47 -6.56 12.21
CA ASN A 183 -10.89 -6.26 12.03
C ASN A 183 -11.30 -5.05 12.86
N GLY A 2 -11.95 0.32 12.79
CA GLY A 2 -12.67 -0.75 13.47
C GLY A 2 -13.85 -0.20 14.24
N ASP A 3 -13.65 0.93 14.91
CA ASP A 3 -14.71 1.55 15.69
C ASP A 3 -14.43 3.03 15.90
N SER A 4 -15.45 3.76 16.34
CA SER A 4 -15.30 5.19 16.60
C SER A 4 -16.52 5.71 17.33
N SER A 5 -16.63 7.03 17.43
CA SER A 5 -17.76 7.65 18.12
C SER A 5 -19.08 7.27 17.43
N SER A 6 -19.10 7.31 16.10
CA SER A 6 -20.31 6.96 15.37
C SER A 6 -20.01 6.21 14.07
N MET A 7 -19.16 6.82 13.23
CA MET A 7 -18.81 6.21 11.95
C MET A 7 -17.91 4.99 12.13
N SER A 8 -17.99 4.06 11.18
CA SER A 8 -17.18 2.85 11.25
C SER A 8 -16.72 2.41 9.86
N ALA A 9 -15.67 1.61 9.81
CA ALA A 9 -15.15 1.13 8.53
C ALA A 9 -16.18 0.29 7.79
N THR A 10 -16.92 -0.52 8.54
CA THR A 10 -17.94 -1.37 7.93
C THR A 10 -19.06 -0.51 7.35
N GLU A 11 -19.28 0.66 7.93
CA GLU A 11 -20.32 1.56 7.45
C GLU A 11 -20.02 1.98 6.02
N LEU A 12 -18.77 2.33 5.76
CA LEU A 12 -18.36 2.74 4.42
C LEU A 12 -18.51 1.59 3.44
N SER A 13 -18.16 0.39 3.91
CA SER A 13 -18.25 -0.80 3.07
C SER A 13 -19.69 -1.08 2.65
N ALA A 14 -20.63 -0.81 3.56
CA ALA A 14 -22.04 -1.04 3.27
C ALA A 14 -22.50 -0.20 2.09
N CYS A 15 -22.05 1.04 2.04
CA CYS A 15 -22.41 1.94 0.95
C CYS A 15 -21.21 2.16 0.04
N LYS A 16 -20.20 2.84 0.58
CA LYS A 16 -18.98 3.10 -0.17
C LYS A 16 -19.12 4.36 -1.02
N CYS A 17 -18.32 5.37 -0.71
CA CYS A 17 -18.34 6.62 -1.45
C CYS A 17 -16.94 6.97 -1.93
N HIS A 18 -16.87 7.88 -2.89
CA HIS A 18 -15.58 8.30 -3.43
C HIS A 18 -15.11 9.55 -2.69
N GLN A 19 -16.08 10.36 -2.26
CA GLN A 19 -15.80 11.61 -1.56
C GLN A 19 -15.40 11.37 -0.10
N TRP A 20 -15.55 10.14 0.38
CA TRP A 20 -15.25 9.86 1.78
C TRP A 20 -13.94 10.55 2.18
N TYR A 21 -12.90 10.37 1.39
CA TYR A 21 -11.62 10.98 1.73
C TYR A 21 -11.73 12.50 1.79
N ALA A 22 -12.60 13.07 0.96
CA ALA A 22 -12.77 14.52 0.96
C ALA A 22 -13.27 14.98 2.33
N LYS A 23 -14.19 14.22 2.89
CA LYS A 23 -14.72 14.52 4.22
C LYS A 23 -13.58 14.39 5.22
N PHE A 24 -12.73 13.41 4.98
CA PHE A 24 -11.60 13.16 5.85
C PHE A 24 -10.71 14.41 5.88
N MET A 25 -10.14 14.76 4.73
CA MET A 25 -9.25 15.91 4.67
C MET A 25 -9.94 17.19 5.14
N THR A 26 -11.25 17.28 4.94
CA THR A 26 -11.96 18.48 5.35
C THR A 26 -12.26 18.47 6.86
N GLU A 27 -12.59 17.30 7.39
CA GLU A 27 -12.90 17.19 8.82
C GLU A 27 -11.68 17.54 9.65
N CYS A 28 -10.51 17.10 9.22
CA CYS A 28 -9.27 17.38 9.95
C CYS A 28 -8.56 18.61 9.39
N PRO A 29 -8.39 19.61 10.21
CA PRO A 29 -7.71 20.88 9.81
C PRO A 29 -6.27 20.64 9.34
N SER A 30 -5.83 21.43 8.37
CA SER A 30 -4.48 21.29 7.85
C SER A 30 -4.30 19.95 7.14
N GLY A 31 -3.29 19.20 7.55
CA GLY A 31 -3.03 17.90 6.93
C GLY A 31 -1.91 17.16 7.67
N GLN A 32 -1.54 16.01 7.13
CA GLN A 32 -0.48 15.20 7.74
C GLN A 32 -0.94 14.64 9.08
N LEU A 33 -0.97 13.31 9.17
CA LEU A 33 -1.39 12.65 10.40
C LEU A 33 -0.29 11.75 10.91
N THR A 34 -0.04 11.81 12.21
CA THR A 34 0.98 10.98 12.83
C THR A 34 0.43 9.58 13.09
N PHE A 35 1.28 8.69 13.58
CA PHE A 35 0.84 7.32 13.84
C PHE A 35 -0.42 7.34 14.70
N TYR A 36 -0.42 8.13 15.77
CA TYR A 36 -1.57 8.20 16.65
C TYR A 36 -2.78 8.74 15.91
N GLU A 37 -2.57 9.74 15.06
CA GLU A 37 -3.68 10.33 14.31
C GLU A 37 -4.28 9.28 13.39
N PHE A 38 -3.41 8.50 12.75
CA PHE A 38 -3.86 7.44 11.85
C PHE A 38 -4.58 6.37 12.66
N LYS A 39 -4.06 6.14 13.86
CA LYS A 39 -4.61 5.12 14.74
C LYS A 39 -6.08 5.40 15.05
N LYS A 40 -6.41 6.62 15.44
CA LYS A 40 -7.79 6.97 15.73
C LYS A 40 -8.60 7.03 14.44
N PHE A 41 -7.99 7.61 13.42
CA PHE A 41 -8.63 7.76 12.11
C PHE A 41 -8.78 6.41 11.42
N PHE A 42 -7.81 5.52 11.68
CA PHE A 42 -7.85 4.19 11.07
C PHE A 42 -7.68 3.11 12.15
N GLY A 43 -8.39 2.01 11.99
CA GLY A 43 -8.29 0.92 12.95
C GLY A 43 -7.49 -0.25 12.37
N LEU A 44 -6.57 -0.78 13.18
CA LEU A 44 -5.74 -1.89 12.74
C LEU A 44 -5.07 -2.56 13.92
N LYS A 45 -5.15 -3.89 13.97
CA LYS A 45 -4.53 -4.64 15.05
C LYS A 45 -4.30 -6.10 14.62
N ASN A 46 -3.27 -6.72 15.18
CA ASN A 46 -2.93 -8.11 14.87
C ASN A 46 -2.01 -8.67 15.94
N LEU A 47 -1.33 -9.77 15.63
CA LEU A 47 -0.40 -10.36 16.59
C LEU A 47 0.71 -9.37 16.90
N SER A 48 1.40 -9.57 17.99
CA SER A 48 2.47 -8.64 18.35
C SER A 48 3.46 -8.50 17.21
N GLU A 49 4.16 -9.58 16.88
CA GLU A 49 5.14 -9.54 15.81
C GLU A 49 4.50 -9.18 14.47
N LYS A 50 3.36 -9.79 14.16
CA LYS A 50 2.69 -9.49 12.90
C LYS A 50 2.26 -8.03 12.91
N SER A 51 1.57 -7.63 13.97
CA SER A 51 1.09 -6.26 14.07
C SER A 51 2.23 -5.26 13.86
N ASN A 52 3.42 -5.59 14.32
CA ASN A 52 4.55 -4.69 14.12
C ASN A 52 4.80 -4.51 12.63
N ALA A 53 4.68 -5.60 11.89
CA ALA A 53 4.89 -5.55 10.44
C ALA A 53 3.68 -4.91 9.74
N TYR A 54 2.54 -4.92 10.42
CA TYR A 54 1.33 -4.32 9.87
C TYR A 54 1.31 -2.82 10.14
N VAL A 55 2.14 -2.40 11.08
CA VAL A 55 2.25 -0.99 11.39
C VAL A 55 3.29 -0.38 10.48
N ASN A 56 4.48 -0.94 10.52
CA ASN A 56 5.55 -0.46 9.70
C ASN A 56 5.23 -0.65 8.22
N THR A 57 4.62 -1.80 7.88
CA THR A 57 4.29 -2.06 6.49
C THR A 57 3.19 -1.13 6.00
N MET A 58 2.13 -0.96 6.80
CA MET A 58 1.04 -0.10 6.38
C MET A 58 1.46 1.37 6.39
N PHE A 59 2.17 1.78 7.45
CA PHE A 59 2.62 3.15 7.54
C PHE A 59 3.70 3.41 6.50
N LYS A 60 4.58 2.43 6.33
CA LYS A 60 5.67 2.55 5.36
C LYS A 60 5.12 2.69 3.95
N THR A 61 4.07 1.94 3.65
CA THR A 61 3.48 1.97 2.32
C THR A 61 3.03 3.38 1.97
N PHE A 62 2.35 4.05 2.89
CA PHE A 62 1.90 5.41 2.62
C PHE A 62 2.80 6.43 3.30
N ASP A 63 3.75 5.93 4.10
CA ASP A 63 4.68 6.80 4.82
C ASP A 63 5.08 7.99 3.95
N ILE A 64 5.08 7.79 2.63
CA ILE A 64 5.45 8.85 1.71
C ILE A 64 5.23 10.21 2.35
N ASP A 65 6.25 10.70 3.04
CA ASP A 65 6.16 11.99 3.72
C ASP A 65 7.54 12.55 3.99
N ASP A 66 7.59 13.76 4.54
CA ASP A 66 8.86 14.40 4.86
C ASP A 66 8.84 14.93 6.29
N ASP A 67 7.84 14.51 7.06
CA ASP A 67 7.72 14.97 8.44
C ASP A 67 7.46 13.81 9.40
N GLY A 68 7.71 12.58 8.93
CA GLY A 68 7.51 11.41 9.77
C GLY A 68 6.02 11.15 10.03
N CYS A 69 5.18 11.55 9.09
CA CYS A 69 3.74 11.36 9.23
C CYS A 69 3.09 11.14 7.86
N ILE A 70 1.88 10.59 7.86
CA ILE A 70 1.17 10.34 6.61
C ILE A 70 0.32 11.53 6.20
N ASP A 71 0.61 12.10 5.04
CA ASP A 71 -0.15 13.24 4.54
C ASP A 71 -1.38 12.76 3.78
N PHE A 72 -2.15 13.71 3.25
CA PHE A 72 -3.35 13.36 2.50
C PHE A 72 -2.99 12.34 1.42
N MET A 73 -3.89 12.17 0.45
CA MET A 73 -3.64 11.22 -0.63
C MET A 73 -3.70 9.78 -0.11
N GLU A 74 -3.75 9.63 1.22
CA GLU A 74 -3.77 8.30 1.82
C GLU A 74 -5.08 7.55 1.57
N TYR A 75 -6.10 7.81 2.38
CA TYR A 75 -7.36 7.12 2.22
C TYR A 75 -7.93 7.39 0.83
N VAL A 76 -7.86 8.64 0.39
CA VAL A 76 -8.37 8.99 -0.93
C VAL A 76 -7.71 8.12 -2.00
N ALA A 77 -6.41 7.87 -1.84
CA ALA A 77 -5.68 7.03 -2.80
C ALA A 77 -6.25 5.62 -2.78
N ALA A 78 -6.63 5.17 -1.59
CA ALA A 78 -7.19 3.84 -1.44
C ALA A 78 -8.49 3.72 -2.21
N LEU A 79 -9.29 4.78 -2.20
CA LEU A 79 -10.55 4.79 -2.92
C LEU A 79 -10.31 4.67 -4.43
N SER A 80 -9.54 5.61 -4.96
CA SER A 80 -9.26 5.65 -6.40
C SER A 80 -8.42 4.46 -6.87
N LEU A 81 -7.84 3.71 -5.93
CA LEU A 81 -7.03 2.56 -6.32
C LEU A 81 -7.86 1.58 -7.15
N VAL A 82 -9.11 1.40 -6.74
CA VAL A 82 -10.01 0.49 -7.45
C VAL A 82 -11.06 1.25 -8.24
N LEU A 83 -11.49 2.39 -7.71
CA LEU A 83 -12.53 3.17 -8.37
C LEU A 83 -12.17 3.44 -9.83
N LYS A 84 -11.39 4.49 -10.08
CA LYS A 84 -11.00 4.82 -11.44
C LYS A 84 -10.23 6.13 -11.49
N GLY A 85 -9.43 6.40 -10.46
CA GLY A 85 -8.66 7.63 -10.42
C GLY A 85 -7.70 7.68 -11.60
N GLY A 86 -7.07 6.56 -11.89
CA GLY A 86 -6.13 6.47 -13.00
C GLY A 86 -5.21 5.27 -12.83
N VAL A 87 -4.36 5.03 -13.82
CA VAL A 87 -3.43 3.91 -13.77
C VAL A 87 -2.20 4.27 -12.94
N GLN A 88 -1.98 5.57 -12.78
CA GLN A 88 -0.82 6.03 -12.03
C GLN A 88 -0.93 5.67 -10.55
N GLN A 89 -2.16 5.69 -10.03
CA GLN A 89 -2.37 5.38 -8.62
C GLN A 89 -1.97 3.94 -8.31
N LYS A 90 -2.37 3.01 -9.18
CA LYS A 90 -2.02 1.61 -8.97
C LYS A 90 -0.54 1.41 -9.20
N LEU A 91 0.05 2.29 -10.00
CA LEU A 91 1.48 2.19 -10.28
C LEU A 91 2.24 2.44 -8.98
N ARG A 92 1.86 3.49 -8.26
CA ARG A 92 2.53 3.79 -7.00
C ARG A 92 2.40 2.57 -6.10
N TRP A 93 1.17 2.19 -5.76
CA TRP A 93 0.96 1.03 -4.90
C TRP A 93 1.71 -0.17 -5.43
N TYR A 94 2.10 -0.09 -6.68
CA TYR A 94 2.87 -1.15 -7.26
C TYR A 94 4.31 -0.97 -6.82
N PHE A 95 4.90 0.11 -7.31
CA PHE A 95 6.29 0.44 -7.00
C PHE A 95 6.51 0.36 -5.50
N LYS A 96 5.53 0.80 -4.73
CA LYS A 96 5.63 0.73 -3.27
C LYS A 96 5.78 -0.71 -2.82
N LEU A 97 4.92 -1.58 -3.35
CA LEU A 97 4.97 -2.98 -3.00
C LEU A 97 6.36 -3.55 -3.29
N PHE A 98 6.96 -3.06 -4.37
CA PHE A 98 8.28 -3.52 -4.76
C PHE A 98 9.30 -2.39 -4.61
N ASP A 99 10.11 -2.46 -3.55
CA ASP A 99 11.10 -1.43 -3.31
C ASP A 99 10.47 -0.15 -2.79
N MET A 100 11.30 0.77 -2.33
CA MET A 100 10.80 2.04 -1.81
C MET A 100 10.04 2.78 -2.91
N ASP A 101 9.17 3.70 -2.50
CA ASP A 101 8.39 4.46 -3.48
C ASP A 101 9.30 5.03 -4.56
N GLY A 102 8.76 5.92 -5.39
CA GLY A 102 9.54 6.50 -6.48
C GLY A 102 10.65 7.43 -5.97
N SER A 103 11.44 6.94 -5.01
CA SER A 103 12.53 7.74 -4.46
C SER A 103 13.82 7.47 -5.24
N GLY A 104 13.79 6.48 -6.12
CA GLY A 104 14.97 6.14 -6.92
C GLY A 104 14.82 4.75 -7.55
N CYS A 105 15.95 4.17 -7.96
CA CYS A 105 15.94 2.85 -8.58
C CYS A 105 15.60 1.78 -7.56
N ILE A 106 15.38 0.55 -8.04
CA ILE A 106 15.03 -0.55 -7.16
C ILE A 106 16.01 -1.70 -7.35
N ASP A 107 16.09 -2.58 -6.36
CA ASP A 107 16.98 -3.73 -6.46
C ASP A 107 16.48 -4.86 -5.57
N LYS A 108 17.04 -6.05 -5.75
CA LYS A 108 16.62 -7.19 -4.95
C LYS A 108 16.93 -6.98 -3.47
N ASP A 109 18.05 -6.32 -3.19
CA ASP A 109 18.43 -6.09 -1.79
C ASP A 109 17.40 -5.21 -1.08
N GLU A 110 16.97 -4.15 -1.75
CA GLU A 110 15.99 -3.24 -1.17
C GLU A 110 14.56 -3.69 -1.50
N LEU A 111 14.30 -3.90 -2.78
CA LEU A 111 12.97 -4.30 -3.23
C LEU A 111 12.41 -5.49 -2.46
N LEU A 112 13.28 -6.39 -2.06
CA LEU A 112 12.82 -7.55 -1.30
C LEU A 112 12.35 -7.13 0.08
N LEU A 113 13.10 -6.24 0.72
CA LEU A 113 12.73 -5.78 2.05
C LEU A 113 11.37 -5.09 2.01
N ILE A 114 11.18 -4.25 1.01
CA ILE A 114 9.91 -3.55 0.88
C ILE A 114 8.80 -4.57 0.61
N PHE A 115 8.92 -5.29 -0.51
CA PHE A 115 7.90 -6.27 -0.87
C PHE A 115 7.65 -7.21 0.30
N LYS A 116 8.72 -7.58 1.00
CA LYS A 116 8.58 -8.49 2.13
C LYS A 116 7.59 -7.93 3.15
N ALA A 117 7.67 -6.63 3.42
CA ALA A 117 6.76 -6.01 4.38
C ALA A 117 5.31 -6.19 3.94
N VAL A 118 5.02 -5.84 2.68
CA VAL A 118 3.67 -5.99 2.18
C VAL A 118 3.34 -7.47 2.21
N GLN A 119 4.37 -8.29 2.04
CA GLN A 119 4.21 -9.74 2.08
C GLN A 119 3.90 -10.17 3.51
N ALA A 120 4.56 -9.50 4.46
CA ALA A 120 4.37 -9.81 5.87
C ALA A 120 2.94 -9.48 6.31
N ILE A 121 2.21 -8.81 5.44
CA ILE A 121 0.83 -8.43 5.75
C ILE A 121 -0.09 -9.65 5.79
N ASN A 122 0.49 -10.86 5.68
CA ASN A 122 -0.31 -12.08 5.71
C ASN A 122 -0.29 -12.73 7.10
N GLY A 123 -1.35 -12.53 7.87
CA GLY A 123 -1.43 -13.12 9.21
C GLY A 123 -1.42 -14.64 9.15
N ALA A 124 -2.24 -15.19 8.25
CA ALA A 124 -2.31 -16.63 8.07
C ALA A 124 -1.37 -17.03 6.95
N GLU A 125 -0.92 -18.28 6.94
CA GLU A 125 -0.02 -18.69 5.88
C GLU A 125 -0.71 -18.58 4.53
N PRO A 126 -0.21 -17.73 3.67
CA PRO A 126 -0.78 -17.50 2.32
C PRO A 126 -0.44 -18.64 1.36
N GLU A 127 -1.25 -18.81 0.32
CA GLU A 127 -0.98 -19.85 -0.65
C GLU A 127 0.38 -19.59 -1.29
N ILE A 128 0.62 -18.34 -1.66
CA ILE A 128 1.89 -17.94 -2.25
C ILE A 128 2.24 -16.51 -1.85
N SER A 129 3.21 -16.36 -0.95
CA SER A 129 3.62 -15.03 -0.49
C SER A 129 4.18 -14.21 -1.67
N ALA A 130 4.24 -12.91 -1.47
CA ALA A 130 4.74 -12.00 -2.50
C ALA A 130 6.26 -12.06 -2.60
N GLU A 131 6.91 -12.64 -1.60
CA GLU A 131 8.37 -12.70 -1.59
C GLU A 131 8.92 -13.44 -2.83
N ASP A 132 8.40 -14.63 -3.10
CA ASP A 132 8.88 -15.39 -4.25
C ASP A 132 8.56 -14.65 -5.54
N LEU A 133 7.57 -13.78 -5.48
CA LEU A 133 7.20 -12.99 -6.65
C LEU A 133 8.33 -12.03 -6.99
N ALA A 134 8.80 -11.31 -5.97
CA ALA A 134 9.86 -10.33 -6.17
C ALA A 134 11.10 -10.98 -6.78
N ASP A 135 11.45 -12.17 -6.31
CA ASP A 135 12.62 -12.84 -6.86
C ASP A 135 12.38 -13.16 -8.33
N ILE A 136 11.18 -13.66 -8.63
CA ILE A 136 10.82 -14.00 -9.99
C ILE A 136 10.83 -12.78 -10.90
N VAL A 137 10.28 -11.66 -10.42
CA VAL A 137 10.22 -10.45 -11.23
C VAL A 137 11.60 -9.95 -11.62
N PHE A 138 12.60 -10.13 -10.73
CA PHE A 138 13.94 -9.68 -11.04
C PHE A 138 14.51 -10.46 -12.23
N ASN A 139 14.29 -11.76 -12.23
CA ASN A 139 14.78 -12.62 -13.30
C ASN A 139 14.07 -12.28 -14.61
N LYS A 140 12.78 -12.00 -14.53
CA LYS A 140 11.98 -11.69 -15.71
C LYS A 140 12.47 -10.43 -16.41
N ILE A 141 12.85 -9.41 -15.63
CA ILE A 141 13.32 -8.16 -16.23
C ILE A 141 14.73 -7.81 -15.75
N ASP A 142 15.72 -8.44 -16.35
CA ASP A 142 17.11 -8.18 -16.01
C ASP A 142 17.76 -7.33 -17.09
N VAL A 143 17.14 -6.18 -17.39
CA VAL A 143 17.66 -5.30 -18.43
C VAL A 143 19.06 -4.80 -18.09
N ASN A 144 19.25 -4.36 -16.84
CA ASN A 144 20.55 -3.86 -16.42
C ASN A 144 21.55 -5.00 -16.30
N GLY A 145 21.05 -6.21 -16.08
CA GLY A 145 21.91 -7.38 -15.94
C GLY A 145 22.62 -7.37 -14.60
N ASP A 146 22.18 -6.49 -13.71
CA ASP A 146 22.78 -6.38 -12.38
C ASP A 146 21.74 -6.59 -11.29
N GLY A 147 20.52 -6.92 -11.70
CA GLY A 147 19.44 -7.14 -10.75
C GLY A 147 18.81 -5.81 -10.30
N GLU A 148 19.30 -4.72 -10.87
CA GLU A 148 18.78 -3.39 -10.53
C GLU A 148 17.73 -2.96 -11.55
N LEU A 149 16.59 -2.49 -11.06
CA LEU A 149 15.51 -2.06 -11.95
C LEU A 149 15.27 -0.56 -11.84
N SER A 150 15.30 0.11 -12.98
CA SER A 150 15.07 1.55 -13.01
C SER A 150 13.57 1.85 -12.92
N LEU A 151 13.25 3.07 -12.53
CA LEU A 151 11.85 3.46 -12.36
C LEU A 151 11.03 3.32 -13.65
N GLU A 152 11.58 3.74 -14.79
CA GLU A 152 10.82 3.64 -16.03
C GLU A 152 10.54 2.18 -16.36
N GLU A 153 11.59 1.35 -16.37
CA GLU A 153 11.41 -0.06 -16.68
C GLU A 153 10.44 -0.72 -15.71
N PHE A 154 10.47 -0.33 -14.44
CA PHE A 154 9.55 -0.92 -13.48
C PHE A 154 8.12 -0.69 -13.96
N MET A 155 7.82 0.56 -14.32
CA MET A 155 6.49 0.90 -14.78
C MET A 155 6.07 -0.09 -15.87
N GLU A 156 6.96 -0.30 -16.84
CA GLU A 156 6.66 -1.26 -17.90
C GLU A 156 6.46 -2.63 -17.28
N GLY A 157 7.07 -2.83 -16.12
CA GLY A 157 6.96 -4.09 -15.41
C GLY A 157 5.49 -4.37 -15.06
N ILE A 158 4.78 -3.33 -14.60
CA ILE A 158 3.37 -3.48 -14.28
C ILE A 158 2.59 -3.84 -15.53
N SER A 159 2.87 -3.15 -16.63
CA SER A 159 2.17 -3.44 -17.88
C SER A 159 2.48 -4.88 -18.31
N ALA A 160 3.76 -5.24 -18.25
CA ALA A 160 4.22 -6.57 -18.63
C ALA A 160 3.08 -7.39 -19.23
N ASP A 161 2.58 -8.35 -18.47
CA ASP A 161 1.48 -9.18 -18.92
C ASP A 161 0.16 -8.58 -18.46
N GLU A 162 0.27 -7.40 -17.85
CA GLU A 162 -0.90 -6.67 -17.37
C GLU A 162 -1.61 -7.42 -16.24
N LYS A 163 -1.88 -8.70 -16.44
CA LYS A 163 -2.58 -9.49 -15.44
C LYS A 163 -2.00 -9.25 -14.05
N ILE A 164 -0.67 -9.17 -13.96
CA ILE A 164 -0.05 -8.92 -12.67
C ILE A 164 -0.50 -7.57 -12.15
N SER A 165 -0.39 -6.54 -13.00
CA SER A 165 -0.75 -5.19 -12.60
C SER A 165 -2.18 -5.16 -12.05
N GLU A 166 -3.12 -5.83 -12.73
CA GLU A 166 -4.49 -5.84 -12.25
C GLU A 166 -4.58 -6.49 -10.87
N MET A 167 -3.80 -7.54 -10.67
CA MET A 167 -3.82 -8.23 -9.38
C MET A 167 -3.40 -7.29 -8.26
N LEU A 168 -2.33 -6.53 -8.49
CA LEU A 168 -1.86 -5.59 -7.48
C LEU A 168 -2.91 -4.51 -7.23
N THR A 169 -3.49 -4.00 -8.32
CA THR A 169 -4.50 -2.96 -8.23
C THR A 169 -5.74 -3.49 -7.50
N GLN A 170 -6.18 -4.69 -7.87
CA GLN A 170 -7.35 -5.30 -7.26
C GLN A 170 -7.04 -5.72 -5.82
N SER A 171 -5.76 -5.77 -5.49
CA SER A 171 -5.35 -6.15 -4.14
C SER A 171 -5.93 -5.16 -3.13
N LEU A 172 -5.79 -3.87 -3.44
CA LEU A 172 -6.29 -2.83 -2.56
C LEU A 172 -7.68 -2.36 -2.99
N ASP A 173 -8.71 -2.80 -2.26
CA ASP A 173 -10.07 -2.39 -2.57
C ASP A 173 -10.50 -1.23 -1.69
N LEU A 174 -10.61 -1.48 -0.39
CA LEU A 174 -11.00 -0.44 0.55
C LEU A 174 -11.30 -1.04 1.92
N THR A 175 -12.59 -1.10 2.27
CA THR A 175 -12.97 -1.66 3.56
C THR A 175 -12.49 -3.09 3.62
N ARG A 176 -12.34 -3.70 2.46
CA ARG A 176 -11.84 -5.06 2.39
C ARG A 176 -10.39 -5.07 2.86
N ILE A 177 -9.63 -4.06 2.42
CA ILE A 177 -8.23 -3.94 2.80
C ILE A 177 -8.09 -3.57 4.27
N VAL A 178 -8.91 -2.63 4.70
CA VAL A 178 -8.87 -2.19 6.09
C VAL A 178 -9.31 -3.31 7.02
N SER A 179 -10.30 -4.08 6.58
CA SER A 179 -10.80 -5.19 7.39
C SER A 179 -9.72 -6.24 7.58
N ASN A 180 -8.98 -6.52 6.50
CA ASN A 180 -7.91 -7.51 6.56
C ASN A 180 -6.84 -7.08 7.56
N ILE A 181 -6.49 -5.80 7.52
CA ILE A 181 -5.46 -5.27 8.42
C ILE A 181 -5.91 -5.39 9.87
N TYR A 182 -7.17 -5.04 10.13
CA TYR A 182 -7.70 -5.11 11.50
C TYR A 182 -7.64 -6.54 12.03
N ASN A 183 -8.12 -7.49 11.24
CA ASN A 183 -8.12 -8.89 11.65
C ASN A 183 -6.77 -9.27 12.28
N GLY A 2 -12.97 0.70 9.79
CA GLY A 2 -13.30 -0.17 10.90
C GLY A 2 -13.88 0.63 12.07
N ASP A 3 -14.91 0.07 12.71
CA ASP A 3 -15.55 0.74 13.83
C ASP A 3 -15.93 2.16 13.45
N SER A 4 -16.30 2.35 12.18
CA SER A 4 -16.69 3.67 11.71
C SER A 4 -18.05 4.07 12.26
N SER A 5 -18.30 5.37 12.30
CA SER A 5 -19.57 5.88 12.79
C SER A 5 -20.63 5.82 11.71
N SER A 6 -21.89 5.99 12.10
CA SER A 6 -22.98 5.97 11.13
C SER A 6 -23.06 4.62 10.41
N MET A 7 -22.53 4.59 9.18
CA MET A 7 -22.56 3.37 8.39
C MET A 7 -21.26 2.59 8.50
N SER A 8 -21.38 1.26 8.39
CA SER A 8 -20.22 0.38 8.47
C SER A 8 -19.27 0.62 7.29
N ALA A 9 -17.99 0.31 7.49
CA ALA A 9 -17.01 0.51 6.44
C ALA A 9 -17.36 -0.29 5.20
N THR A 10 -17.84 -1.51 5.39
CA THR A 10 -18.23 -2.34 4.26
C THR A 10 -19.43 -1.72 3.56
N GLU A 11 -20.34 -1.16 4.36
CA GLU A 11 -21.51 -0.50 3.81
C GLU A 11 -21.08 0.69 2.98
N LEU A 12 -20.09 1.43 3.50
CA LEU A 12 -19.57 2.59 2.80
C LEU A 12 -18.96 2.17 1.47
N SER A 13 -18.26 1.04 1.47
CA SER A 13 -17.62 0.54 0.26
C SER A 13 -18.68 0.20 -0.79
N ALA A 14 -19.89 -0.09 -0.33
CA ALA A 14 -20.98 -0.43 -1.24
C ALA A 14 -21.27 0.76 -2.17
N CYS A 15 -21.19 1.97 -1.62
CA CYS A 15 -21.42 3.17 -2.40
C CYS A 15 -20.10 3.91 -2.55
N LYS A 16 -19.13 3.43 -1.79
CA LYS A 16 -17.77 3.98 -1.82
C LYS A 16 -17.73 5.34 -2.51
N CYS A 17 -17.53 6.39 -1.72
CA CYS A 17 -17.45 7.74 -2.26
C CYS A 17 -16.12 8.39 -1.92
N HIS A 18 -15.10 8.09 -2.73
CA HIS A 18 -13.74 8.59 -2.51
C HIS A 18 -13.67 9.98 -1.87
N GLN A 19 -14.76 10.73 -1.88
CA GLN A 19 -14.77 12.04 -1.25
C GLN A 19 -14.55 11.89 0.25
N TRP A 20 -14.77 10.67 0.74
CA TRP A 20 -14.66 10.39 2.17
C TRP A 20 -13.36 10.94 2.76
N TYR A 21 -12.22 10.67 2.14
CA TYR A 21 -10.97 11.18 2.70
C TYR A 21 -11.01 12.69 2.79
N ALA A 22 -11.74 13.33 1.88
CA ALA A 22 -11.86 14.77 1.91
C ALA A 22 -12.47 15.19 3.24
N LYS A 23 -13.45 14.42 3.70
CA LYS A 23 -14.10 14.70 4.96
C LYS A 23 -13.10 14.48 6.10
N PHE A 24 -12.12 13.62 5.82
CA PHE A 24 -11.07 13.33 6.80
C PHE A 24 -10.23 14.57 7.04
N MET A 25 -9.51 15.00 6.02
CA MET A 25 -8.66 16.16 6.14
C MET A 25 -9.50 17.39 6.48
N THR A 26 -10.76 17.37 6.04
CA THR A 26 -11.66 18.48 6.31
C THR A 26 -11.89 18.57 7.82
N GLU A 27 -12.03 17.41 8.45
CA GLU A 27 -12.22 17.35 9.89
C GLU A 27 -10.87 17.14 10.58
N CYS A 28 -10.73 17.63 11.80
CA CYS A 28 -9.46 17.49 12.51
C CYS A 28 -8.32 17.95 11.61
N PRO A 29 -8.37 19.19 11.19
CA PRO A 29 -7.34 19.81 10.29
C PRO A 29 -5.93 19.72 10.86
N SER A 30 -5.83 19.54 12.17
CA SER A 30 -4.53 19.45 12.81
C SER A 30 -3.55 18.73 11.89
N GLY A 31 -4.02 17.64 11.29
CA GLY A 31 -3.18 16.88 10.37
C GLY A 31 -2.14 16.06 11.12
N GLN A 32 -1.18 15.51 10.36
CA GLN A 32 -0.12 14.70 10.95
C GLN A 32 -0.71 13.65 11.89
N LEU A 33 -0.49 12.38 11.58
CA LEU A 33 -1.01 11.31 12.41
C LEU A 33 0.11 10.41 12.92
N THR A 34 0.28 10.36 14.23
CA THR A 34 1.30 9.51 14.82
C THR A 34 0.82 8.07 14.79
N PHE A 35 1.61 7.14 15.33
CA PHE A 35 1.19 5.75 15.31
C PHE A 35 -0.10 5.56 16.09
N TYR A 36 -0.20 6.15 17.27
CA TYR A 36 -1.40 6.01 18.08
C TYR A 36 -2.55 6.79 17.46
N GLU A 37 -2.26 8.01 17.01
CA GLU A 37 -3.28 8.84 16.37
C GLU A 37 -3.66 8.23 15.04
N PHE A 38 -2.66 7.70 14.34
CA PHE A 38 -2.90 7.08 13.06
C PHE A 38 -3.80 5.87 13.24
N LYS A 39 -3.40 4.98 14.15
CA LYS A 39 -4.15 3.77 14.39
C LYS A 39 -5.61 4.07 14.72
N LYS A 40 -5.87 5.13 15.48
CA LYS A 40 -7.24 5.47 15.80
C LYS A 40 -7.96 5.98 14.56
N PHE A 41 -7.34 6.94 13.89
CA PHE A 41 -7.93 7.53 12.69
C PHE A 41 -8.12 6.48 11.59
N PHE A 42 -7.16 5.57 11.47
CA PHE A 42 -7.24 4.54 10.44
C PHE A 42 -7.76 3.22 11.01
N GLY A 43 -8.16 3.22 12.28
CA GLY A 43 -8.68 2.00 12.90
C GLY A 43 -8.57 2.06 14.42
N LEU A 44 -8.45 0.89 15.04
CA LEU A 44 -8.34 0.81 16.48
C LEU A 44 -7.03 0.11 16.88
N LYS A 45 -6.57 0.38 18.10
CA LYS A 45 -5.33 -0.23 18.58
C LYS A 45 -5.31 -1.73 18.32
N ASN A 46 -4.11 -2.26 18.13
CA ASN A 46 -3.96 -3.69 17.87
C ASN A 46 -2.61 -4.19 18.39
N LEU A 47 -2.51 -5.50 18.64
CA LEU A 47 -1.28 -6.07 19.15
C LEU A 47 -1.01 -7.42 18.49
N SER A 48 0.01 -8.12 19.01
CA SER A 48 0.39 -9.43 18.48
C SER A 48 1.55 -9.29 17.49
N GLU A 49 2.04 -10.42 16.97
CA GLU A 49 3.14 -10.38 16.01
C GLU A 49 2.72 -9.68 14.73
N LYS A 50 1.53 -10.02 14.24
CA LYS A 50 1.06 -9.40 13.01
C LYS A 50 0.96 -7.90 13.19
N SER A 51 0.31 -7.47 14.27
CA SER A 51 0.13 -6.05 14.52
C SER A 51 1.46 -5.31 14.42
N ASN A 52 2.56 -5.99 14.72
CA ASN A 52 3.87 -5.36 14.62
C ASN A 52 4.23 -5.12 13.16
N ALA A 53 3.98 -6.12 12.33
CA ALA A 53 4.27 -6.02 10.89
C ALA A 53 3.17 -5.26 10.17
N TYR A 54 2.03 -5.14 10.83
CA TYR A 54 0.89 -4.42 10.26
C TYR A 54 0.99 -2.94 10.57
N VAL A 55 1.79 -2.60 11.58
CA VAL A 55 1.99 -1.20 11.91
C VAL A 55 3.14 -0.66 11.09
N ASN A 56 4.26 -1.36 11.15
CA ASN A 56 5.43 -0.95 10.39
C ASN A 56 5.16 -1.07 8.88
N THR A 57 4.45 -2.13 8.48
CA THR A 57 4.16 -2.30 7.07
C THR A 57 3.20 -1.23 6.57
N MET A 58 2.13 -0.98 7.31
CA MET A 58 1.17 0.02 6.90
C MET A 58 1.76 1.43 6.98
N PHE A 59 2.50 1.68 8.06
CA PHE A 59 3.11 2.98 8.26
C PHE A 59 4.21 3.18 7.23
N LYS A 60 4.98 2.14 6.99
CA LYS A 60 6.06 2.19 6.02
C LYS A 60 5.50 2.32 4.61
N THR A 61 4.24 1.93 4.44
CA THR A 61 3.58 2.05 3.15
C THR A 61 3.39 3.51 2.79
N PHE A 62 2.98 4.30 3.78
CA PHE A 62 2.75 5.73 3.57
C PHE A 62 3.97 6.55 4.01
N ASP A 63 4.94 5.89 4.63
CA ASP A 63 6.15 6.58 5.11
C ASP A 63 6.93 7.21 3.96
N ILE A 64 7.61 8.32 4.29
CA ILE A 64 8.43 9.08 3.35
C ILE A 64 7.87 10.48 3.16
N ASP A 65 7.09 10.93 4.14
CA ASP A 65 6.50 12.27 4.08
C ASP A 65 6.83 13.06 5.35
N ASP A 66 7.63 12.47 6.22
CA ASP A 66 8.02 13.13 7.47
C ASP A 66 8.96 12.21 8.27
N ASP A 67 9.05 12.45 9.57
CA ASP A 67 9.94 11.63 10.41
C ASP A 67 9.18 10.94 11.55
N GLY A 68 8.87 9.66 11.35
CA GLY A 68 8.20 8.86 12.38
C GLY A 68 6.69 9.11 12.43
N CYS A 69 6.20 9.96 11.54
CA CYS A 69 4.76 10.27 11.54
C CYS A 69 4.18 10.13 10.13
N ILE A 70 2.85 10.04 10.06
CA ILE A 70 2.19 9.93 8.76
C ILE A 70 1.51 11.24 8.41
N ASP A 71 1.89 11.82 7.27
CA ASP A 71 1.32 13.09 6.84
C ASP A 71 0.14 12.89 5.90
N PHE A 72 -0.60 13.96 5.66
CA PHE A 72 -1.77 13.90 4.78
C PHE A 72 -1.44 14.45 3.40
N MET A 73 -2.46 14.96 2.72
CA MET A 73 -2.28 15.53 1.38
C MET A 73 -2.48 14.47 0.31
N GLU A 74 -1.74 13.37 0.42
CA GLU A 74 -1.84 12.29 -0.56
C GLU A 74 -2.86 11.23 -0.11
N TYR A 75 -3.46 11.45 1.06
CA TYR A 75 -4.43 10.52 1.60
C TYR A 75 -5.62 10.34 0.65
N VAL A 76 -6.07 11.43 0.04
CA VAL A 76 -7.20 11.35 -0.88
C VAL A 76 -6.85 10.46 -2.07
N ALA A 77 -5.61 10.57 -2.52
CA ALA A 77 -5.13 9.77 -3.65
C ALA A 77 -5.18 8.29 -3.30
N ALA A 78 -4.85 7.98 -2.05
CA ALA A 78 -4.86 6.59 -1.59
C ALA A 78 -6.27 6.01 -1.71
N LEU A 79 -7.25 6.80 -1.32
CA LEU A 79 -8.65 6.38 -1.40
C LEU A 79 -9.06 6.23 -2.86
N SER A 80 -8.54 7.11 -3.70
CA SER A 80 -8.84 7.07 -5.13
C SER A 80 -8.44 5.72 -5.71
N LEU A 81 -7.27 5.24 -5.30
CA LEU A 81 -6.76 3.98 -5.80
C LEU A 81 -7.86 2.92 -5.85
N VAL A 82 -8.90 3.11 -5.04
CA VAL A 82 -9.99 2.15 -5.00
C VAL A 82 -11.35 2.82 -5.19
N LEU A 83 -11.35 4.08 -5.59
CA LEU A 83 -12.61 4.79 -5.82
C LEU A 83 -13.50 3.98 -6.77
N LYS A 84 -12.91 2.95 -7.38
CA LYS A 84 -13.63 2.08 -8.31
C LYS A 84 -13.32 2.47 -9.75
N GLY A 85 -12.35 1.78 -10.35
CA GLY A 85 -11.94 2.05 -11.72
C GLY A 85 -10.64 2.85 -11.75
N GLY A 86 -10.07 3.00 -12.94
CA GLY A 86 -8.83 3.75 -13.10
C GLY A 86 -7.61 2.88 -12.76
N VAL A 87 -7.36 1.87 -13.58
CA VAL A 87 -6.24 0.97 -13.38
C VAL A 87 -4.91 1.74 -13.42
N GLN A 88 -4.88 2.82 -14.18
CA GLN A 88 -3.67 3.60 -14.32
C GLN A 88 -3.20 4.15 -12.97
N GLN A 89 -4.14 4.59 -12.14
CA GLN A 89 -3.78 5.14 -10.84
C GLN A 89 -3.10 4.07 -9.98
N LYS A 90 -3.64 2.86 -9.97
CA LYS A 90 -3.05 1.77 -9.20
C LYS A 90 -1.67 1.44 -9.74
N LEU A 91 -1.45 1.81 -10.99
CA LEU A 91 -0.16 1.57 -11.62
C LEU A 91 0.90 2.46 -10.96
N ARG A 92 0.67 3.76 -11.01
CA ARG A 92 1.62 4.69 -10.44
C ARG A 92 1.89 4.38 -8.98
N TRP A 93 0.84 4.10 -8.21
CA TRP A 93 1.05 3.77 -6.81
C TRP A 93 1.96 2.56 -6.73
N TYR A 94 1.62 1.52 -7.47
CA TYR A 94 2.42 0.31 -7.43
C TYR A 94 3.89 0.70 -7.34
N PHE A 95 4.40 1.41 -8.36
CA PHE A 95 5.80 1.82 -8.36
C PHE A 95 6.13 2.72 -7.18
N LYS A 96 5.29 3.72 -6.92
CA LYS A 96 5.54 4.67 -5.84
C LYS A 96 5.65 3.93 -4.50
N LEU A 97 4.72 3.02 -4.25
CA LEU A 97 4.74 2.27 -3.01
C LEU A 97 6.04 1.47 -2.91
N PHE A 98 6.43 0.87 -4.03
CA PHE A 98 7.65 0.08 -4.07
C PHE A 98 8.86 0.98 -4.34
N ASP A 99 9.99 0.66 -3.71
CA ASP A 99 11.21 1.44 -3.90
C ASP A 99 11.30 2.56 -2.85
N MET A 100 10.67 3.70 -3.14
CA MET A 100 10.69 4.82 -2.20
C MET A 100 9.46 5.70 -2.38
N ASP A 101 9.65 6.98 -2.70
CA ASP A 101 8.54 7.89 -2.88
C ASP A 101 8.83 8.89 -4.01
N GLY A 102 8.33 8.60 -5.19
CA GLY A 102 8.52 9.48 -6.34
C GLY A 102 9.85 9.19 -7.03
N SER A 103 9.90 9.46 -8.34
CA SER A 103 11.12 9.23 -9.10
C SER A 103 11.93 8.09 -8.51
N GLY A 104 13.24 8.13 -8.69
CA GLY A 104 14.12 7.11 -8.16
C GLY A 104 14.09 5.85 -9.03
N CYS A 105 14.95 4.90 -8.71
CA CYS A 105 15.02 3.65 -9.45
C CYS A 105 15.01 2.46 -8.48
N ILE A 106 14.59 1.30 -8.98
CA ILE A 106 14.55 0.10 -8.15
C ILE A 106 15.78 -0.75 -8.42
N ASP A 107 16.50 -1.11 -7.36
CA ASP A 107 17.71 -1.91 -7.52
C ASP A 107 17.43 -3.39 -7.26
N LYS A 108 16.99 -3.71 -6.04
CA LYS A 108 16.69 -5.09 -5.69
C LYS A 108 16.61 -5.27 -4.17
N ASP A 109 17.70 -4.95 -3.46
CA ASP A 109 17.72 -5.11 -2.01
C ASP A 109 16.66 -4.26 -1.33
N GLU A 110 16.55 -2.98 -1.73
CA GLU A 110 15.55 -2.12 -1.12
C GLU A 110 14.15 -2.56 -1.54
N LEU A 111 13.99 -2.79 -2.83
CA LEU A 111 12.71 -3.23 -3.37
C LEU A 111 12.27 -4.55 -2.77
N LEU A 112 13.24 -5.38 -2.42
CA LEU A 112 12.91 -6.66 -1.81
C LEU A 112 12.36 -6.44 -0.41
N LEU A 113 13.10 -5.68 0.40
CA LEU A 113 12.68 -5.41 1.77
C LEU A 113 11.36 -4.65 1.75
N ILE A 114 11.25 -3.73 0.81
CA ILE A 114 10.02 -2.95 0.67
C ILE A 114 8.88 -3.90 0.33
N PHE A 115 9.00 -4.56 -0.81
CA PHE A 115 7.95 -5.48 -1.25
C PHE A 115 7.61 -6.46 -0.12
N LYS A 116 8.61 -6.80 0.67
CA LYS A 116 8.40 -7.74 1.77
C LYS A 116 7.35 -7.20 2.74
N ALA A 117 7.47 -5.93 3.10
CA ALA A 117 6.48 -5.34 4.00
C ALA A 117 5.11 -5.34 3.34
N VAL A 118 5.08 -4.98 2.06
CA VAL A 118 3.83 -4.96 1.33
C VAL A 118 3.22 -6.35 1.30
N GLN A 119 4.04 -7.35 1.01
CA GLN A 119 3.56 -8.73 1.00
C GLN A 119 3.31 -9.17 2.43
N ALA A 120 3.97 -8.50 3.36
CA ALA A 120 3.82 -8.81 4.78
C ALA A 120 2.41 -8.44 5.23
N ILE A 121 1.73 -7.66 4.40
CA ILE A 121 0.37 -7.22 4.72
C ILE A 121 -0.62 -8.39 4.67
N ASN A 122 -0.21 -9.49 4.04
CA ASN A 122 -1.07 -10.68 3.95
C ASN A 122 -2.34 -10.38 3.16
N GLY A 123 -2.52 -9.12 2.75
CA GLY A 123 -3.69 -8.73 1.98
C GLY A 123 -3.71 -9.50 0.66
N ALA A 124 -2.54 -9.65 0.06
CA ALA A 124 -2.43 -10.37 -1.20
C ALA A 124 -2.84 -11.83 -1.00
N GLU A 125 -3.10 -12.53 -2.09
CA GLU A 125 -3.51 -13.92 -1.99
C GLU A 125 -2.54 -14.69 -1.10
N PRO A 126 -3.05 -15.46 -0.19
CA PRO A 126 -2.22 -16.26 0.77
C PRO A 126 -1.51 -17.42 0.09
N GLU A 127 -0.40 -17.84 0.71
CA GLU A 127 0.41 -18.95 0.20
C GLU A 127 1.71 -18.44 -0.40
N ILE A 128 1.64 -17.41 -1.24
CA ILE A 128 2.83 -16.86 -1.87
C ILE A 128 2.88 -15.34 -1.76
N SER A 129 3.88 -14.85 -1.05
CA SER A 129 4.06 -13.41 -0.88
C SER A 129 4.56 -12.79 -2.18
N ALA A 130 4.64 -11.46 -2.21
CA ALA A 130 5.12 -10.77 -3.40
C ALA A 130 6.61 -11.04 -3.60
N GLU A 131 7.30 -11.33 -2.49
CA GLU A 131 8.73 -11.57 -2.54
C GLU A 131 9.10 -12.49 -3.71
N ASP A 132 8.38 -13.60 -3.82
CA ASP A 132 8.65 -14.54 -4.91
C ASP A 132 8.40 -13.86 -6.26
N LEU A 133 7.35 -13.05 -6.30
CA LEU A 133 7.02 -12.34 -7.53
C LEU A 133 8.14 -11.38 -7.89
N ALA A 134 8.56 -10.58 -6.91
CA ALA A 134 9.62 -9.60 -7.12
C ALA A 134 10.91 -10.25 -7.58
N ASP A 135 11.25 -11.40 -6.99
CA ASP A 135 12.47 -12.10 -7.38
C ASP A 135 12.33 -12.62 -8.80
N ILE A 136 11.17 -13.21 -9.09
CA ILE A 136 10.90 -13.75 -10.42
C ILE A 136 10.87 -12.62 -11.44
N VAL A 137 10.26 -11.51 -11.06
CA VAL A 137 10.14 -10.35 -11.93
C VAL A 137 11.52 -9.79 -12.32
N PHE A 138 12.43 -9.74 -11.35
CA PHE A 138 13.77 -9.21 -11.63
C PHE A 138 14.43 -9.98 -12.78
N ASN A 139 14.36 -11.30 -12.72
CA ASN A 139 14.96 -12.12 -13.76
C ASN A 139 14.31 -11.87 -15.12
N LYS A 140 12.99 -11.79 -15.14
CA LYS A 140 12.27 -11.57 -16.40
C LYS A 140 12.49 -10.16 -16.93
N ILE A 141 12.46 -9.17 -16.04
CA ILE A 141 12.64 -7.79 -16.45
C ILE A 141 14.10 -7.48 -16.75
N ASP A 142 14.98 -7.92 -15.85
CA ASP A 142 16.41 -7.67 -16.02
C ASP A 142 17.05 -8.73 -16.92
N VAL A 143 16.80 -8.62 -18.22
CA VAL A 143 17.36 -9.56 -19.18
C VAL A 143 18.73 -9.08 -19.66
N ASN A 144 19.02 -7.79 -19.44
CA ASN A 144 20.29 -7.23 -19.86
C ASN A 144 21.29 -7.24 -18.71
N GLY A 145 20.87 -7.74 -17.55
CA GLY A 145 21.75 -7.80 -16.39
C GLY A 145 22.02 -6.41 -15.84
N ASP A 146 21.11 -5.47 -16.08
CA ASP A 146 21.28 -4.11 -15.61
C ASP A 146 21.37 -4.08 -14.09
N GLY A 147 20.51 -4.86 -13.44
CA GLY A 147 20.50 -4.92 -11.97
C GLY A 147 19.67 -3.77 -11.39
N GLU A 148 19.09 -2.95 -12.26
CA GLU A 148 18.27 -1.83 -11.80
C GLU A 148 17.16 -1.55 -12.80
N LEU A 149 16.04 -1.02 -12.31
CA LEU A 149 14.91 -0.72 -13.15
C LEU A 149 14.41 0.70 -12.92
N SER A 150 14.43 1.53 -13.95
CA SER A 150 13.96 2.90 -13.83
C SER A 150 12.46 2.89 -13.50
N LEU A 151 11.85 4.07 -13.45
CA LEU A 151 10.42 4.14 -13.16
C LEU A 151 9.63 3.47 -14.27
N GLU A 152 10.03 3.76 -15.51
CA GLU A 152 9.35 3.22 -16.68
C GLU A 152 9.39 1.69 -16.67
N GLU A 153 10.49 1.12 -16.24
CA GLU A 153 10.61 -0.34 -16.21
C GLU A 153 9.57 -0.94 -15.28
N PHE A 154 9.39 -0.37 -14.10
CA PHE A 154 8.45 -0.88 -13.12
C PHE A 154 7.02 -0.87 -13.68
N MET A 155 6.66 0.21 -14.39
CA MET A 155 5.33 0.31 -14.97
C MET A 155 5.09 -0.82 -15.97
N GLU A 156 6.13 -1.17 -16.73
CA GLU A 156 6.02 -2.24 -17.70
C GLU A 156 5.71 -3.54 -16.97
N GLY A 157 6.35 -3.71 -15.82
CA GLY A 157 6.16 -4.92 -15.02
C GLY A 157 4.69 -5.09 -14.62
N ILE A 158 4.04 -3.99 -14.27
CA ILE A 158 2.63 -4.04 -13.89
C ILE A 158 1.76 -4.49 -15.07
N SER A 159 2.05 -3.96 -16.25
CA SER A 159 1.29 -4.35 -17.44
C SER A 159 1.61 -5.79 -17.85
N ALA A 160 2.88 -6.14 -17.78
CA ALA A 160 3.33 -7.48 -18.17
C ALA A 160 2.71 -8.55 -17.29
N ASP A 161 2.44 -9.71 -17.90
CA ASP A 161 1.85 -10.85 -17.19
C ASP A 161 0.40 -10.57 -16.80
N GLU A 162 0.14 -9.41 -16.23
CA GLU A 162 -1.21 -9.04 -15.82
C GLU A 162 -1.59 -9.81 -14.55
N LYS A 163 -1.42 -11.12 -14.58
CA LYS A 163 -1.80 -11.95 -13.44
C LYS A 163 -1.06 -11.53 -12.18
N ILE A 164 0.22 -11.19 -12.30
CA ILE A 164 0.95 -10.75 -11.12
C ILE A 164 0.45 -9.37 -10.72
N SER A 165 0.53 -8.43 -11.65
CA SER A 165 0.08 -7.06 -11.37
C SER A 165 -1.30 -7.09 -10.72
N GLU A 166 -2.19 -7.95 -11.24
CA GLU A 166 -3.54 -8.04 -10.69
C GLU A 166 -3.47 -8.49 -9.23
N MET A 167 -2.55 -9.41 -8.95
CA MET A 167 -2.39 -9.91 -7.59
C MET A 167 -2.07 -8.74 -6.66
N LEU A 168 -1.20 -7.85 -7.12
CA LEU A 168 -0.83 -6.67 -6.34
C LEU A 168 -2.08 -5.81 -6.12
N THR A 169 -2.93 -5.75 -7.14
CA THR A 169 -4.15 -4.97 -7.05
C THR A 169 -5.03 -5.52 -5.94
N GLN A 170 -5.11 -6.85 -5.87
CA GLN A 170 -5.91 -7.52 -4.85
C GLN A 170 -5.40 -7.16 -3.46
N SER A 171 -4.07 -7.06 -3.33
CA SER A 171 -3.50 -6.70 -2.04
C SER A 171 -3.96 -5.28 -1.68
N LEU A 172 -4.01 -4.42 -2.70
CA LEU A 172 -4.43 -3.05 -2.49
C LEU A 172 -5.89 -2.83 -2.93
N ASP A 173 -6.79 -3.70 -2.46
CA ASP A 173 -8.20 -3.55 -2.80
C ASP A 173 -8.76 -2.29 -2.13
N LEU A 174 -9.94 -2.40 -1.51
CA LEU A 174 -10.54 -1.23 -0.87
C LEU A 174 -10.91 -1.49 0.58
N THR A 175 -12.00 -2.23 0.80
CA THR A 175 -12.45 -2.52 2.15
C THR A 175 -11.38 -3.25 2.92
N ARG A 176 -10.77 -4.23 2.29
CA ARG A 176 -9.72 -4.99 2.94
C ARG A 176 -8.54 -4.08 3.25
N ILE A 177 -8.29 -3.10 2.38
CA ILE A 177 -7.17 -2.19 2.58
C ILE A 177 -7.35 -1.41 3.87
N VAL A 178 -8.55 -0.86 4.07
CA VAL A 178 -8.84 -0.10 5.29
C VAL A 178 -8.72 -1.00 6.51
N SER A 179 -9.28 -2.20 6.41
CA SER A 179 -9.24 -3.16 7.51
C SER A 179 -7.80 -3.52 7.85
N ASN A 180 -6.96 -3.66 6.83
CA ASN A 180 -5.57 -4.03 7.04
C ASN A 180 -4.85 -3.00 7.91
N ILE A 181 -5.09 -1.71 7.65
CA ILE A 181 -4.45 -0.68 8.46
C ILE A 181 -4.90 -0.79 9.91
N TYR A 182 -6.21 -0.97 10.10
CA TYR A 182 -6.79 -1.10 11.43
C TYR A 182 -5.82 -0.60 12.51
N ASN A 183 -5.01 -1.51 13.03
CA ASN A 183 -4.05 -1.16 14.07
C ASN A 183 -4.51 0.07 14.83
#